data_1URK
#
_entry.id   1URK
#
_cell.length_a   1.000
_cell.length_b   1.000
_cell.length_c   1.000
_cell.angle_alpha   90.00
_cell.angle_beta   90.00
_cell.angle_gamma   90.00
#
_symmetry.space_group_name_H-M   'P 1'
#
loop_
_entity.id
_entity.type
_entity.pdbx_description
1 polymer 'PLASMINOGEN ACTIVATOR'
2 non-polymer alpha-L-fucopyranose
#
_entity_poly.entity_id   1
_entity_poly.type   'polypeptide(L)'
_entity_poly.pdbx_seq_one_letter_code
;QVPSNCDCLNGGTCVSNKYFSNIHWCNCPKKFGGQHCEIDKSKTCYEGNGHFYRGKASTDTMGRPCLPWNSATVLQQTYH
AHRSDALQLGLGKHNYCRNPDNRRRPWCYVQVGLKPLVQECMVHDCADGK
;
_entity_poly.pdbx_strand_id   A
#
loop_
_chem_comp.id
_chem_comp.type
_chem_comp.name
_chem_comp.formula
FUC L-saccharide, alpha linking alpha-L-fucopyranose 'C6 H12 O5'
#
# COMPACT_ATOMS: atom_id res chain seq x y z
N GLN A 1 -22.19 -7.90 7.97
CA GLN A 1 -21.72 -6.76 7.15
C GLN A 1 -21.70 -5.48 7.99
N VAL A 2 -20.77 -4.61 7.75
CA VAL A 2 -20.71 -3.34 8.54
C VAL A 2 -20.25 -2.19 7.64
N PRO A 3 -21.14 -1.77 6.78
CA PRO A 3 -20.85 -0.67 5.85
C PRO A 3 -20.26 0.53 6.60
N SER A 4 -18.96 0.58 6.72
CA SER A 4 -18.32 1.72 7.45
C SER A 4 -17.33 2.42 6.51
N ASN A 5 -17.57 2.37 5.23
CA ASN A 5 -16.65 3.03 4.27
C ASN A 5 -15.22 2.60 4.56
N CYS A 6 -15.05 1.47 5.20
CA CYS A 6 -13.69 0.97 5.53
C CYS A 6 -13.78 -0.02 6.69
N ASP A 7 -12.72 -0.72 6.98
CA ASP A 7 -12.75 -1.70 8.11
C ASP A 7 -11.39 -2.36 8.26
N CYS A 8 -10.57 -1.85 9.14
CA CYS A 8 -9.22 -2.46 9.35
C CYS A 8 -9.12 -2.98 10.79
N LEU A 9 -7.92 -3.25 11.26
CA LEU A 9 -7.78 -3.75 12.65
C LEU A 9 -6.43 -3.28 13.21
N ASN A 10 -6.16 -3.60 14.46
CA ASN A 10 -4.87 -3.18 15.06
C ASN A 10 -4.73 -1.65 14.96
N GLY A 11 -5.83 -0.94 14.96
CA GLY A 11 -5.76 0.54 14.86
C GLY A 11 -5.57 0.95 13.40
N GLY A 12 -6.11 0.20 12.48
CA GLY A 12 -5.95 0.55 11.04
C GLY A 12 -6.47 1.98 10.80
N THR A 13 -6.65 2.35 9.56
CA THR A 13 -7.15 3.73 9.28
C THR A 13 -8.42 3.63 8.44
N CYS A 14 -9.52 4.15 8.94
CA CYS A 14 -10.79 4.10 8.18
C CYS A 14 -10.82 5.25 7.16
N VAL A 15 -10.56 4.97 5.91
CA VAL A 15 -10.55 6.06 4.89
C VAL A 15 -11.73 5.87 3.92
N SER A 16 -12.03 6.85 3.14
CA SER A 16 -13.16 6.73 2.18
C SER A 16 -13.04 7.81 1.10
N ASN A 17 -13.31 7.48 -0.14
CA ASN A 17 -13.22 8.48 -1.21
C ASN A 17 -14.61 9.11 -1.44
N LYS A 18 -14.68 10.15 -2.24
CA LYS A 18 -15.99 10.81 -2.48
C LYS A 18 -16.09 11.32 -3.92
N TYR A 19 -15.10 11.04 -4.72
CA TYR A 19 -15.13 11.54 -6.13
C TYR A 19 -15.72 10.46 -7.05
N PHE A 20 -16.26 9.42 -6.49
CA PHE A 20 -16.85 8.34 -7.33
C PHE A 20 -18.08 7.76 -6.62
N SER A 21 -18.67 8.51 -5.74
CA SER A 21 -19.87 8.02 -4.99
C SER A 21 -19.43 7.17 -3.80
N ASN A 22 -18.46 6.32 -3.98
CA ASN A 22 -17.99 5.47 -2.85
C ASN A 22 -16.76 4.67 -3.27
N ILE A 23 -15.58 5.14 -2.92
CA ILE A 23 -14.34 4.40 -3.29
C ILE A 23 -13.42 4.32 -2.08
N HIS A 24 -13.92 3.84 -0.98
CA HIS A 24 -13.08 3.74 0.25
C HIS A 24 -12.14 2.53 0.14
N TRP A 25 -11.41 2.24 1.18
CA TRP A 25 -10.48 1.08 1.15
C TRP A 25 -9.73 0.98 2.48
N CYS A 26 -9.68 -0.18 3.06
CA CYS A 26 -8.97 -0.33 4.36
C CYS A 26 -7.60 0.33 4.27
N ASN A 27 -7.35 1.35 5.04
CA ASN A 27 -6.04 2.03 5.00
C ASN A 27 -5.11 1.46 6.08
N CYS A 28 -4.53 0.32 5.83
CA CYS A 28 -3.62 -0.28 6.84
C CYS A 28 -2.21 -0.39 6.25
N PRO A 29 -1.22 -0.34 7.11
CA PRO A 29 0.17 -0.44 6.69
C PRO A 29 0.37 -1.63 5.76
N LYS A 30 1.31 -1.55 4.87
CA LYS A 30 1.55 -2.69 3.93
C LYS A 30 2.09 -3.87 4.74
N LYS A 31 2.76 -3.59 5.82
CA LYS A 31 3.31 -4.69 6.68
C LYS A 31 2.19 -5.26 7.56
N PHE A 32 0.99 -4.80 7.38
CA PHE A 32 -0.15 -5.31 8.20
C PHE A 32 -0.85 -6.44 7.45
N GLY A 33 -1.87 -6.99 8.04
CA GLY A 33 -2.61 -8.10 7.36
C GLY A 33 -3.60 -8.73 8.35
N GLY A 34 -4.41 -9.64 7.89
CA GLY A 34 -5.39 -10.29 8.82
C GLY A 34 -6.79 -9.75 8.54
N GLN A 35 -7.52 -10.41 7.68
CA GLN A 35 -8.91 -9.97 7.35
C GLN A 35 -8.94 -8.44 7.17
N HIS A 36 -9.16 -7.73 8.24
CA HIS A 36 -9.20 -6.24 8.14
C HIS A 36 -7.88 -5.68 8.65
N CYS A 37 -6.79 -6.24 8.23
CA CYS A 37 -5.47 -5.73 8.70
C CYS A 37 -5.42 -5.76 10.23
N GLU A 38 -5.43 -6.93 10.81
CA GLU A 38 -5.39 -7.03 12.29
C GLU A 38 -4.07 -7.68 12.72
N ILE A 39 -3.05 -7.56 11.91
CA ILE A 39 -1.74 -8.18 12.28
C ILE A 39 -0.60 -7.31 11.75
N ASP A 40 0.51 -7.28 12.43
CA ASP A 40 1.66 -6.46 11.97
C ASP A 40 2.63 -7.33 11.19
N LYS A 41 2.20 -7.93 10.12
CA LYS A 41 3.10 -8.80 9.31
C LYS A 41 4.21 -7.95 8.70
N SER A 42 4.72 -8.34 7.57
CA SER A 42 5.81 -7.55 6.92
C SER A 42 6.13 -8.16 5.55
N LYS A 43 5.14 -8.26 4.70
CA LYS A 43 5.40 -8.85 3.35
C LYS A 43 6.12 -7.82 2.48
N THR A 44 7.29 -8.15 2.01
CA THR A 44 8.05 -7.20 1.14
C THR A 44 9.41 -7.80 0.77
N CYS A 45 9.41 -8.82 -0.05
CA CYS A 45 10.69 -9.45 -0.45
C CYS A 45 11.20 -8.80 -1.74
N TYR A 46 10.54 -7.79 -2.22
CA TYR A 46 10.99 -7.12 -3.47
C TYR A 46 10.18 -5.85 -3.71
N GLU A 47 10.57 -4.76 -3.11
CA GLU A 47 9.82 -3.49 -3.31
C GLU A 47 9.61 -3.25 -4.81
N GLY A 48 10.43 -3.84 -5.64
CA GLY A 48 10.27 -3.63 -7.10
C GLY A 48 9.69 -4.89 -7.74
N ASN A 49 10.05 -5.19 -8.95
CA ASN A 49 9.51 -6.41 -9.63
C ASN A 49 10.64 -7.39 -9.90
N GLY A 50 11.86 -7.03 -9.61
CA GLY A 50 13.00 -7.94 -9.85
C GLY A 50 14.04 -7.25 -10.73
N HIS A 51 13.86 -5.98 -10.99
CA HIS A 51 14.84 -5.26 -11.85
C HIS A 51 16.24 -5.36 -11.22
N PHE A 52 16.39 -4.85 -10.03
CA PHE A 52 17.73 -4.91 -9.37
C PHE A 52 17.71 -5.99 -8.28
N TYR A 53 16.87 -5.82 -7.29
CA TYR A 53 16.80 -6.84 -6.20
C TYR A 53 18.16 -6.92 -5.49
N ARG A 54 18.14 -6.97 -4.18
CA ARG A 54 19.42 -7.05 -3.43
C ARG A 54 19.22 -7.89 -2.17
N GLY A 55 18.78 -9.11 -2.32
CA GLY A 55 18.55 -9.99 -1.15
C GLY A 55 19.50 -11.19 -1.21
N LYS A 56 19.03 -12.36 -0.85
CA LYS A 56 19.89 -13.56 -0.90
C LYS A 56 19.28 -14.60 -1.84
N ALA A 57 18.01 -14.47 -2.14
CA ALA A 57 17.37 -15.46 -3.06
C ALA A 57 18.29 -15.73 -4.24
N SER A 58 18.79 -16.94 -4.35
CA SER A 58 19.69 -17.27 -5.48
C SER A 58 19.16 -18.49 -6.24
N THR A 59 18.14 -19.12 -5.73
CA THR A 59 17.58 -20.31 -6.44
C THR A 59 16.47 -19.88 -7.38
N ASP A 60 15.94 -20.79 -8.16
CA ASP A 60 14.85 -20.41 -9.10
C ASP A 60 13.49 -20.70 -8.45
N THR A 61 12.49 -21.01 -9.23
CA THR A 61 11.15 -21.30 -8.65
C THR A 61 11.06 -22.77 -8.25
N MET A 62 12.18 -23.41 -8.03
CA MET A 62 12.15 -24.84 -7.64
C MET A 62 13.01 -25.03 -6.40
N GLY A 63 14.19 -24.47 -6.41
CA GLY A 63 15.08 -24.60 -5.23
C GLY A 63 16.53 -24.64 -5.69
N ARG A 64 16.77 -25.13 -6.88
CA ARG A 64 18.18 -25.18 -7.38
C ARG A 64 18.79 -23.79 -7.23
N PRO A 65 20.10 -23.75 -7.10
CA PRO A 65 20.81 -22.49 -6.97
C PRO A 65 20.81 -21.74 -8.31
N CYS A 66 20.24 -22.34 -9.33
CA CYS A 66 20.21 -21.67 -10.65
C CYS A 66 21.65 -21.55 -11.19
N LEU A 67 21.80 -21.27 -12.45
CA LEU A 67 23.18 -21.14 -13.01
C LEU A 67 23.64 -19.69 -12.92
N PRO A 68 24.90 -19.50 -12.62
CA PRO A 68 25.46 -18.17 -12.53
C PRO A 68 25.56 -17.60 -13.95
N TRP A 69 25.68 -16.31 -14.10
CA TRP A 69 25.77 -15.74 -15.47
C TRP A 69 27.19 -15.98 -16.03
N ASN A 70 28.01 -16.70 -15.33
CA ASN A 70 29.39 -16.99 -15.83
C ASN A 70 29.49 -18.47 -16.21
N SER A 71 28.39 -19.17 -16.16
CA SER A 71 28.40 -20.62 -16.52
C SER A 71 28.25 -20.74 -18.04
N ALA A 72 29.26 -21.20 -18.68
CA ALA A 72 29.23 -21.34 -20.18
C ALA A 72 27.82 -21.67 -20.68
N THR A 73 27.05 -22.41 -19.93
CA THR A 73 25.67 -22.73 -20.39
C THR A 73 24.88 -21.43 -20.54
N VAL A 74 24.78 -20.66 -19.50
CA VAL A 74 24.06 -19.38 -19.59
C VAL A 74 24.78 -18.49 -20.61
N LEU A 75 26.07 -18.62 -20.71
CA LEU A 75 26.83 -17.82 -21.69
C LEU A 75 26.24 -18.11 -23.07
N GLN A 76 25.77 -19.30 -23.24
CA GLN A 76 25.15 -19.70 -24.53
C GLN A 76 23.76 -19.07 -24.61
N GLN A 77 23.12 -18.91 -23.48
CA GLN A 77 21.76 -18.29 -23.46
C GLN A 77 21.83 -16.85 -23.96
N THR A 78 21.03 -15.97 -23.43
CA THR A 78 21.05 -14.56 -23.90
C THR A 78 21.57 -13.63 -22.79
N TYR A 79 20.77 -13.35 -21.79
CA TYR A 79 21.23 -12.44 -20.70
C TYR A 79 22.17 -13.18 -19.75
N HIS A 80 23.43 -13.18 -20.06
CA HIS A 80 24.42 -13.88 -19.19
C HIS A 80 25.59 -12.93 -18.91
N ALA A 81 26.77 -13.44 -18.73
CA ALA A 81 27.93 -12.56 -18.46
C ALA A 81 28.76 -12.40 -19.73
N HIS A 82 28.13 -12.03 -20.82
CA HIS A 82 28.87 -11.86 -22.11
C HIS A 82 27.86 -11.58 -23.23
N ARG A 83 27.06 -10.57 -23.10
CA ARG A 83 26.04 -10.28 -24.15
C ARG A 83 26.25 -8.86 -24.67
N SER A 84 26.09 -7.88 -23.82
CA SER A 84 26.27 -6.46 -24.24
C SER A 84 25.49 -5.56 -23.28
N ASP A 85 24.50 -6.10 -22.64
CA ASP A 85 23.70 -5.30 -21.68
C ASP A 85 23.80 -5.95 -20.30
N ALA A 86 24.66 -6.92 -20.16
CA ALA A 86 24.80 -7.57 -18.83
C ALA A 86 25.46 -6.59 -17.87
N LEU A 87 26.12 -5.61 -18.40
CA LEU A 87 26.77 -4.59 -17.54
C LEU A 87 25.72 -3.69 -16.92
N GLN A 88 24.52 -3.72 -17.43
CA GLN A 88 23.44 -2.87 -16.86
C GLN A 88 22.80 -3.61 -15.69
N LEU A 89 22.83 -4.92 -15.73
CA LEU A 89 22.24 -5.73 -14.63
C LEU A 89 23.36 -6.38 -13.82
N GLY A 90 24.59 -6.17 -14.20
CA GLY A 90 25.70 -6.81 -13.44
C GLY A 90 25.39 -8.31 -13.32
N LEU A 91 25.44 -9.02 -14.41
CA LEU A 91 25.15 -10.49 -14.36
C LEU A 91 26.46 -11.26 -14.18
N GLY A 92 27.52 -10.78 -14.76
CA GLY A 92 28.83 -11.49 -14.64
C GLY A 92 29.17 -11.77 -13.17
N LYS A 93 29.90 -12.82 -12.92
CA LYS A 93 30.29 -13.17 -11.53
C LYS A 93 29.12 -12.93 -10.56
N HIS A 94 28.13 -13.77 -10.60
CA HIS A 94 26.96 -13.59 -9.67
C HIS A 94 25.80 -14.50 -10.13
N ASN A 95 24.76 -14.62 -9.35
CA ASN A 95 23.62 -15.50 -9.75
C ASN A 95 22.27 -14.81 -9.47
N TYR A 96 21.70 -15.03 -8.32
CA TYR A 96 20.38 -14.38 -8.02
C TYR A 96 19.49 -14.43 -9.25
N CYS A 97 18.67 -13.44 -9.46
CA CYS A 97 17.78 -13.43 -10.66
C CYS A 97 17.68 -12.01 -11.21
N ARG A 98 17.71 -11.87 -12.51
CA ARG A 98 17.64 -10.51 -13.12
C ARG A 98 16.39 -10.41 -14.01
N ASN A 99 15.91 -9.22 -14.26
CA ASN A 99 14.69 -9.07 -15.11
C ASN A 99 14.83 -7.84 -16.02
N PRO A 100 15.94 -7.73 -16.70
CA PRO A 100 16.21 -6.62 -17.60
C PRO A 100 15.35 -6.73 -18.87
N ASP A 101 14.68 -7.82 -19.06
CA ASP A 101 13.84 -7.97 -20.29
C ASP A 101 12.38 -7.60 -19.95
N ASN A 102 11.43 -8.38 -20.41
CA ASN A 102 10.01 -8.06 -20.11
C ASN A 102 9.40 -9.14 -19.24
N ARG A 103 9.41 -8.96 -17.95
CA ARG A 103 8.83 -9.99 -17.04
C ARG A 103 8.41 -9.33 -15.72
N ARG A 104 7.54 -9.96 -14.98
CA ARG A 104 7.10 -9.36 -13.69
C ARG A 104 8.06 -9.77 -12.58
N ARG A 105 8.20 -11.05 -12.33
CA ARG A 105 9.11 -11.51 -11.26
C ARG A 105 10.52 -11.69 -11.84
N PRO A 106 11.51 -11.62 -10.97
CA PRO A 106 12.89 -11.77 -11.37
C PRO A 106 13.18 -13.23 -11.74
N TRP A 107 13.73 -13.45 -12.90
CA TRP A 107 14.03 -14.85 -13.33
C TRP A 107 15.55 -15.05 -13.37
N CYS A 108 15.99 -16.27 -13.53
CA CYS A 108 17.46 -16.53 -13.58
C CYS A 108 17.71 -17.72 -14.50
N TYR A 109 18.78 -17.69 -15.25
CA TYR A 109 19.09 -18.83 -16.16
C TYR A 109 19.37 -20.08 -15.32
N VAL A 110 18.35 -20.81 -14.96
CA VAL A 110 18.57 -22.03 -14.15
C VAL A 110 18.50 -23.26 -15.06
N GLN A 111 19.46 -24.14 -14.94
CA GLN A 111 19.48 -25.35 -15.81
C GLN A 111 18.16 -26.10 -15.68
N VAL A 112 17.47 -26.29 -16.77
CA VAL A 112 16.17 -27.02 -16.73
C VAL A 112 16.34 -28.37 -17.41
N GLY A 113 17.34 -29.12 -17.02
CA GLY A 113 17.58 -30.44 -17.66
C GLY A 113 18.76 -30.35 -18.62
N LEU A 114 18.64 -29.54 -19.64
CA LEU A 114 19.77 -29.41 -20.60
C LEU A 114 19.80 -27.99 -21.21
N LYS A 115 18.96 -27.10 -20.75
CA LYS A 115 18.97 -25.71 -21.30
C LYS A 115 18.62 -24.72 -20.20
N PRO A 116 19.58 -23.92 -19.80
CA PRO A 116 19.36 -22.93 -18.76
C PRO A 116 18.13 -22.08 -19.09
N LEU A 117 17.01 -22.41 -18.51
CA LEU A 117 15.77 -21.63 -18.80
C LEU A 117 15.59 -20.55 -17.73
N VAL A 118 15.16 -19.38 -18.11
CA VAL A 118 14.97 -18.30 -17.11
C VAL A 118 13.74 -18.60 -16.25
N GLN A 119 13.92 -18.76 -14.96
CA GLN A 119 12.76 -19.07 -14.08
C GLN A 119 12.62 -17.96 -13.03
N GLU A 120 11.44 -17.39 -12.93
CA GLU A 120 11.24 -16.31 -11.93
C GLU A 120 11.71 -16.81 -10.56
N CYS A 121 12.96 -16.59 -10.23
CA CYS A 121 13.48 -17.06 -8.92
C CYS A 121 12.44 -16.80 -7.82
N MET A 122 11.67 -17.80 -7.47
CA MET A 122 10.64 -17.61 -6.42
C MET A 122 11.25 -16.83 -5.24
N VAL A 123 10.81 -15.61 -5.06
CA VAL A 123 11.36 -14.79 -3.94
C VAL A 123 10.24 -14.49 -2.94
N HIS A 124 9.28 -15.37 -2.82
CA HIS A 124 8.16 -15.14 -1.87
C HIS A 124 8.55 -15.66 -0.49
N ASP A 125 7.88 -15.20 0.54
CA ASP A 125 8.22 -15.67 1.92
C ASP A 125 9.66 -15.28 2.24
N CYS A 126 9.90 -14.75 3.42
CA CYS A 126 11.28 -14.36 3.80
C CYS A 126 11.38 -14.24 5.32
N ALA A 127 11.10 -15.30 6.04
CA ALA A 127 11.17 -15.25 7.52
C ALA A 127 11.68 -16.60 8.06
N ASP A 128 12.94 -16.90 7.84
CA ASP A 128 13.48 -18.19 8.33
C ASP A 128 12.73 -19.35 7.67
N GLY A 129 12.28 -19.16 6.46
CA GLY A 129 11.55 -20.25 5.75
C GLY A 129 10.33 -20.65 6.57
N LYS A 130 9.73 -19.71 7.26
CA LYS A 130 8.54 -20.05 8.09
C LYS A 130 7.95 -18.76 8.68
C1 FUC B . -5.24 5.73 10.32
C2 FUC B . -4.43 5.43 11.59
C3 FUC B . -2.95 5.51 11.28
C4 FUC B . -2.63 6.89 10.71
C5 FUC B . -3.50 7.11 9.47
C6 FUC B . -3.27 8.47 8.84
O2 FUC B . -4.76 4.14 12.08
O3 FUC B . -2.19 5.29 12.47
O4 FUC B . -2.93 7.88 11.68
O5 FUC B . -4.89 7.02 9.82
N GLN A 1 -17.91 -29.10 -0.64
CA GLN A 1 -16.82 -29.55 0.26
C GLN A 1 -16.75 -31.08 0.27
N VAL A 2 -16.83 -31.69 -0.88
CA VAL A 2 -16.78 -33.17 -0.94
C VAL A 2 -15.33 -33.63 -1.21
N PRO A 3 -14.82 -33.37 -2.39
CA PRO A 3 -13.46 -33.76 -2.73
C PRO A 3 -12.45 -32.91 -1.97
N SER A 4 -12.86 -31.77 -1.50
CA SER A 4 -11.93 -30.89 -0.75
C SER A 4 -11.71 -31.46 0.66
N ASN A 5 -10.48 -31.73 1.01
CA ASN A 5 -10.20 -32.29 2.36
C ASN A 5 -8.96 -31.61 2.95
N CYS A 6 -8.86 -30.32 2.84
CA CYS A 6 -7.68 -29.60 3.39
C CYS A 6 -7.94 -28.10 3.35
N ASP A 7 -6.95 -27.31 3.70
CA ASP A 7 -7.16 -25.83 3.68
C ASP A 7 -5.83 -25.14 3.99
N CYS A 8 -4.83 -25.32 3.17
CA CYS A 8 -3.52 -24.67 3.41
C CYS A 8 -2.70 -24.66 2.13
N LEU A 9 -1.80 -23.72 1.97
CA LEU A 9 -0.98 -23.69 0.73
C LEU A 9 0.30 -24.51 0.93
N ASN A 10 1.16 -24.50 -0.04
CA ASN A 10 2.42 -25.27 0.07
C ASN A 10 2.14 -26.66 0.65
N GLY A 11 1.04 -27.25 0.29
CA GLY A 11 0.70 -28.60 0.82
C GLY A 11 0.99 -28.64 2.32
N GLY A 12 0.33 -27.80 3.08
CA GLY A 12 0.56 -27.80 4.55
C GLY A 12 0.38 -29.22 5.11
N THR A 13 0.48 -29.38 6.40
CA THR A 13 0.31 -30.73 6.99
C THR A 13 -1.17 -31.07 7.11
N CYS A 14 -1.72 -31.71 6.11
CA CYS A 14 -3.17 -32.07 6.17
C CYS A 14 -3.37 -33.19 7.19
N VAL A 15 -4.14 -32.94 8.21
CA VAL A 15 -4.37 -33.99 9.24
C VAL A 15 -5.79 -34.53 9.12
N SER A 16 -6.11 -35.57 9.82
CA SER A 16 -7.48 -36.14 9.74
C SER A 16 -7.87 -36.77 11.08
N ASN A 17 -9.10 -36.61 11.47
CA ASN A 17 -9.56 -37.19 12.77
C ASN A 17 -8.98 -38.60 12.92
N LYS A 18 -8.51 -38.94 14.10
CA LYS A 18 -7.93 -40.29 14.31
C LYS A 18 -8.50 -40.89 15.60
N TYR A 19 -8.55 -40.13 16.66
CA TYR A 19 -9.10 -40.66 17.94
C TYR A 19 -10.59 -40.30 18.04
N PHE A 20 -11.02 -39.36 17.24
CA PHE A 20 -12.45 -38.95 17.27
C PHE A 20 -13.22 -39.73 16.20
N SER A 21 -14.14 -39.09 15.54
CA SER A 21 -14.93 -39.80 14.49
C SER A 21 -14.95 -38.95 13.21
N ASN A 22 -15.18 -37.67 13.33
CA ASN A 22 -15.22 -36.80 12.12
C ASN A 22 -14.49 -35.49 12.41
N ILE A 23 -13.52 -35.51 13.27
CA ILE A 23 -12.77 -34.26 13.59
C ILE A 23 -11.50 -34.17 12.72
N HIS A 24 -11.60 -33.56 11.57
CA HIS A 24 -10.41 -33.44 10.69
C HIS A 24 -10.13 -31.96 10.41
N TRP A 25 -8.99 -31.64 9.86
CA TRP A 25 -8.66 -30.22 9.58
C TRP A 25 -7.28 -30.13 8.93
N CYS A 26 -6.78 -28.95 8.73
CA CYS A 26 -5.43 -28.80 8.10
C CYS A 26 -4.53 -28.01 9.04
N ASN A 27 -3.23 -28.17 8.91
CA ASN A 27 -2.30 -27.43 9.79
C ASN A 27 -1.03 -27.06 9.01
N CYS A 28 -0.90 -25.83 8.63
CA CYS A 28 0.31 -25.40 7.87
C CYS A 28 1.24 -24.61 8.79
N PRO A 29 2.34 -24.16 8.27
CA PRO A 29 3.31 -23.41 9.04
C PRO A 29 2.61 -22.33 9.87
N LYS A 30 3.04 -22.13 11.09
CA LYS A 30 2.40 -21.10 11.95
C LYS A 30 2.67 -19.71 11.37
N LYS A 31 3.79 -19.52 10.74
CA LYS A 31 4.11 -18.19 10.15
C LYS A 31 3.23 -17.95 8.93
N PHE A 32 2.44 -18.91 8.55
CA PHE A 32 1.56 -18.73 7.36
C PHE A 32 0.18 -18.25 7.81
N GLY A 33 -0.77 -18.25 6.91
CA GLY A 33 -2.15 -17.79 7.28
C GLY A 33 -2.91 -17.39 6.02
N GLY A 34 -4.12 -16.91 6.17
CA GLY A 34 -4.92 -16.50 4.99
C GLY A 34 -5.79 -17.66 4.52
N GLN A 35 -7.04 -17.66 4.91
CA GLN A 35 -7.99 -18.74 4.49
C GLN A 35 -7.27 -20.09 4.37
N HIS A 36 -6.70 -20.37 3.23
CA HIS A 36 -5.99 -21.66 3.03
C HIS A 36 -4.50 -21.48 3.33
N CYS A 37 -4.18 -20.84 4.42
CA CYS A 37 -2.75 -20.63 4.76
C CYS A 37 -1.96 -20.24 3.52
N GLU A 38 -2.44 -19.26 2.80
CA GLU A 38 -1.72 -18.81 1.57
C GLU A 38 -1.04 -17.48 1.84
N ILE A 39 -0.60 -17.25 3.04
CA ILE A 39 0.06 -15.95 3.36
C ILE A 39 1.04 -16.15 4.52
N ASP A 40 2.17 -15.50 4.46
CA ASP A 40 3.17 -15.65 5.57
C ASP A 40 2.84 -14.64 6.67
N LYS A 41 3.68 -14.54 7.67
CA LYS A 41 3.41 -13.58 8.77
C LYS A 41 4.73 -13.04 9.31
N SER A 42 4.69 -12.18 10.29
CA SER A 42 5.95 -11.62 10.85
C SER A 42 5.61 -10.66 11.98
N LYS A 43 5.08 -9.50 11.66
CA LYS A 43 4.73 -8.51 12.73
C LYS A 43 3.27 -8.09 12.57
N THR A 44 2.55 -8.71 11.66
CA THR A 44 1.12 -8.33 11.46
C THR A 44 1.05 -6.89 10.95
N CYS A 45 0.86 -6.72 9.67
CA CYS A 45 0.78 -5.34 9.10
C CYS A 45 1.95 -4.51 9.61
N TYR A 46 2.00 -3.26 9.26
CA TYR A 46 3.13 -2.40 9.72
C TYR A 46 2.69 -1.56 10.92
N GLU A 47 3.34 -1.71 12.04
CA GLU A 47 2.95 -0.92 13.24
C GLU A 47 3.87 0.29 13.39
N GLY A 48 4.98 0.29 12.68
CA GLY A 48 5.92 1.44 12.78
C GLY A 48 5.58 2.48 11.71
N ASN A 49 6.33 3.55 11.64
CA ASN A 49 6.04 4.60 10.62
C ASN A 49 6.06 3.96 9.23
N GLY A 50 7.07 3.19 8.93
CA GLY A 50 7.15 2.54 7.60
C GLY A 50 8.28 3.17 6.79
N HIS A 51 9.46 3.20 7.34
CA HIS A 51 10.62 3.80 6.60
C HIS A 51 11.42 2.69 5.93
N PHE A 52 11.31 1.48 6.43
CA PHE A 52 12.09 0.36 5.82
C PHE A 52 11.22 -0.90 5.80
N TYR A 53 10.73 -1.28 4.65
CA TYR A 53 9.87 -2.50 4.57
C TYR A 53 9.58 -2.82 3.10
N ARG A 54 8.98 -1.90 2.39
CA ARG A 54 8.67 -2.15 0.96
C ARG A 54 7.71 -3.34 0.85
N GLY A 55 6.58 -3.24 1.49
CA GLY A 55 5.58 -4.37 1.42
C GLY A 55 5.08 -4.51 -0.02
N LYS A 56 4.04 -3.80 -0.37
CA LYS A 56 3.50 -3.90 -1.75
C LYS A 56 2.39 -2.87 -1.94
N ALA A 57 2.74 -1.68 -2.36
CA ALA A 57 1.71 -0.63 -2.55
C ALA A 57 2.30 0.53 -3.35
N SER A 58 2.80 0.26 -4.53
CA SER A 58 3.40 1.35 -5.35
C SER A 58 2.39 2.50 -5.48
N THR A 59 1.12 2.18 -5.56
CA THR A 59 0.09 3.25 -5.67
C THR A 59 -0.02 4.00 -4.34
N ASP A 60 -0.63 5.16 -4.34
CA ASP A 60 -0.77 5.91 -3.06
C ASP A 60 -1.83 5.23 -2.19
N THR A 61 -2.50 5.99 -1.36
CA THR A 61 -3.55 5.41 -0.49
C THR A 61 -4.88 5.41 -1.25
N MET A 62 -4.84 5.34 -2.55
CA MET A 62 -6.10 5.34 -3.33
C MET A 62 -6.07 4.21 -4.34
N GLY A 63 -5.04 4.16 -5.15
CA GLY A 63 -4.93 3.07 -6.16
C GLY A 63 -4.09 3.55 -7.34
N ARG A 64 -4.03 4.83 -7.56
CA ARG A 64 -3.22 5.35 -8.70
C ARG A 64 -1.76 4.91 -8.50
N PRO A 65 -1.07 4.67 -9.59
CA PRO A 65 0.31 4.23 -9.55
C PRO A 65 1.21 5.34 -9.01
N CYS A 66 0.67 6.52 -8.80
CA CYS A 66 1.51 7.63 -8.26
C CYS A 66 2.54 8.05 -9.30
N LEU A 67 3.23 9.13 -9.05
CA LEU A 67 4.26 9.60 -10.01
C LEU A 67 5.63 9.06 -9.56
N PRO A 68 6.20 8.18 -10.34
CA PRO A 68 7.49 7.62 -10.02
C PRO A 68 8.47 8.75 -9.69
N TRP A 69 9.32 8.56 -8.72
CA TRP A 69 10.28 9.65 -8.37
C TRP A 69 11.00 10.11 -9.64
N ASN A 70 11.04 9.27 -10.65
CA ASN A 70 11.73 9.67 -11.91
C ASN A 70 10.85 10.64 -12.70
N SER A 71 9.56 10.44 -12.71
CA SER A 71 8.62 11.33 -13.45
C SER A 71 9.15 12.76 -13.41
N ALA A 72 9.65 13.21 -14.51
CA ALA A 72 10.23 14.59 -14.60
C ALA A 72 9.48 15.56 -13.69
N THR A 73 8.20 15.36 -13.48
CA THR A 73 7.45 16.28 -12.58
C THR A 73 8.09 16.26 -11.20
N VAL A 74 8.06 15.12 -10.55
CA VAL A 74 8.68 15.02 -9.21
C VAL A 74 10.18 15.29 -9.33
N LEU A 75 10.82 14.72 -10.33
CA LEU A 75 12.27 14.98 -10.51
C LEU A 75 12.49 16.49 -10.40
N GLN A 76 11.47 17.23 -10.73
CA GLN A 76 11.55 18.72 -10.65
C GLN A 76 11.37 19.15 -9.19
N GLN A 77 10.44 18.55 -8.50
CA GLN A 77 10.21 18.91 -7.08
C GLN A 77 11.40 18.46 -6.21
N THR A 78 11.19 18.23 -4.94
CA THR A 78 12.32 17.80 -4.07
C THR A 78 12.46 16.27 -4.09
N TYR A 79 12.11 15.58 -3.01
CA TYR A 79 12.24 14.09 -2.99
C TYR A 79 11.76 13.50 -4.32
N HIS A 80 12.67 13.30 -5.23
CA HIS A 80 12.29 12.76 -6.55
C HIS A 80 13.29 11.70 -7.03
N ALA A 81 14.41 11.56 -6.35
CA ALA A 81 15.45 10.56 -6.74
C ALA A 81 16.54 11.22 -7.60
N HIS A 82 17.07 12.34 -7.18
CA HIS A 82 18.13 13.01 -7.96
C HIS A 82 18.57 14.29 -7.26
N ARG A 83 18.69 14.25 -5.96
CA ARG A 83 19.11 15.47 -5.21
C ARG A 83 20.36 15.15 -4.39
N SER A 84 20.66 15.94 -3.39
CA SER A 84 21.88 15.66 -2.57
C SER A 84 21.45 15.06 -1.24
N ASP A 85 20.70 13.99 -1.29
CA ASP A 85 20.22 13.30 -0.06
C ASP A 85 18.93 12.58 -0.39
N ALA A 86 18.29 12.97 -1.45
CA ALA A 86 17.01 12.29 -1.83
C ALA A 86 17.32 10.85 -2.19
N LEU A 87 18.54 10.58 -2.53
CA LEU A 87 18.91 9.17 -2.90
C LEU A 87 19.26 8.37 -1.64
N GLN A 88 19.50 9.04 -0.55
CA GLN A 88 19.83 8.30 0.70
C GLN A 88 18.51 7.93 1.39
N LEU A 89 17.41 8.18 0.74
CA LEU A 89 16.09 7.84 1.35
C LEU A 89 15.50 6.62 0.64
N GLY A 90 15.89 6.39 -0.58
CA GLY A 90 15.35 5.20 -1.32
C GLY A 90 14.24 5.65 -2.28
N LEU A 91 14.52 6.59 -3.14
CA LEU A 91 13.47 7.04 -4.09
C LEU A 91 13.78 6.47 -5.48
N GLY A 92 15.03 6.45 -5.85
CA GLY A 92 15.43 5.90 -7.18
C GLY A 92 14.37 6.25 -8.23
N LYS A 93 14.27 5.48 -9.28
CA LYS A 93 13.27 5.78 -10.33
C LYS A 93 12.12 4.77 -10.25
N HIS A 94 11.60 4.53 -9.08
CA HIS A 94 10.49 3.55 -8.95
C HIS A 94 9.23 4.26 -8.44
N ASN A 95 8.14 3.56 -8.35
CA ASN A 95 6.88 4.18 -7.85
C ASN A 95 6.61 3.63 -6.46
N TYR A 96 7.62 3.08 -5.83
CA TYR A 96 7.44 2.52 -4.46
C TYR A 96 7.19 3.64 -3.46
N CYS A 97 6.32 3.43 -2.51
CA CYS A 97 6.05 4.48 -1.49
C CYS A 97 7.17 4.49 -0.46
N ARG A 98 7.54 5.66 0.02
CA ARG A 98 8.64 5.73 1.02
C ARG A 98 8.39 6.87 1.99
N ASN A 99 8.76 6.71 3.23
CA ASN A 99 8.55 7.79 4.23
C ASN A 99 9.90 8.39 4.63
N PRO A 100 10.44 9.20 3.75
CA PRO A 100 11.73 9.83 4.00
C PRO A 100 11.62 10.86 5.14
N ASP A 101 11.32 12.08 4.83
CA ASP A 101 11.19 13.11 5.90
C ASP A 101 10.10 14.12 5.54
N ASN A 102 8.95 14.02 6.15
CA ASN A 102 7.86 14.98 5.84
C ASN A 102 6.52 14.44 6.36
N ARG A 103 6.42 13.14 6.53
CA ARG A 103 5.14 12.56 7.04
C ARG A 103 5.44 11.44 8.04
N ARG A 104 4.43 10.88 8.62
CA ARG A 104 4.66 9.77 9.59
C ARG A 104 4.49 8.44 8.86
N ARG A 105 3.67 8.43 7.84
CA ARG A 105 3.46 7.19 7.06
C ARG A 105 4.15 7.31 5.70
N PRO A 106 4.38 6.21 5.05
CA PRO A 106 5.03 6.19 3.75
C PRO A 106 4.11 6.80 2.70
N TRP A 107 4.54 7.85 2.06
CA TRP A 107 3.69 8.49 1.01
C TRP A 107 4.40 8.45 -0.34
N CYS A 108 3.79 9.00 -1.34
CA CYS A 108 4.43 9.00 -2.69
C CYS A 108 3.94 10.22 -3.47
N TYR A 109 4.84 10.96 -4.05
CA TYR A 109 4.43 12.17 -4.82
C TYR A 109 3.52 11.76 -5.98
N VAL A 110 2.24 11.75 -5.75
CA VAL A 110 1.28 11.36 -6.83
C VAL A 110 0.57 12.62 -7.33
N GLN A 111 0.29 12.69 -8.60
CA GLN A 111 -0.40 13.89 -9.14
C GLN A 111 -1.76 14.07 -8.47
N VAL A 112 -1.99 15.20 -7.85
CA VAL A 112 -3.29 15.42 -7.18
C VAL A 112 -4.09 16.47 -7.94
N GLY A 113 -3.93 16.51 -9.24
CA GLY A 113 -4.69 17.50 -10.05
C GLY A 113 -3.71 18.35 -10.87
N LEU A 114 -2.82 19.05 -10.20
CA LEU A 114 -1.85 19.89 -10.93
C LEU A 114 -0.47 19.88 -10.24
N LYS A 115 -0.37 19.29 -9.07
CA LYS A 115 0.94 19.25 -8.38
C LYS A 115 1.07 17.93 -7.59
N PRO A 116 2.07 17.15 -7.92
CA PRO A 116 2.29 15.88 -7.24
C PRO A 116 2.32 16.09 -5.73
N LEU A 117 1.24 15.79 -5.06
CA LEU A 117 1.21 15.96 -3.57
C LEU A 117 1.58 14.62 -2.91
N VAL A 118 2.33 14.65 -1.85
CA VAL A 118 2.71 13.38 -1.18
C VAL A 118 1.47 12.77 -0.53
N GLN A 119 1.09 11.59 -0.94
CA GLN A 119 -0.10 10.95 -0.35
C GLN A 119 0.30 9.60 0.26
N GLU A 120 0.05 9.40 1.52
CA GLU A 120 0.42 8.11 2.15
C GLU A 120 -0.02 6.98 1.22
N CYS A 121 0.44 5.79 1.44
CA CYS A 121 0.04 4.66 0.55
C CYS A 121 -0.90 3.71 1.32
N MET A 122 -1.71 2.97 0.62
CA MET A 122 -2.63 2.03 1.31
C MET A 122 -1.91 0.71 1.59
N VAL A 123 -1.45 0.51 2.79
CA VAL A 123 -0.73 -0.75 3.13
C VAL A 123 -1.37 -1.38 4.36
N HIS A 124 -2.63 -1.11 4.60
CA HIS A 124 -3.30 -1.70 5.79
C HIS A 124 -4.44 -2.63 5.34
N ASP A 125 -5.45 -2.78 6.14
CA ASP A 125 -6.59 -3.67 5.76
C ASP A 125 -6.08 -5.11 5.62
N CYS A 126 -5.36 -5.59 6.59
CA CYS A 126 -4.85 -6.97 6.53
C CYS A 126 -6.00 -7.96 6.69
N ALA A 127 -6.47 -8.53 5.62
CA ALA A 127 -7.60 -9.50 5.72
C ALA A 127 -8.09 -9.86 4.32
N ASP A 128 -8.93 -9.06 3.74
CA ASP A 128 -9.44 -9.36 2.37
C ASP A 128 -9.90 -8.07 1.70
N GLY A 129 -9.13 -7.55 0.78
CA GLY A 129 -9.53 -6.29 0.09
C GLY A 129 -9.59 -6.53 -1.42
N LYS A 130 -8.70 -7.34 -1.93
CA LYS A 130 -8.70 -7.61 -3.39
C LYS A 130 -8.05 -8.97 -3.66
C1 FUC B . 2.99 -30.59 9.55
C2 FUC B . 4.33 -31.30 9.52
C3 FUC B . 5.25 -30.61 8.53
C4 FUC B . 5.39 -29.14 8.94
C5 FUC B . 4.00 -28.51 8.98
C6 FUC B . 4.02 -27.06 9.39
O2 FUC B . 4.15 -32.66 9.14
O3 FUC B . 6.53 -31.23 8.54
O4 FUC B . 5.98 -29.07 10.23
O5 FUC B . 3.17 -29.21 9.92
N GLN A 1 -28.49 12.58 2.17
CA GLN A 1 -28.75 12.23 0.75
C GLN A 1 -27.47 11.64 0.13
N VAL A 2 -27.01 10.54 0.64
CA VAL A 2 -25.77 9.92 0.09
C VAL A 2 -25.93 8.40 0.05
N PRO A 3 -26.99 7.96 -0.61
CA PRO A 3 -27.28 6.53 -0.73
C PRO A 3 -26.27 5.87 -1.67
N SER A 4 -25.45 6.65 -2.32
CA SER A 4 -24.45 6.06 -3.26
C SER A 4 -23.37 7.10 -3.57
N ASN A 5 -22.73 7.61 -2.55
CA ASN A 5 -21.67 8.63 -2.78
C ASN A 5 -20.68 8.61 -1.61
N CYS A 6 -19.78 7.67 -1.61
CA CYS A 6 -18.79 7.59 -0.49
C CYS A 6 -17.55 6.83 -0.96
N ASP A 7 -16.69 6.47 -0.04
CA ASP A 7 -15.47 5.72 -0.43
C ASP A 7 -15.53 4.32 0.18
N CYS A 8 -14.88 3.37 -0.43
CA CYS A 8 -14.89 1.98 0.10
C CYS A 8 -16.30 1.41 0.02
N LEU A 9 -16.45 0.17 -0.38
CA LEU A 9 -17.81 -0.43 -0.47
C LEU A 9 -17.79 -1.82 0.16
N ASN A 10 -18.64 -2.70 -0.27
CA ASN A 10 -18.68 -4.08 0.32
C ASN A 10 -19.03 -3.97 1.80
N GLY A 11 -19.69 -2.91 2.18
CA GLY A 11 -20.07 -2.75 3.60
C GLY A 11 -19.16 -1.70 4.25
N GLY A 12 -18.48 -0.94 3.45
CA GLY A 12 -17.58 0.11 4.01
C GLY A 12 -18.41 1.20 4.69
N THR A 13 -18.03 1.62 5.87
CA THR A 13 -18.81 2.66 6.57
C THR A 13 -18.27 4.05 6.20
N CYS A 14 -19.14 5.01 6.03
CA CYS A 14 -18.68 6.37 5.68
C CYS A 14 -18.60 7.23 6.94
N VAL A 15 -17.57 8.02 7.07
CA VAL A 15 -17.43 8.87 8.28
C VAL A 15 -17.12 10.30 7.87
N SER A 16 -16.95 11.19 8.82
CA SER A 16 -16.64 12.60 8.47
C SER A 16 -16.48 13.42 9.75
N ASN A 17 -15.26 13.77 10.09
CA ASN A 17 -15.03 14.58 11.32
C ASN A 17 -15.77 15.90 11.21
N LYS A 18 -15.20 16.96 11.72
CA LYS A 18 -15.89 18.28 11.66
C LYS A 18 -14.94 19.41 12.05
N TYR A 19 -13.96 19.13 12.86
CA TYR A 19 -13.01 20.21 13.28
C TYR A 19 -11.82 20.22 12.33
N PHE A 20 -12.08 20.02 11.07
CA PHE A 20 -10.97 20.01 10.08
C PHE A 20 -11.43 20.68 8.79
N SER A 21 -12.57 21.32 8.82
CA SER A 21 -13.10 22.02 7.62
C SER A 21 -13.84 21.02 6.73
N ASN A 22 -13.14 20.09 6.15
CA ASN A 22 -13.81 19.09 5.27
C ASN A 22 -13.03 17.77 5.30
N ILE A 23 -13.16 17.02 6.35
CA ILE A 23 -12.41 15.74 6.47
C ILE A 23 -13.37 14.57 6.16
N HIS A 24 -12.87 13.52 5.56
CA HIS A 24 -13.75 12.36 5.24
C HIS A 24 -12.89 11.15 4.90
N TRP A 25 -13.03 10.09 5.66
CA TRP A 25 -12.22 8.87 5.37
C TRP A 25 -13.12 7.63 5.48
N CYS A 26 -13.17 6.82 4.46
CA CYS A 26 -14.01 5.60 4.51
C CYS A 26 -13.57 4.71 5.66
N ASN A 27 -14.34 3.71 5.98
CA ASN A 27 -13.96 2.80 7.11
C ASN A 27 -14.39 1.37 6.77
N CYS A 28 -13.77 0.76 5.80
CA CYS A 28 -14.14 -0.64 5.44
C CYS A 28 -13.18 -1.60 6.15
N PRO A 29 -13.70 -2.74 6.55
CA PRO A 29 -12.90 -3.74 7.24
C PRO A 29 -11.59 -4.00 6.49
N LYS A 30 -10.60 -4.52 7.17
CA LYS A 30 -9.30 -4.78 6.48
C LYS A 30 -9.48 -5.90 5.46
N LYS A 31 -10.49 -6.71 5.63
CA LYS A 31 -10.72 -7.81 4.66
C LYS A 31 -11.14 -7.22 3.31
N PHE A 32 -11.47 -5.96 3.28
CA PHE A 32 -11.88 -5.32 2.01
C PHE A 32 -10.72 -4.50 1.45
N GLY A 33 -10.73 -4.23 0.17
CA GLY A 33 -9.63 -3.43 -0.44
C GLY A 33 -9.90 -3.27 -1.94
N GLY A 34 -9.03 -2.58 -2.63
CA GLY A 34 -9.23 -2.39 -4.09
C GLY A 34 -9.89 -1.04 -4.37
N GLN A 35 -9.13 -0.11 -4.89
CA GLN A 35 -9.68 1.24 -5.20
C GLN A 35 -10.69 1.68 -4.15
N HIS A 36 -11.94 1.33 -4.34
CA HIS A 36 -12.98 1.72 -3.35
C HIS A 36 -13.25 0.54 -2.42
N CYS A 37 -12.22 -0.05 -1.88
CA CYS A 37 -12.42 -1.20 -0.95
C CYS A 37 -13.47 -2.14 -1.54
N GLU A 38 -13.22 -2.69 -2.69
CA GLU A 38 -14.19 -3.62 -3.31
C GLU A 38 -13.50 -4.96 -3.64
N ILE A 39 -12.68 -5.44 -2.73
CA ILE A 39 -11.98 -6.72 -2.99
C ILE A 39 -11.79 -7.45 -1.65
N ASP A 40 -11.71 -8.76 -1.68
CA ASP A 40 -11.53 -9.52 -0.43
C ASP A 40 -10.04 -9.80 -0.21
N LYS A 41 -9.35 -8.89 0.40
CA LYS A 41 -7.89 -9.10 0.64
C LYS A 41 -7.67 -10.48 1.28
N SER A 42 -6.53 -11.07 1.04
CA SER A 42 -6.26 -12.41 1.63
C SER A 42 -4.77 -12.50 2.02
N LYS A 43 -4.16 -13.63 1.80
CA LYS A 43 -2.72 -13.77 2.16
C LYS A 43 -1.93 -14.23 0.94
N THR A 44 -0.70 -13.80 0.81
CA THR A 44 0.11 -14.20 -0.37
C THR A 44 1.44 -13.45 -0.36
N CYS A 45 2.35 -13.82 -1.21
CA CYS A 45 3.66 -13.12 -1.26
C CYS A 45 4.16 -13.05 -2.71
N TYR A 46 4.70 -11.93 -3.10
CA TYR A 46 5.19 -11.80 -4.50
C TYR A 46 6.52 -12.55 -4.65
N GLU A 47 7.04 -12.62 -5.84
CA GLU A 47 8.34 -13.34 -6.05
C GLU A 47 9.46 -12.32 -6.28
N GLY A 48 9.49 -11.28 -5.50
CA GLY A 48 10.55 -10.24 -5.68
C GLY A 48 10.44 -9.62 -7.07
N ASN A 49 10.65 -8.34 -7.17
CA ASN A 49 10.55 -7.66 -8.51
C ASN A 49 9.38 -8.23 -9.29
N GLY A 50 8.20 -7.71 -9.09
CA GLY A 50 7.01 -8.22 -9.83
C GLY A 50 6.26 -7.07 -10.48
N HIS A 51 6.25 -5.92 -9.86
CA HIS A 51 5.54 -4.74 -10.44
C HIS A 51 4.04 -4.86 -10.14
N PHE A 52 3.36 -5.75 -10.82
CA PHE A 52 1.89 -5.90 -10.57
C PHE A 52 1.64 -7.18 -9.76
N TYR A 53 2.48 -7.45 -8.80
CA TYR A 53 2.29 -8.68 -7.97
C TYR A 53 0.89 -8.65 -7.35
N ARG A 54 0.59 -9.61 -6.52
CA ARG A 54 -0.76 -9.64 -5.88
C ARG A 54 -0.61 -9.94 -4.39
N GLY A 55 0.58 -9.81 -3.86
CA GLY A 55 0.79 -10.08 -2.41
C GLY A 55 0.29 -8.90 -1.58
N LYS A 56 1.18 -8.20 -0.93
CA LYS A 56 0.75 -7.03 -0.11
C LYS A 56 1.99 -6.28 0.39
N ALA A 57 1.91 -5.68 1.55
CA ALA A 57 3.07 -4.93 2.09
C ALA A 57 3.31 -3.68 1.24
N SER A 58 2.32 -2.85 1.10
CA SER A 58 2.48 -1.62 0.28
C SER A 58 3.25 -0.57 1.08
N THR A 59 3.31 -0.71 2.38
CA THR A 59 4.04 0.28 3.21
C THR A 59 5.53 0.23 2.87
N ASP A 60 6.22 1.33 3.02
CA ASP A 60 7.67 1.36 2.71
C ASP A 60 8.38 0.30 3.55
N THR A 61 9.67 0.40 3.75
CA THR A 61 10.40 -0.60 4.57
C THR A 61 10.32 -0.20 6.04
N MET A 62 9.30 0.52 6.42
CA MET A 62 9.16 0.93 7.84
C MET A 62 7.78 0.53 8.33
N GLY A 63 6.79 0.67 7.49
CA GLY A 63 5.41 0.29 7.88
C GLY A 63 4.45 1.41 7.52
N ARG A 64 4.95 2.54 7.10
CA ARG A 64 4.04 3.66 6.72
C ARG A 64 3.32 3.30 5.42
N PRO A 65 2.13 3.78 5.28
CA PRO A 65 1.33 3.53 4.09
C PRO A 65 1.90 4.29 2.89
N CYS A 66 2.94 5.05 3.11
CA CYS A 66 3.55 5.83 1.99
C CYS A 66 2.53 6.86 1.47
N LEU A 67 2.95 7.70 0.57
CA LEU A 67 2.00 8.72 0.03
C LEU A 67 1.30 8.16 -1.21
N PRO A 68 0.00 8.02 -1.13
CA PRO A 68 -0.77 7.51 -2.25
C PRO A 68 -0.42 8.31 -3.51
N TRP A 69 -0.19 7.65 -4.62
CA TRP A 69 0.18 8.39 -5.85
C TRP A 69 -0.78 9.58 -6.05
N ASN A 70 -1.94 9.54 -5.48
CA ASN A 70 -2.90 10.66 -5.64
C ASN A 70 -2.46 11.86 -4.79
N SER A 71 -2.03 11.61 -3.58
CA SER A 71 -1.58 12.72 -2.68
C SER A 71 -0.93 13.82 -3.50
N ALA A 72 -1.62 14.90 -3.65
CA ALA A 72 -1.11 16.06 -4.45
C ALA A 72 0.43 16.16 -4.37
N THR A 73 1.00 15.81 -3.25
CA THR A 73 2.49 15.88 -3.13
C THR A 73 3.12 15.01 -4.22
N VAL A 74 2.89 13.72 -4.18
CA VAL A 74 3.46 12.84 -5.21
C VAL A 74 2.87 13.22 -6.56
N LEU A 75 1.58 13.48 -6.63
CA LEU A 75 0.98 13.89 -7.91
C LEU A 75 1.86 14.98 -8.52
N GLN A 76 2.56 15.70 -7.68
CA GLN A 76 3.45 16.78 -8.14
C GLN A 76 4.79 16.17 -8.59
N GLN A 77 5.29 15.22 -7.85
CA GLN A 77 6.59 14.58 -8.21
C GLN A 77 6.46 13.84 -9.55
N THR A 78 7.23 12.80 -9.73
CA THR A 78 7.16 12.03 -11.01
C THR A 78 6.10 10.93 -10.90
N TYR A 79 6.44 9.69 -11.19
CA TYR A 79 5.44 8.58 -11.10
C TYR A 79 4.50 8.84 -9.93
N HIS A 80 3.37 9.43 -10.21
CA HIS A 80 2.40 9.76 -9.13
C HIS A 80 0.96 9.44 -9.57
N ALA A 81 0.79 9.01 -10.79
CA ALA A 81 -0.57 8.67 -11.30
C ALA A 81 -1.22 9.89 -11.97
N HIS A 82 -0.52 10.52 -12.89
CA HIS A 82 -1.09 11.71 -13.59
C HIS A 82 -0.05 12.30 -14.54
N ARG A 83 0.76 11.47 -15.14
CA ARG A 83 1.78 12.00 -16.09
C ARG A 83 1.59 11.34 -17.46
N SER A 84 2.33 11.77 -18.44
CA SER A 84 2.18 11.16 -19.79
C SER A 84 2.95 9.83 -19.82
N ASP A 85 3.51 9.43 -18.72
CA ASP A 85 4.27 8.15 -18.69
C ASP A 85 3.98 7.42 -17.37
N ALA A 86 3.06 7.92 -16.60
CA ALA A 86 2.74 7.27 -15.30
C ALA A 86 1.72 6.14 -15.56
N LEU A 87 1.20 6.07 -16.75
CA LEU A 87 0.21 5.01 -17.05
C LEU A 87 0.92 3.72 -17.48
N GLN A 88 2.15 3.81 -17.88
CA GLN A 88 2.90 2.58 -18.28
C GLN A 88 3.52 1.97 -17.03
N LEU A 89 3.17 2.49 -15.88
CA LEU A 89 3.73 1.97 -14.61
C LEU A 89 2.62 1.26 -13.82
N GLY A 90 1.39 1.58 -14.11
CA GLY A 90 0.27 0.92 -13.37
C GLY A 90 0.02 1.68 -12.06
N LEU A 91 0.07 2.98 -12.09
CA LEU A 91 -0.17 3.77 -10.86
C LEU A 91 -1.65 4.18 -10.79
N GLY A 92 -1.97 5.21 -10.06
CA GLY A 92 -3.39 5.65 -9.96
C GLY A 92 -3.61 6.36 -8.63
N LYS A 93 -4.67 6.02 -7.94
CA LYS A 93 -4.95 6.68 -6.64
C LYS A 93 -4.93 5.62 -5.52
N HIS A 94 -3.78 5.05 -5.27
CA HIS A 94 -3.69 4.02 -4.20
C HIS A 94 -2.32 4.09 -3.51
N ASN A 95 -2.15 3.38 -2.44
CA ASN A 95 -0.85 3.37 -1.73
C ASN A 95 -0.12 2.06 -2.06
N TYR A 96 -0.56 1.39 -3.08
CA TYR A 96 0.08 0.10 -3.46
C TYR A 96 1.50 0.35 -3.96
N CYS A 97 2.48 -0.25 -3.33
CA CYS A 97 3.88 -0.05 -3.77
C CYS A 97 4.07 -0.66 -5.16
N ARG A 98 4.77 0.00 -6.03
CA ARG A 98 4.98 -0.56 -7.39
C ARG A 98 6.46 -0.48 -7.75
N ASN A 99 6.85 -1.03 -8.88
CA ASN A 99 8.29 -0.98 -9.27
C ASN A 99 8.40 -0.69 -10.77
N PRO A 100 7.90 0.45 -11.19
CA PRO A 100 7.95 0.85 -12.59
C PRO A 100 9.40 0.96 -13.07
N ASP A 101 10.29 1.32 -12.18
CA ASP A 101 11.71 1.47 -12.58
C ASP A 101 12.46 0.17 -12.25
N ASN A 102 12.66 -0.64 -13.25
CA ASN A 102 13.37 -1.95 -13.09
C ASN A 102 14.26 -1.96 -11.84
N ARG A 103 13.70 -2.30 -10.72
CA ARG A 103 14.49 -2.33 -9.46
C ARG A 103 14.41 -3.73 -8.85
N ARG A 104 14.61 -3.85 -7.57
CA ARG A 104 14.53 -5.19 -6.92
C ARG A 104 13.19 -5.31 -6.21
N ARG A 105 12.86 -4.34 -5.39
CA ARG A 105 11.56 -4.38 -4.65
C ARG A 105 10.71 -3.17 -5.07
N PRO A 106 9.42 -3.28 -4.89
CA PRO A 106 8.50 -2.21 -5.23
C PRO A 106 8.66 -1.03 -4.28
N TRP A 107 8.94 0.13 -4.81
CA TRP A 107 9.11 1.33 -3.96
C TRP A 107 7.89 2.24 -4.10
N CYS A 108 7.67 3.14 -3.19
CA CYS A 108 6.51 4.06 -3.29
C CYS A 108 6.90 5.46 -2.84
N TYR A 109 6.36 6.47 -3.46
CA TYR A 109 6.70 7.88 -3.07
C TYR A 109 6.21 8.13 -1.65
N VAL A 110 7.01 7.81 -0.66
CA VAL A 110 6.59 8.06 0.74
C VAL A 110 7.37 9.24 1.30
N GLN A 111 6.70 10.12 2.01
CA GLN A 111 7.39 11.31 2.58
C GLN A 111 8.57 10.86 3.44
N VAL A 112 9.75 11.35 3.15
CA VAL A 112 10.94 10.97 3.96
C VAL A 112 11.22 12.06 4.98
N GLY A 113 10.26 12.92 5.22
CA GLY A 113 10.46 14.01 6.21
C GLY A 113 10.64 15.35 5.49
N LEU A 114 10.47 15.37 4.20
CA LEU A 114 10.63 16.66 3.46
C LEU A 114 10.12 16.47 2.04
N LYS A 115 10.39 15.34 1.44
CA LYS A 115 9.92 15.11 0.04
C LYS A 115 9.60 13.63 -0.15
N PRO A 116 8.49 13.35 -0.80
CA PRO A 116 8.08 11.99 -1.06
C PRO A 116 9.21 11.23 -1.77
N LEU A 117 10.02 10.52 -1.03
CA LEU A 117 11.14 9.77 -1.66
C LEU A 117 10.69 8.33 -1.91
N VAL A 118 11.08 7.75 -3.02
CA VAL A 118 10.66 6.36 -3.32
C VAL A 118 11.36 5.39 -2.36
N GLN A 119 10.60 4.66 -1.58
CA GLN A 119 11.22 3.70 -0.64
C GLN A 119 10.82 2.28 -1.04
N GLU A 120 11.78 1.47 -1.39
CA GLU A 120 11.46 0.07 -1.80
C GLU A 120 10.68 -0.61 -0.67
N CYS A 121 9.39 -0.50 -0.68
CA CYS A 121 8.56 -1.14 0.39
C CYS A 121 9.12 -2.53 0.71
N MET A 122 9.57 -2.74 1.91
CA MET A 122 10.14 -4.08 2.27
C MET A 122 9.13 -5.17 1.91
N VAL A 123 9.53 -6.41 1.98
CA VAL A 123 8.61 -7.53 1.63
C VAL A 123 9.40 -8.84 1.57
N HIS A 124 8.90 -9.86 2.21
CA HIS A 124 9.63 -11.17 2.19
C HIS A 124 9.31 -11.91 0.89
N ASP A 125 10.21 -12.75 0.45
CA ASP A 125 9.96 -13.50 -0.82
C ASP A 125 9.51 -14.93 -0.48
N CYS A 126 8.94 -15.62 -1.44
CA CYS A 126 8.48 -17.01 -1.18
C CYS A 126 9.19 -17.97 -2.15
N ALA A 127 9.37 -19.19 -1.76
CA ALA A 127 10.04 -20.17 -2.65
C ALA A 127 9.05 -20.66 -3.72
N ASP A 128 7.81 -20.81 -3.36
CA ASP A 128 6.80 -21.29 -4.36
C ASP A 128 7.04 -22.76 -4.66
N GLY A 129 6.85 -23.62 -3.69
CA GLY A 129 7.07 -25.08 -3.93
C GLY A 129 5.73 -25.75 -4.18
N LYS A 130 4.89 -25.17 -5.00
CA LYS A 130 3.57 -25.79 -5.29
C LYS A 130 3.58 -26.40 -6.70
C1 FUC B . -18.43 0.20 8.70
C2 FUC B . -18.17 0.08 10.20
C3 FUC B . -19.46 -0.27 10.93
C4 FUC B . -20.02 -1.55 10.33
C5 FUC B . -20.23 -1.35 8.82
C6 FUC B . -20.77 -2.59 8.14
O2 FUC B . -17.64 1.30 10.70
O3 FUC B . -19.21 -0.45 12.31
O4 FUC B . -19.09 -2.62 10.53
O5 FUC B . -18.98 -1.02 8.19
N GLN A 1 37.88 11.88 4.36
CA GLN A 1 37.83 12.94 5.41
C GLN A 1 37.95 14.32 4.75
N VAL A 2 36.84 14.93 4.42
CA VAL A 2 36.89 16.27 3.77
C VAL A 2 35.89 17.19 4.45
N PRO A 3 36.35 17.90 5.46
CA PRO A 3 35.50 18.82 6.21
C PRO A 3 34.77 19.76 5.25
N SER A 4 33.56 19.43 4.88
CA SER A 4 32.79 20.29 3.95
C SER A 4 33.45 20.28 2.56
N ASN A 5 32.67 20.17 1.53
CA ASN A 5 33.25 20.15 0.16
C ASN A 5 32.18 19.73 -0.85
N CYS A 6 31.33 20.64 -1.24
CA CYS A 6 30.26 20.29 -2.22
C CYS A 6 29.35 21.51 -2.43
N ASP A 7 28.16 21.29 -2.91
CA ASP A 7 27.23 22.43 -3.14
C ASP A 7 25.99 22.25 -2.26
N CYS A 8 26.13 21.59 -1.15
CA CYS A 8 24.96 21.38 -0.24
C CYS A 8 25.47 21.08 1.16
N LEU A 9 24.77 21.54 2.17
CA LEU A 9 25.22 21.28 3.57
C LEU A 9 24.00 21.03 4.46
N ASN A 10 24.13 21.27 5.74
CA ASN A 10 22.98 21.05 6.66
C ASN A 10 22.56 19.58 6.61
N GLY A 11 23.48 18.72 6.24
CA GLY A 11 23.15 17.27 6.17
C GLY A 11 22.93 16.88 4.71
N GLY A 12 23.42 17.68 3.80
CA GLY A 12 23.24 17.36 2.35
C GLY A 12 24.15 16.18 1.99
N THR A 13 23.75 15.39 1.02
CA THR A 13 24.57 14.22 0.63
C THR A 13 25.50 14.62 -0.54
N CYS A 14 26.76 14.78 -0.26
CA CYS A 14 27.71 15.17 -1.36
C CYS A 14 28.10 13.93 -2.15
N VAL A 15 28.21 14.04 -3.44
CA VAL A 15 28.59 12.87 -4.27
C VAL A 15 29.47 13.30 -5.44
N SER A 16 29.99 12.38 -6.19
CA SER A 16 30.84 12.75 -7.35
C SER A 16 30.50 11.86 -8.55
N ASN A 17 31.04 12.15 -9.70
CA ASN A 17 30.73 11.32 -10.89
C ASN A 17 31.79 10.22 -11.03
N LYS A 18 31.79 9.53 -12.13
CA LYS A 18 32.80 8.43 -12.32
C LYS A 18 33.23 8.34 -13.78
N TYR A 19 32.36 8.67 -14.70
CA TYR A 19 32.74 8.57 -16.14
C TYR A 19 33.24 9.93 -16.65
N PHE A 20 33.78 10.74 -15.78
CA PHE A 20 34.28 12.07 -16.21
C PHE A 20 35.54 12.43 -15.40
N SER A 21 35.72 13.68 -15.12
CA SER A 21 36.91 14.10 -14.33
C SER A 21 36.44 14.88 -13.09
N ASN A 22 35.35 15.59 -13.20
CA ASN A 22 34.85 16.36 -12.04
C ASN A 22 33.37 16.68 -12.24
N ILE A 23 32.58 15.70 -12.60
CA ILE A 23 31.13 15.96 -12.81
C ILE A 23 30.37 15.61 -11.52
N HIS A 24 30.83 16.11 -10.41
CA HIS A 24 30.14 15.82 -9.12
C HIS A 24 28.90 16.70 -8.97
N TRP A 25 28.10 16.45 -7.98
CA TRP A 25 26.87 17.28 -7.80
C TRP A 25 26.34 17.08 -6.37
N CYS A 26 25.84 18.13 -5.76
CA CYS A 26 25.31 17.99 -4.38
C CYS A 26 24.06 17.11 -4.39
N ASN A 27 23.76 16.47 -3.29
CA ASN A 27 22.56 15.60 -3.24
C ASN A 27 21.84 15.79 -1.90
N CYS A 28 21.50 17.01 -1.57
CA CYS A 28 20.79 17.25 -0.28
C CYS A 28 19.32 16.87 -0.43
N PRO A 29 18.69 16.56 0.68
CA PRO A 29 17.28 16.19 0.68
C PRO A 29 16.46 17.20 -0.11
N LYS A 30 15.38 16.76 -0.71
CA LYS A 30 14.54 17.69 -1.50
C LYS A 30 13.93 18.75 -0.57
N LYS A 31 13.91 18.49 0.71
CA LYS A 31 13.34 19.47 1.66
C LYS A 31 14.40 20.49 2.05
N PHE A 32 15.49 20.52 1.34
CA PHE A 32 16.57 21.50 1.67
C PHE A 32 16.68 22.55 0.56
N GLY A 33 17.27 23.67 0.85
CA GLY A 33 17.41 24.73 -0.18
C GLY A 33 18.34 25.83 0.34
N GLY A 34 18.57 26.84 -0.44
CA GLY A 34 19.48 27.94 0.02
C GLY A 34 20.87 27.75 -0.58
N GLN A 35 21.17 28.45 -1.64
CA GLN A 35 22.51 28.35 -2.30
C GLN A 35 23.04 26.92 -2.20
N HIS A 36 23.74 26.62 -1.14
CA HIS A 36 24.30 25.25 -0.98
C HIS A 36 23.40 24.45 -0.04
N CYS A 37 22.13 24.41 -0.32
CA CYS A 37 21.19 23.65 0.56
C CYS A 37 21.53 23.97 2.03
N GLU A 38 21.29 25.19 2.44
CA GLU A 38 21.58 25.56 3.85
C GLU A 38 20.31 26.07 4.52
N ILE A 39 19.18 25.51 4.18
CA ILE A 39 17.90 25.97 4.80
C ILE A 39 16.91 24.79 4.83
N ASP A 40 16.08 24.73 5.84
CA ASP A 40 15.10 23.62 5.93
C ASP A 40 13.72 24.12 5.51
N LYS A 41 12.91 23.26 4.95
CA LYS A 41 11.55 23.70 4.51
C LYS A 41 10.49 22.97 5.33
N SER A 42 10.09 21.80 4.92
CA SER A 42 9.07 21.05 5.69
C SER A 42 8.67 19.78 4.91
N LYS A 43 8.66 18.65 5.57
CA LYS A 43 8.29 17.40 4.87
C LYS A 43 6.81 17.45 4.47
N THR A 44 6.39 16.56 3.61
CA THR A 44 4.96 16.55 3.18
C THR A 44 4.09 16.02 4.32
N CYS A 45 4.71 15.44 5.32
CA CYS A 45 3.91 14.90 6.46
C CYS A 45 3.01 13.77 5.96
N TYR A 46 3.27 13.27 4.78
CA TYR A 46 2.42 12.16 4.24
C TYR A 46 3.28 11.23 3.39
N GLU A 47 3.64 11.64 2.21
CA GLU A 47 4.49 10.77 1.34
C GLU A 47 3.77 9.44 1.10
N GLY A 48 3.24 9.24 -0.08
CA GLY A 48 2.53 7.97 -0.37
C GLY A 48 1.13 7.99 0.24
N ASN A 49 0.78 9.09 0.83
CA ASN A 49 -0.56 9.22 1.45
C ASN A 49 -0.57 8.48 2.79
N GLY A 50 0.53 8.49 3.49
CA GLY A 50 0.58 7.78 4.80
C GLY A 50 1.00 6.33 4.59
N HIS A 51 1.37 5.97 3.40
CA HIS A 51 1.80 4.58 3.12
C HIS A 51 2.97 4.21 4.04
N PHE A 52 3.88 5.14 4.24
CA PHE A 52 5.04 4.85 5.12
C PHE A 52 5.42 6.12 5.89
N TYR A 53 6.29 6.93 5.34
CA TYR A 53 6.71 8.19 6.02
C TYR A 53 7.81 7.88 7.04
N ARG A 54 7.92 6.66 7.49
CA ARG A 54 8.99 6.34 8.48
C ARG A 54 9.05 7.43 9.55
N GLY A 55 7.92 7.93 9.97
CA GLY A 55 7.92 9.00 11.01
C GLY A 55 7.24 8.47 12.28
N LYS A 56 6.58 9.33 13.00
CA LYS A 56 5.90 8.87 14.25
C LYS A 56 4.42 9.27 14.21
N ALA A 57 3.55 8.33 14.43
CA ALA A 57 2.09 8.65 14.40
C ALA A 57 1.30 7.34 14.53
N SER A 58 1.17 6.83 15.72
CA SER A 58 0.43 5.55 15.90
C SER A 58 -0.97 5.83 16.46
N THR A 59 -1.28 7.07 16.75
CA THR A 59 -2.62 7.37 17.30
C THR A 59 -3.56 7.76 16.16
N ASP A 60 -4.84 7.55 16.33
CA ASP A 60 -5.81 7.88 15.25
C ASP A 60 -5.99 9.41 15.17
N THR A 61 -7.13 9.88 14.76
CA THR A 61 -7.36 11.35 14.66
C THR A 61 -7.85 11.88 16.00
N MET A 62 -7.58 11.18 17.07
CA MET A 62 -8.03 11.66 18.40
C MET A 62 -6.84 11.66 19.35
N GLY A 63 -6.08 10.60 19.34
CA GLY A 63 -4.90 10.51 20.23
C GLY A 63 -4.74 9.08 20.72
N ARG A 64 -5.81 8.34 20.79
CA ARG A 64 -5.71 6.92 21.25
C ARG A 64 -4.57 6.27 20.46
N PRO A 65 -3.89 5.35 21.09
CA PRO A 65 -2.80 4.64 20.44
C PRO A 65 -3.36 3.68 19.39
N CYS A 66 -4.66 3.60 19.28
CA CYS A 66 -5.27 2.68 18.27
C CYS A 66 -5.06 1.24 18.72
N LEU A 67 -5.70 0.30 18.07
CA LEU A 67 -5.52 -1.11 18.47
C LEU A 67 -4.35 -1.73 17.69
N PRO A 68 -3.59 -2.56 18.35
CA PRO A 68 -2.45 -3.21 17.72
C PRO A 68 -2.96 -4.26 16.75
N TRP A 69 -2.38 -4.35 15.57
CA TRP A 69 -2.85 -5.36 14.59
C TRP A 69 -3.01 -6.72 15.28
N ASN A 70 -2.33 -6.94 16.38
CA ASN A 70 -2.45 -8.24 17.09
C ASN A 70 -3.80 -8.33 17.82
N SER A 71 -4.21 -7.27 18.46
CA SER A 71 -5.50 -7.27 19.20
C SER A 71 -6.51 -8.14 18.47
N ALA A 72 -6.77 -9.29 19.01
CA ALA A 72 -7.72 -10.27 18.38
C ALA A 72 -8.84 -9.54 17.62
N THR A 73 -9.29 -8.41 18.11
CA THR A 73 -10.37 -7.68 17.39
C THR A 73 -9.91 -7.37 15.96
N VAL A 74 -8.85 -6.61 15.82
CA VAL A 74 -8.36 -6.27 14.48
C VAL A 74 -7.89 -7.57 13.81
N LEU A 75 -7.21 -8.42 14.54
CA LEU A 75 -6.76 -9.71 13.95
C LEU A 75 -7.97 -10.33 13.25
N GLN A 76 -9.14 -9.99 13.72
CA GLN A 76 -10.39 -10.51 13.12
C GLN A 76 -10.70 -9.73 11.84
N GLN A 77 -10.53 -8.43 11.89
CA GLN A 77 -10.81 -7.58 10.69
C GLN A 77 -9.94 -8.04 9.50
N THR A 78 -9.52 -7.12 8.67
CA THR A 78 -8.68 -7.51 7.50
C THR A 78 -7.20 -7.22 7.82
N TYR A 79 -6.66 -6.14 7.30
CA TYR A 79 -5.23 -5.83 7.58
C TYR A 79 -5.04 -5.78 9.10
N HIS A 80 -4.69 -6.89 9.67
CA HIS A 80 -4.53 -6.97 11.15
C HIS A 80 -3.28 -7.78 11.50
N ALA A 81 -2.54 -8.20 10.51
CA ALA A 81 -1.29 -9.01 10.76
C ALA A 81 -1.62 -10.50 10.71
N HIS A 82 -2.58 -10.90 9.91
CA HIS A 82 -2.91 -12.36 9.81
C HIS A 82 -3.85 -12.60 8.62
N ARG A 83 -3.84 -11.74 7.64
CA ARG A 83 -4.74 -11.94 6.47
C ARG A 83 -3.90 -12.24 5.22
N SER A 84 -4.48 -12.19 4.06
CA SER A 84 -3.72 -12.47 2.82
C SER A 84 -3.09 -11.19 2.28
N ASP A 85 -3.18 -10.12 3.02
CA ASP A 85 -2.59 -8.84 2.54
C ASP A 85 -1.61 -8.30 3.59
N ALA A 86 -1.54 -8.93 4.73
CA ALA A 86 -0.61 -8.46 5.78
C ALA A 86 0.83 -8.79 5.32
N LEU A 87 0.93 -9.62 4.33
CA LEU A 87 2.28 -10.00 3.80
C LEU A 87 2.97 -8.80 3.14
N GLN A 88 2.45 -8.35 2.04
CA GLN A 88 3.08 -7.19 1.33
C GLN A 88 3.05 -5.96 2.24
N LEU A 89 2.30 -6.01 3.30
CA LEU A 89 2.23 -4.84 4.22
C LEU A 89 3.12 -5.07 5.44
N GLY A 90 3.51 -6.30 5.67
CA GLY A 90 4.39 -6.61 6.84
C GLY A 90 3.91 -5.80 8.06
N LEU A 91 2.87 -6.25 8.72
CA LEU A 91 2.37 -5.51 9.91
C LEU A 91 2.97 -6.13 11.17
N GLY A 92 2.63 -7.35 11.48
CA GLY A 92 3.19 -8.01 12.69
C GLY A 92 2.38 -7.60 13.93
N LYS A 93 3.04 -7.38 15.03
CA LYS A 93 2.30 -6.99 16.27
C LYS A 93 2.74 -5.59 16.70
N HIS A 94 2.11 -4.56 16.18
CA HIS A 94 2.49 -3.17 16.57
C HIS A 94 1.24 -2.29 16.59
N ASN A 95 1.41 -1.01 16.72
CA ASN A 95 0.22 -0.10 16.75
C ASN A 95 0.50 1.12 15.89
N TYR A 96 0.75 0.93 14.62
CA TYR A 96 1.02 2.09 13.71
C TYR A 96 -0.23 2.35 12.85
N CYS A 97 -0.08 3.12 11.81
CA CYS A 97 -1.26 3.40 10.93
C CYS A 97 -1.15 2.59 9.64
N ARG A 98 -0.25 2.96 8.77
CA ARG A 98 -0.08 2.21 7.50
C ARG A 98 -1.35 2.34 6.65
N ASN A 99 -1.20 2.41 5.35
CA ASN A 99 -2.39 2.53 4.45
C ASN A 99 -2.38 1.35 3.48
N PRO A 100 -2.62 0.17 4.02
CA PRO A 100 -2.62 -1.06 3.24
C PRO A 100 -3.88 -1.21 2.37
N ASP A 101 -4.49 -0.14 1.94
CA ASP A 101 -5.70 -0.27 1.10
C ASP A 101 -5.74 0.87 0.07
N ASN A 102 -6.90 1.40 -0.21
CA ASN A 102 -6.99 2.51 -1.19
C ASN A 102 -7.47 3.78 -0.47
N ARG A 103 -6.79 4.15 0.58
CA ARG A 103 -7.20 5.37 1.33
C ARG A 103 -6.22 6.50 1.04
N ARG A 104 -6.69 7.71 0.96
CA ARG A 104 -5.77 8.85 0.70
C ARG A 104 -5.05 9.24 1.98
N ARG A 105 -5.32 8.56 3.06
CA ARG A 105 -4.66 8.89 4.35
C ARG A 105 -4.38 7.59 5.12
N PRO A 106 -3.34 7.60 5.91
CA PRO A 106 -2.97 6.44 6.70
C PRO A 106 -3.97 6.23 7.84
N TRP A 107 -4.68 5.13 7.83
CA TRP A 107 -5.67 4.87 8.91
C TRP A 107 -5.14 3.78 9.83
N CYS A 108 -5.89 3.44 10.84
CA CYS A 108 -5.43 2.37 11.78
C CYS A 108 -6.64 1.70 12.42
N TYR A 109 -6.60 0.40 12.60
CA TYR A 109 -7.75 -0.30 13.21
C TYR A 109 -7.88 0.12 14.68
N VAL A 110 -8.56 1.20 14.94
CA VAL A 110 -8.71 1.66 16.36
C VAL A 110 -10.15 1.39 16.81
N GLN A 111 -10.33 1.04 18.04
CA GLN A 111 -11.71 0.75 18.54
C GLN A 111 -12.58 2.00 18.41
N VAL A 112 -13.61 1.93 17.62
CA VAL A 112 -14.51 3.10 17.45
C VAL A 112 -15.85 2.80 18.12
N GLY A 113 -15.86 1.84 19.00
CA GLY A 113 -17.12 1.48 19.70
C GLY A 113 -17.58 0.10 19.26
N LEU A 114 -18.52 0.04 18.36
CA LEU A 114 -19.02 -1.28 17.89
C LEU A 114 -17.83 -2.16 17.50
N LYS A 115 -17.03 -1.70 16.58
CA LYS A 115 -15.85 -2.52 16.16
C LYS A 115 -14.70 -1.59 15.75
N PRO A 116 -13.50 -2.11 15.81
CA PRO A 116 -12.31 -1.36 15.44
C PRO A 116 -12.45 -0.81 14.02
N LEU A 117 -12.76 0.45 13.89
CA LEU A 117 -12.91 1.03 12.52
C LEU A 117 -11.58 1.69 12.13
N VAL A 118 -11.25 1.67 10.87
CA VAL A 118 -9.97 2.29 10.43
C VAL A 118 -10.09 3.81 10.48
N GLN A 119 -9.34 4.44 11.34
CA GLN A 119 -9.42 5.93 11.45
C GLN A 119 -8.17 6.53 10.81
N GLU A 120 -8.34 7.45 9.90
CA GLU A 120 -7.15 8.08 9.24
C GLU A 120 -6.29 8.73 10.33
N CYS A 121 -5.37 7.99 10.90
CA CYS A 121 -4.50 8.56 11.96
C CYS A 121 -4.05 9.97 11.57
N MET A 122 -4.36 10.95 12.38
CA MET A 122 -3.96 12.34 12.06
C MET A 122 -2.43 12.45 12.08
N VAL A 123 -1.86 13.12 11.12
CA VAL A 123 -0.37 13.25 11.10
C VAL A 123 0.01 14.71 10.88
N HIS A 124 -0.51 15.59 11.69
CA HIS A 124 -0.18 17.03 11.55
C HIS A 124 1.28 17.26 11.95
N ASP A 125 1.94 18.18 11.31
CA ASP A 125 3.37 18.46 11.67
C ASP A 125 3.88 19.64 10.84
N CYS A 126 3.41 19.78 9.63
CA CYS A 126 3.87 20.92 8.78
C CYS A 126 2.93 22.10 8.96
N ALA A 127 3.40 23.29 8.69
CA ALA A 127 2.53 24.49 8.86
C ALA A 127 2.42 24.84 10.35
N ASP A 128 3.52 24.97 11.02
CA ASP A 128 3.47 25.31 12.48
C ASP A 128 3.49 26.82 12.65
N GLY A 129 2.44 27.49 12.25
CA GLY A 129 2.41 28.97 12.39
C GLY A 129 1.61 29.34 13.65
N LYS A 130 1.82 28.64 14.73
CA LYS A 130 1.07 28.95 15.98
C LYS A 130 -0.43 29.03 15.67
C1 FUC B . 23.71 12.05 2.31
C2 FUC B . 23.42 12.74 3.65
C3 FUC B . 21.97 12.51 4.03
C4 FUC B . 21.72 11.01 4.09
C5 FUC B . 22.05 10.40 2.73
C6 FUC B . 21.84 8.90 2.70
O2 FUC B . 23.69 14.13 3.54
O3 FUC B . 21.71 13.09 5.30
O4 FUC B . 22.54 10.42 5.09
O5 FUC B . 23.44 10.66 2.41
N GLN A 1 -31.52 12.83 5.01
CA GLN A 1 -30.37 11.89 5.20
C GLN A 1 -29.11 12.48 4.58
N VAL A 2 -29.02 13.78 4.51
CA VAL A 2 -27.82 14.41 3.91
C VAL A 2 -26.78 14.75 4.99
N PRO A 3 -27.22 15.43 6.02
CA PRO A 3 -26.33 15.81 7.12
C PRO A 3 -25.59 14.58 7.67
N SER A 4 -26.30 13.68 8.29
CA SER A 4 -25.64 12.47 8.84
C SER A 4 -25.97 11.26 7.96
N ASN A 5 -25.23 11.05 6.91
CA ASN A 5 -25.50 9.89 6.02
C ASN A 5 -24.61 9.99 4.78
N CYS A 6 -23.60 9.17 4.69
CA CYS A 6 -22.70 9.21 3.51
C CYS A 6 -21.78 10.42 3.60
N ASP A 7 -21.34 10.93 2.49
CA ASP A 7 -20.44 12.12 2.51
C ASP A 7 -19.02 11.69 2.86
N CYS A 8 -18.60 10.55 2.38
CA CYS A 8 -17.22 10.07 2.69
C CYS A 8 -16.24 11.24 2.52
N LEU A 9 -15.08 11.17 3.11
CA LEU A 9 -14.11 12.29 2.96
C LEU A 9 -13.34 12.12 1.65
N ASN A 10 -12.55 13.09 1.29
CA ASN A 10 -11.76 13.00 0.04
C ASN A 10 -12.72 12.94 -1.15
N GLY A 11 -13.88 13.51 -1.02
CA GLY A 11 -14.86 13.48 -2.15
C GLY A 11 -15.26 12.04 -2.45
N GLY A 12 -15.31 11.21 -1.44
CA GLY A 12 -15.70 9.78 -1.66
C GLY A 12 -16.94 9.72 -2.54
N THR A 13 -17.36 8.53 -2.90
CA THR A 13 -18.58 8.40 -3.76
C THR A 13 -19.78 8.02 -2.90
N CYS A 14 -20.97 8.13 -3.42
CA CYS A 14 -22.18 7.78 -2.63
C CYS A 14 -23.13 6.96 -3.50
N VAL A 15 -23.64 5.87 -2.99
CA VAL A 15 -24.56 5.03 -3.79
C VAL A 15 -25.96 5.06 -3.16
N SER A 16 -26.83 4.16 -3.57
CA SER A 16 -28.20 4.15 -2.99
C SER A 16 -28.92 2.85 -3.41
N ASN A 17 -29.48 2.16 -2.46
CA ASN A 17 -30.20 0.90 -2.79
C ASN A 17 -31.04 1.10 -4.05
N LYS A 18 -31.12 0.10 -4.89
CA LYS A 18 -31.92 0.23 -6.14
C LYS A 18 -32.62 -1.10 -6.44
N TYR A 19 -31.96 -2.20 -6.19
CA TYR A 19 -32.59 -3.52 -6.47
C TYR A 19 -33.10 -4.14 -5.17
N PHE A 20 -32.87 -3.49 -4.07
CA PHE A 20 -33.34 -4.05 -2.76
C PHE A 20 -34.49 -3.18 -2.24
N SER A 21 -34.58 -3.03 -0.96
CA SER A 21 -35.67 -2.19 -0.37
C SER A 21 -35.06 -1.04 0.43
N ASN A 22 -34.24 -1.35 1.39
CA ASN A 22 -33.61 -0.26 2.20
C ASN A 22 -32.13 -0.57 2.42
N ILE A 23 -31.31 -0.28 1.44
CA ILE A 23 -29.84 -0.56 1.57
C ILE A 23 -29.06 0.63 1.03
N HIS A 24 -28.75 1.59 1.86
CA HIS A 24 -27.97 2.78 1.39
C HIS A 24 -26.63 2.82 2.12
N TRP A 25 -25.59 3.27 1.46
CA TRP A 25 -24.26 3.33 2.12
C TRP A 25 -23.31 4.20 1.30
N CYS A 26 -22.17 4.52 1.83
CA CYS A 26 -21.20 5.36 1.07
C CYS A 26 -20.13 4.47 0.43
N ASN A 27 -19.66 4.83 -0.73
CA ASN A 27 -18.64 3.99 -1.41
C ASN A 27 -17.33 4.79 -1.52
N CYS A 28 -16.51 4.74 -0.51
CA CYS A 28 -15.21 5.49 -0.56
C CYS A 28 -14.06 4.48 -0.65
N PRO A 29 -12.93 4.95 -1.11
CA PRO A 29 -11.75 4.12 -1.25
C PRO A 29 -11.51 3.33 0.05
N LYS A 30 -10.88 2.20 -0.04
CA LYS A 30 -10.62 1.40 1.19
C LYS A 30 -9.69 2.20 2.11
N LYS A 31 -9.12 3.25 1.60
CA LYS A 31 -8.20 4.08 2.44
C LYS A 31 -9.03 5.12 3.21
N PHE A 32 -10.32 4.94 3.27
CA PHE A 32 -11.18 5.90 4.01
C PHE A 32 -12.18 5.15 4.88
N GLY A 33 -12.63 5.74 5.95
CA GLY A 33 -13.61 5.06 6.84
C GLY A 33 -13.91 5.95 8.04
N GLY A 34 -14.91 5.63 8.81
CA GLY A 34 -15.24 6.47 9.99
C GLY A 34 -16.39 7.42 9.66
N GLN A 35 -17.58 7.09 10.09
CA GLN A 35 -18.76 7.96 9.83
C GLN A 35 -18.73 8.47 8.38
N HIS A 36 -18.09 9.57 8.15
CA HIS A 36 -18.03 10.12 6.76
C HIS A 36 -16.74 9.65 6.09
N CYS A 37 -16.37 8.41 6.31
CA CYS A 37 -15.13 7.89 5.67
C CYS A 37 -14.01 8.92 5.82
N GLU A 38 -13.87 9.50 6.98
CA GLU A 38 -12.80 10.51 7.18
C GLU A 38 -11.48 9.81 7.49
N ILE A 39 -11.48 8.90 8.43
CA ILE A 39 -10.22 8.18 8.76
C ILE A 39 -9.52 7.77 7.46
N ASP A 40 -8.21 7.87 7.43
CA ASP A 40 -7.48 7.47 6.20
C ASP A 40 -6.77 6.13 6.42
N LYS A 41 -7.46 5.04 6.21
CA LYS A 41 -6.84 3.71 6.41
C LYS A 41 -5.78 3.46 5.33
N SER A 42 -5.28 2.25 5.24
CA SER A 42 -4.25 1.96 4.21
C SER A 42 -4.23 0.45 3.94
N LYS A 43 -4.74 0.03 2.82
CA LYS A 43 -4.75 -1.42 2.50
C LYS A 43 -3.43 -1.82 1.83
N THR A 44 -2.53 -2.39 2.58
CA THR A 44 -1.22 -2.80 1.98
C THR A 44 -1.33 -4.25 1.47
N CYS A 45 -1.31 -4.43 0.18
CA CYS A 45 -1.41 -5.81 -0.37
C CYS A 45 -2.76 -6.41 0.01
N TYR A 46 -3.49 -6.89 -0.95
CA TYR A 46 -4.83 -7.49 -0.63
C TYR A 46 -4.68 -8.47 0.54
N GLU A 47 -5.32 -8.20 1.64
CA GLU A 47 -5.22 -9.10 2.82
C GLU A 47 -6.42 -10.03 2.86
N GLY A 48 -6.52 -10.93 1.91
CA GLY A 48 -7.68 -11.87 1.89
C GLY A 48 -8.20 -12.03 0.47
N ASN A 49 -9.48 -12.21 0.30
CA ASN A 49 -10.04 -12.38 -1.05
C ASN A 49 -10.90 -11.16 -1.40
N GLY A 50 -10.34 -10.21 -2.08
CA GLY A 50 -11.12 -8.99 -2.44
C GLY A 50 -12.28 -9.37 -3.38
N HIS A 51 -12.05 -10.30 -4.28
CA HIS A 51 -13.13 -10.71 -5.21
C HIS A 51 -13.50 -9.53 -6.12
N PHE A 52 -12.68 -8.51 -6.15
CA PHE A 52 -12.99 -7.34 -7.01
C PHE A 52 -11.68 -6.76 -7.56
N TYR A 53 -11.13 -5.77 -6.91
CA TYR A 53 -9.85 -5.17 -7.41
C TYR A 53 -10.00 -4.80 -8.88
N ARG A 54 -9.68 -5.71 -9.76
CA ARG A 54 -9.79 -5.41 -11.22
C ARG A 54 -8.78 -4.32 -11.60
N GLY A 55 -7.52 -4.55 -11.32
CA GLY A 55 -6.48 -3.54 -11.66
C GLY A 55 -5.36 -4.21 -12.44
N LYS A 56 -4.53 -4.97 -11.77
CA LYS A 56 -3.41 -5.65 -12.48
C LYS A 56 -3.03 -6.92 -11.72
N ALA A 57 -1.83 -7.41 -11.91
CA ALA A 57 -1.41 -8.64 -11.19
C ALA A 57 -2.52 -9.68 -11.29
N SER A 58 -2.63 -10.36 -12.40
CA SER A 58 -3.69 -11.39 -12.55
C SER A 58 -3.07 -12.71 -13.02
N THR A 59 -1.77 -12.83 -12.93
CA THR A 59 -1.11 -14.08 -13.37
C THR A 59 -1.32 -15.17 -12.31
N ASP A 60 -0.67 -16.28 -12.46
CA ASP A 60 -0.82 -17.39 -11.48
C ASP A 60 0.36 -17.33 -10.49
N THR A 61 0.67 -18.41 -9.81
CA THR A 61 1.81 -18.40 -8.86
C THR A 61 3.10 -18.67 -9.62
N MET A 62 3.09 -18.50 -10.92
CA MET A 62 4.31 -18.75 -11.72
C MET A 62 4.61 -17.47 -12.50
N GLY A 63 3.60 -16.82 -12.99
CA GLY A 63 3.81 -15.55 -13.74
C GLY A 63 2.96 -15.54 -15.02
N ARG A 64 2.38 -16.65 -15.38
CA ARG A 64 1.54 -16.66 -16.62
C ARG A 64 0.26 -15.86 -16.35
N PRO A 65 -0.31 -15.34 -17.40
CA PRO A 65 -1.53 -14.56 -17.31
C PRO A 65 -2.74 -15.46 -17.05
N CYS A 66 -2.52 -16.74 -16.87
CA CYS A 66 -3.66 -17.67 -16.62
C CYS A 66 -4.48 -17.83 -17.90
N LEU A 67 -5.41 -18.74 -17.92
CA LEU A 67 -6.23 -18.93 -19.15
C LEU A 67 -7.41 -17.96 -19.12
N PRO A 68 -7.84 -17.53 -20.27
CA PRO A 68 -8.97 -16.64 -20.39
C PRO A 68 -10.26 -17.41 -20.07
N TRP A 69 -11.23 -16.76 -19.51
CA TRP A 69 -12.49 -17.48 -19.18
C TRP A 69 -13.24 -17.83 -20.47
N ASN A 70 -12.74 -17.39 -21.59
CA ASN A 70 -13.41 -17.71 -22.89
C ASN A 70 -12.65 -18.85 -23.58
N SER A 71 -11.69 -19.43 -22.91
CA SER A 71 -10.91 -20.54 -23.50
C SER A 71 -11.66 -21.83 -23.25
N ALA A 72 -12.18 -22.42 -24.29
CA ALA A 72 -12.97 -23.69 -24.16
C ALA A 72 -12.42 -24.56 -23.03
N THR A 73 -11.14 -24.52 -22.78
CA THR A 73 -10.59 -25.36 -21.67
C THR A 73 -11.28 -24.97 -20.36
N VAL A 74 -11.14 -23.74 -19.94
CA VAL A 74 -11.80 -23.32 -18.69
C VAL A 74 -13.31 -23.42 -18.88
N LEU A 75 -13.78 -23.14 -20.06
CA LEU A 75 -15.24 -23.26 -20.33
C LEU A 75 -15.66 -24.66 -19.91
N GLN A 76 -14.76 -25.59 -20.03
CA GLN A 76 -15.05 -26.99 -19.64
C GLN A 76 -15.00 -27.09 -18.12
N GLN A 77 -14.11 -26.36 -17.50
CA GLN A 77 -14.00 -26.40 -16.02
C GLN A 77 -15.30 -25.92 -15.38
N THR A 78 -15.23 -25.23 -14.27
CA THR A 78 -16.47 -24.75 -13.61
C THR A 78 -16.64 -23.24 -13.83
N TYR A 79 -15.95 -22.43 -13.08
CA TYR A 79 -16.10 -20.95 -13.25
C TYR A 79 -15.44 -20.50 -14.54
N HIS A 80 -16.21 -19.98 -15.45
CA HIS A 80 -15.64 -19.51 -16.73
C HIS A 80 -16.60 -18.49 -17.36
N ALA A 81 -16.61 -18.38 -18.65
CA ALA A 81 -17.52 -17.38 -19.30
C ALA A 81 -18.59 -18.11 -20.13
N HIS A 82 -19.41 -18.92 -19.50
CA HIS A 82 -20.46 -19.64 -20.27
C HIS A 82 -21.21 -20.62 -19.37
N ARG A 83 -21.59 -20.21 -18.19
CA ARG A 83 -22.33 -21.15 -17.29
C ARG A 83 -23.68 -20.55 -16.94
N SER A 84 -23.67 -19.46 -16.20
CA SER A 84 -24.94 -18.79 -15.81
C SER A 84 -24.70 -18.06 -14.48
N ASP A 85 -23.66 -18.41 -13.79
CA ASP A 85 -23.37 -17.74 -12.50
C ASP A 85 -21.94 -17.19 -12.55
N ALA A 86 -21.29 -17.32 -13.67
CA ALA A 86 -19.90 -16.80 -13.78
C ALA A 86 -19.93 -15.27 -13.78
N LEU A 87 -21.08 -14.70 -14.02
CA LEU A 87 -21.19 -13.23 -14.03
C LEU A 87 -21.40 -12.69 -12.61
N GLN A 88 -21.73 -13.55 -11.68
CA GLN A 88 -21.95 -13.07 -10.29
C GLN A 88 -20.60 -13.03 -9.55
N LEU A 89 -19.61 -13.64 -10.12
CA LEU A 89 -18.28 -13.66 -9.45
C LEU A 89 -17.34 -12.64 -10.13
N GLY A 90 -17.74 -12.11 -11.25
CA GLY A 90 -16.87 -11.11 -11.94
C GLY A 90 -16.08 -11.78 -13.06
N LEU A 91 -16.63 -12.78 -13.69
CA LEU A 91 -15.90 -13.46 -14.79
C LEU A 91 -16.34 -12.83 -16.12
N GLY A 92 -16.24 -13.56 -17.20
CA GLY A 92 -16.67 -12.99 -18.52
C GLY A 92 -15.66 -13.37 -19.59
N LYS A 93 -15.30 -12.46 -20.45
CA LYS A 93 -14.32 -12.79 -21.54
C LYS A 93 -13.04 -11.98 -21.33
N HIS A 94 -12.09 -12.53 -20.62
CA HIS A 94 -10.81 -11.80 -20.38
C HIS A 94 -9.82 -12.73 -19.67
N ASN A 95 -8.74 -12.18 -19.17
CA ASN A 95 -7.75 -13.03 -18.46
C ASN A 95 -7.44 -12.41 -17.09
N TYR A 96 -8.45 -12.08 -16.33
CA TYR A 96 -8.23 -11.47 -15.00
C TYR A 96 -8.56 -12.50 -13.91
N CYS A 97 -7.67 -12.73 -12.99
CA CYS A 97 -7.95 -13.71 -11.90
C CYS A 97 -9.26 -13.34 -11.21
N ARG A 98 -9.74 -14.17 -10.34
CA ARG A 98 -11.02 -13.86 -9.64
C ARG A 98 -11.32 -14.93 -8.59
N ASN A 99 -12.08 -14.59 -7.59
CA ASN A 99 -12.43 -15.59 -6.53
C ASN A 99 -13.93 -15.85 -6.57
N PRO A 100 -14.35 -16.62 -7.55
CA PRO A 100 -15.76 -16.95 -7.71
C PRO A 100 -16.19 -18.00 -6.69
N ASP A 101 -15.27 -18.79 -6.21
CA ASP A 101 -15.63 -19.84 -5.21
C ASP A 101 -15.41 -19.29 -3.79
N ASN A 102 -14.87 -18.11 -3.68
CA ASN A 102 -14.64 -17.52 -2.33
C ASN A 102 -13.41 -18.17 -1.68
N ARG A 103 -12.31 -18.20 -2.37
CA ARG A 103 -11.09 -18.82 -1.78
C ARG A 103 -10.34 -17.76 -0.96
N ARG A 104 -9.24 -18.13 -0.36
CA ARG A 104 -8.48 -17.14 0.45
C ARG A 104 -7.83 -16.12 -0.48
N ARG A 105 -7.36 -16.56 -1.62
CA ARG A 105 -6.71 -15.62 -2.57
C ARG A 105 -7.33 -15.81 -3.97
N PRO A 106 -7.50 -14.74 -4.69
CA PRO A 106 -8.07 -14.78 -6.03
C PRO A 106 -7.33 -15.82 -6.89
N TRP A 107 -8.03 -16.80 -7.38
CA TRP A 107 -7.38 -17.84 -8.22
C TRP A 107 -7.99 -17.81 -9.62
N CYS A 108 -7.49 -18.62 -10.51
CA CYS A 108 -8.05 -18.63 -11.90
C CYS A 108 -7.66 -19.93 -12.60
N TYR A 109 -8.44 -20.34 -13.56
CA TYR A 109 -8.12 -21.60 -14.29
C TYR A 109 -6.86 -21.37 -15.11
N VAL A 110 -5.70 -21.57 -14.53
CA VAL A 110 -4.44 -21.37 -15.28
C VAL A 110 -3.94 -22.72 -15.79
N GLN A 111 -3.68 -22.82 -17.08
CA GLN A 111 -3.21 -24.11 -17.65
C GLN A 111 -2.09 -24.69 -16.80
N VAL A 112 -2.28 -25.87 -16.29
CA VAL A 112 -1.23 -26.51 -15.46
C VAL A 112 -0.71 -27.74 -16.20
N GLY A 113 -0.96 -27.81 -17.48
CA GLY A 113 -0.49 -28.97 -18.28
C GLY A 113 -1.68 -29.80 -18.75
N LEU A 114 -1.99 -30.87 -18.06
CA LEU A 114 -3.13 -31.72 -18.48
C LEU A 114 -4.37 -30.85 -18.69
N LYS A 115 -4.76 -30.12 -17.69
CA LYS A 115 -5.97 -29.26 -17.83
C LYS A 115 -5.82 -28.00 -16.98
N PRO A 116 -6.57 -26.97 -17.33
CA PRO A 116 -6.54 -25.71 -16.61
C PRO A 116 -6.81 -25.94 -15.13
N LEU A 117 -5.81 -25.85 -14.30
CA LEU A 117 -6.03 -26.05 -12.85
C LEU A 117 -6.15 -24.69 -12.18
N VAL A 118 -7.14 -24.49 -11.36
CA VAL A 118 -7.28 -23.16 -10.69
C VAL A 118 -6.11 -22.99 -9.72
N GLN A 119 -5.57 -21.82 -9.62
CA GLN A 119 -4.43 -21.60 -8.69
C GLN A 119 -4.58 -20.24 -8.02
N GLU A 120 -4.01 -20.08 -6.85
CA GLU A 120 -4.11 -18.78 -6.15
C GLU A 120 -3.17 -17.78 -6.84
N CYS A 121 -3.67 -17.06 -7.80
CA CYS A 121 -2.82 -16.07 -8.53
C CYS A 121 -1.87 -15.38 -7.55
N MET A 122 -0.61 -15.70 -7.63
CA MET A 122 0.38 -15.07 -6.70
C MET A 122 0.44 -13.56 -6.98
N VAL A 123 0.05 -12.75 -6.02
CA VAL A 123 0.10 -11.28 -6.23
C VAL A 123 0.82 -10.62 -5.05
N HIS A 124 1.78 -11.29 -4.48
CA HIS A 124 2.53 -10.69 -3.34
C HIS A 124 3.04 -9.31 -3.72
N ASP A 125 3.63 -8.60 -2.81
CA ASP A 125 4.16 -7.25 -3.13
C ASP A 125 4.58 -6.54 -1.85
N CYS A 126 3.70 -5.77 -1.26
CA CYS A 126 4.06 -5.05 0.01
C CYS A 126 5.43 -4.39 -0.16
N ALA A 127 6.01 -3.95 0.91
CA ALA A 127 7.35 -3.29 0.83
C ALA A 127 7.31 -2.19 -0.24
N ASP A 128 6.17 -1.58 -0.43
CA ASP A 128 6.06 -0.50 -1.45
C ASP A 128 5.61 0.80 -0.78
N GLY A 129 6.43 1.36 0.06
CA GLY A 129 6.05 2.61 0.75
C GLY A 129 6.85 3.77 0.18
N LYS A 130 8.07 3.53 -0.23
CA LYS A 130 8.90 4.62 -0.81
C LYS A 130 8.29 5.08 -2.14
C1 FUC B . -16.03 7.05 -5.16
C2 FUC B . -15.68 5.86 -6.07
C3 FUC B . -15.41 6.37 -7.48
C4 FUC B . -14.30 7.42 -7.42
C5 FUC B . -14.73 8.54 -6.47
C6 FUC B . -13.69 9.63 -6.34
O2 FUC B . -16.73 4.92 -6.07
O3 FUC B . -15.00 5.29 -8.31
O4 FUC B . -13.11 6.82 -6.93
O5 FUC B . -14.97 8.01 -5.16
N GLN A 1 -20.36 13.51 7.76
CA GLN A 1 -20.15 14.90 7.27
C GLN A 1 -19.61 14.87 5.84
N VAL A 2 -20.31 15.48 4.92
CA VAL A 2 -19.83 15.47 3.51
C VAL A 2 -19.00 16.73 3.15
N PRO A 3 -19.26 17.87 3.78
CA PRO A 3 -18.50 19.07 3.47
C PRO A 3 -17.12 19.02 4.13
N SER A 4 -16.81 17.93 4.79
CA SER A 4 -15.48 17.82 5.45
C SER A 4 -14.80 16.51 5.04
N ASN A 5 -14.78 16.23 3.77
CA ASN A 5 -14.14 14.97 3.30
C ASN A 5 -12.98 15.30 2.36
N CYS A 6 -12.02 16.06 2.82
CA CYS A 6 -10.87 16.42 1.95
C CYS A 6 -9.88 15.25 1.92
N ASP A 7 -8.82 15.38 1.16
CA ASP A 7 -7.81 14.28 1.09
C ASP A 7 -6.42 14.84 1.36
N CYS A 8 -6.31 15.74 2.30
CA CYS A 8 -4.97 16.31 2.62
C CYS A 8 -4.99 16.92 4.02
N LEU A 9 -3.94 16.75 4.78
CA LEU A 9 -3.91 17.32 6.16
C LEU A 9 -2.48 17.72 6.52
N ASN A 10 -2.17 17.80 7.78
CA ASN A 10 -0.79 18.18 8.19
C ASN A 10 -0.48 19.58 7.67
N GLY A 11 -1.49 20.36 7.42
CA GLY A 11 -1.27 21.73 6.90
C GLY A 11 -1.64 21.78 5.42
N GLY A 12 -2.36 20.80 4.97
CA GLY A 12 -2.77 20.78 3.53
C GLY A 12 -3.98 21.71 3.34
N THR A 13 -4.03 22.43 2.26
CA THR A 13 -5.17 23.35 2.02
C THR A 13 -6.32 22.57 1.36
N CYS A 14 -7.34 22.26 2.12
CA CYS A 14 -8.49 21.51 1.54
C CYS A 14 -9.20 22.38 0.51
N VAL A 15 -9.53 21.82 -0.63
CA VAL A 15 -10.23 22.61 -1.67
C VAL A 15 -11.26 21.73 -2.39
N SER A 16 -12.03 22.31 -3.26
CA SER A 16 -13.06 21.50 -3.98
C SER A 16 -14.03 22.44 -4.71
N ASN A 17 -14.53 22.02 -5.84
CA ASN A 17 -15.47 22.88 -6.61
C ASN A 17 -16.84 22.87 -5.92
N LYS A 18 -17.82 23.50 -6.50
CA LYS A 18 -19.17 23.52 -5.88
C LYS A 18 -20.24 23.16 -6.91
N TYR A 19 -19.89 23.06 -8.16
CA TYR A 19 -20.89 22.71 -9.20
C TYR A 19 -20.49 21.40 -9.88
N PHE A 20 -20.16 20.39 -9.12
CA PHE A 20 -19.75 19.09 -9.73
C PHE A 20 -20.56 17.95 -9.13
N SER A 21 -21.40 18.26 -8.18
CA SER A 21 -22.23 17.20 -7.54
C SER A 21 -21.34 16.24 -6.74
N ASN A 22 -20.05 16.52 -6.67
CA ASN A 22 -19.13 15.63 -5.91
C ASN A 22 -17.70 15.83 -6.44
N ILE A 23 -17.08 16.92 -6.10
CA ILE A 23 -15.70 17.17 -6.60
C ILE A 23 -14.83 17.65 -5.43
N HIS A 24 -13.53 17.51 -5.55
CA HIS A 24 -12.63 17.96 -4.45
C HIS A 24 -11.18 17.60 -4.80
N TRP A 25 -10.25 18.43 -4.41
CA TRP A 25 -8.82 18.13 -4.72
C TRP A 25 -7.92 18.87 -3.72
N CYS A 26 -8.09 18.61 -2.45
CA CYS A 26 -7.24 19.29 -1.42
C CYS A 26 -5.79 19.34 -1.93
N ASN A 27 -5.20 20.50 -1.92
CA ASN A 27 -3.80 20.63 -2.39
C ASN A 27 -2.83 20.55 -1.21
N CYS A 28 -2.03 19.53 -1.16
CA CYS A 28 -1.06 19.39 -0.04
C CYS A 28 0.34 19.76 -0.54
N PRO A 29 1.24 20.00 0.38
CA PRO A 29 2.61 20.34 0.04
C PRO A 29 3.18 19.35 -0.98
N LYS A 30 3.99 19.81 -1.88
CA LYS A 30 4.57 18.88 -2.89
C LYS A 30 5.35 17.78 -2.19
N LYS A 31 5.96 18.10 -1.08
CA LYS A 31 6.74 17.07 -0.33
C LYS A 31 5.82 16.36 0.67
N PHE A 32 4.55 16.27 0.38
CA PHE A 32 3.62 15.60 1.33
C PHE A 32 3.05 14.33 0.67
N GLY A 33 2.39 13.51 1.44
CA GLY A 33 1.82 12.26 0.87
C GLY A 33 1.16 11.45 1.99
N GLY A 34 0.59 10.33 1.66
CA GLY A 34 -0.06 9.50 2.73
C GLY A 34 -1.57 9.72 2.70
N GLN A 35 -2.29 8.83 2.06
CA GLN A 35 -3.79 8.95 2.00
C GLN A 35 -4.20 10.42 1.88
N HIS A 36 -4.39 11.07 2.98
CA HIS A 36 -4.80 12.50 2.95
C HIS A 36 -3.56 13.37 3.17
N CYS A 37 -2.52 13.13 2.42
CA CYS A 37 -1.28 13.93 2.58
C CYS A 37 -0.99 14.09 4.08
N GLU A 38 -0.64 13.02 4.74
CA GLU A 38 -0.34 13.10 6.19
C GLU A 38 1.10 12.66 6.44
N ILE A 39 1.95 12.84 5.47
CA ILE A 39 3.38 12.42 5.64
C ILE A 39 4.29 13.45 4.97
N ASP A 40 5.44 13.69 5.53
CA ASP A 40 6.37 14.68 4.92
C ASP A 40 7.37 13.96 4.02
N LYS A 41 7.00 13.68 2.80
CA LYS A 41 7.93 12.98 1.87
C LYS A 41 9.27 13.72 1.84
N SER A 42 10.23 13.19 1.14
CA SER A 42 11.56 13.85 1.06
C SER A 42 12.46 13.10 0.07
N LYS A 43 12.37 11.81 0.04
CA LYS A 43 13.21 11.03 -0.90
C LYS A 43 12.34 9.99 -1.63
N THR A 44 12.43 9.95 -2.93
CA THR A 44 11.62 8.97 -3.70
C THR A 44 12.32 7.61 -3.69
N CYS A 45 11.61 6.57 -4.03
CA CYS A 45 12.25 5.22 -4.05
C CYS A 45 12.43 4.73 -2.61
N TYR A 46 12.39 3.44 -2.41
CA TYR A 46 12.56 2.90 -1.02
C TYR A 46 13.87 3.45 -0.43
N GLU A 47 13.91 3.65 0.86
CA GLU A 47 15.15 4.18 1.49
C GLU A 47 15.93 3.02 2.12
N GLY A 48 15.50 2.57 3.27
CA GLY A 48 16.22 1.44 3.94
C GLY A 48 16.36 0.27 2.96
N ASN A 49 17.00 -0.79 3.37
CA ASN A 49 17.18 -1.95 2.47
C ASN A 49 15.80 -2.50 2.06
N GLY A 50 14.93 -2.68 3.01
CA GLY A 50 13.57 -3.21 2.68
C GLY A 50 12.92 -3.76 3.95
N HIS A 51 13.62 -4.54 4.71
CA HIS A 51 13.03 -5.10 5.96
C HIS A 51 12.43 -3.97 6.79
N PHE A 52 13.03 -2.80 6.75
CA PHE A 52 12.48 -1.66 7.54
C PHE A 52 11.81 -0.67 6.59
N TYR A 53 10.54 -0.81 6.35
CA TYR A 53 9.83 0.12 5.44
C TYR A 53 8.36 -0.29 5.32
N ARG A 54 7.54 0.56 4.76
CA ARG A 54 6.10 0.22 4.63
C ARG A 54 5.75 0.11 3.13
N GLY A 55 6.66 -0.34 2.33
CA GLY A 55 6.38 -0.47 0.87
C GLY A 55 5.27 -1.49 0.65
N LYS A 56 4.61 -1.42 -0.47
CA LYS A 56 3.51 -2.40 -0.74
C LYS A 56 4.03 -3.52 -1.64
N ALA A 57 4.20 -3.25 -2.91
CA ALA A 57 4.72 -4.30 -3.83
C ALA A 57 4.01 -5.62 -3.56
N SER A 58 2.70 -5.59 -3.48
CA SER A 58 1.94 -6.85 -3.20
C SER A 58 2.21 -7.86 -4.32
N THR A 59 2.74 -7.41 -5.42
CA THR A 59 3.02 -8.36 -6.54
C THR A 59 4.48 -8.83 -6.47
N ASP A 60 4.89 -9.63 -7.41
CA ASP A 60 6.30 -10.13 -7.41
C ASP A 60 7.13 -9.28 -8.38
N THR A 61 8.21 -9.82 -8.92
CA THR A 61 9.04 -9.04 -9.87
C THR A 61 8.45 -9.16 -11.27
N MET A 62 7.22 -9.56 -11.38
CA MET A 62 6.60 -9.69 -12.72
C MET A 62 5.29 -8.89 -12.73
N GLY A 63 4.54 -8.98 -11.67
CA GLY A 63 3.27 -8.22 -11.59
C GLY A 63 2.21 -9.07 -10.89
N ARG A 64 2.33 -10.36 -10.97
CA ARG A 64 1.33 -11.24 -10.29
C ARG A 64 1.13 -10.73 -8.87
N PRO A 65 -0.03 -10.99 -8.32
CA PRO A 65 -0.34 -10.58 -6.96
C PRO A 65 0.42 -11.47 -5.97
N CYS A 66 1.19 -12.40 -6.46
CA CYS A 66 1.95 -13.29 -5.53
C CYS A 66 0.98 -14.23 -4.83
N LEU A 67 1.47 -15.27 -4.21
CA LEU A 67 0.55 -16.20 -3.49
C LEU A 67 0.25 -15.64 -2.10
N PRO A 68 -1.00 -15.29 -1.87
CA PRO A 68 -1.39 -14.75 -0.59
C PRO A 68 -0.88 -15.66 0.52
N TRP A 69 -0.42 -15.11 1.61
CA TRP A 69 0.11 -15.97 2.71
C TRP A 69 -0.89 -17.10 3.02
N ASN A 70 -2.14 -16.93 2.66
CA ASN A 70 -3.15 -17.99 2.95
C ASN A 70 -2.97 -19.16 1.96
N SER A 71 -2.71 -18.86 0.72
CA SER A 71 -2.52 -19.91 -0.31
C SER A 71 -1.84 -21.13 0.31
N ALA A 72 -2.60 -22.14 0.57
CA ALA A 72 -2.06 -23.38 1.20
C ALA A 72 -0.62 -23.64 0.73
N THR A 73 -0.30 -23.29 -0.49
CA THR A 73 1.08 -23.51 -0.97
C THR A 73 2.06 -22.75 -0.08
N VAL A 74 1.91 -21.45 0.00
CA VAL A 74 2.81 -20.65 0.85
C VAL A 74 2.67 -21.15 2.29
N LEU A 75 1.49 -21.56 2.68
CA LEU A 75 1.30 -22.08 4.06
C LEU A 75 2.32 -23.20 4.26
N GLN A 76 2.54 -23.97 3.22
CA GLN A 76 3.53 -25.07 3.30
C GLN A 76 4.92 -24.47 3.45
N GLN A 77 5.16 -23.36 2.81
CA GLN A 77 6.49 -22.69 2.91
C GLN A 77 6.63 -22.05 4.30
N THR A 78 7.34 -20.95 4.38
CA THR A 78 7.50 -20.26 5.69
C THR A 78 6.70 -18.95 5.67
N TYR A 79 7.23 -17.92 6.31
CA TYR A 79 6.55 -16.58 6.37
C TYR A 79 5.24 -16.57 5.59
N HIS A 80 4.24 -17.20 6.12
CA HIS A 80 2.93 -17.25 5.43
C HIS A 80 1.83 -16.89 6.44
N ALA A 81 0.66 -17.48 6.30
CA ALA A 81 -0.44 -17.17 7.26
C ALA A 81 -0.75 -18.38 8.13
N HIS A 82 0.22 -18.90 8.83
CA HIS A 82 -0.03 -20.09 9.69
C HIS A 82 1.26 -20.52 10.40
N ARG A 83 2.05 -19.58 10.84
CA ARG A 83 3.31 -19.96 11.53
C ARG A 83 3.65 -18.93 12.61
N SER A 84 4.82 -18.99 13.17
CA SER A 84 5.20 -18.01 14.23
C SER A 84 6.11 -16.93 13.63
N ASP A 85 6.04 -16.73 12.34
CA ASP A 85 6.90 -15.69 11.70
C ASP A 85 6.01 -14.59 11.13
N ALA A 86 4.73 -14.79 11.09
CA ALA A 86 3.81 -13.74 10.55
C ALA A 86 3.73 -12.59 11.54
N LEU A 87 4.40 -12.69 12.65
CA LEU A 87 4.37 -11.60 13.66
C LEU A 87 5.37 -10.51 13.28
N GLN A 88 6.49 -10.88 12.73
CA GLN A 88 7.50 -9.86 12.34
C GLN A 88 7.07 -9.20 11.04
N LEU A 89 6.20 -9.84 10.30
CA LEU A 89 5.72 -9.25 9.02
C LEU A 89 4.21 -9.14 9.05
N GLY A 90 3.59 -9.52 10.14
CA GLY A 90 2.10 -9.46 10.20
C GLY A 90 1.53 -10.06 8.92
N LEU A 91 1.67 -11.35 8.73
CA LEU A 91 1.11 -11.98 7.50
C LEU A 91 -0.29 -12.49 7.82
N GLY A 92 -0.85 -13.33 6.98
CA GLY A 92 -2.22 -13.85 7.27
C GLY A 92 -3.05 -13.88 5.98
N LYS A 93 -4.30 -13.51 6.07
CA LYS A 93 -5.16 -13.51 4.85
C LYS A 93 -4.89 -12.27 4.00
N HIS A 94 -3.88 -12.32 3.18
CA HIS A 94 -3.56 -11.15 2.32
C HIS A 94 -2.27 -11.45 1.55
N ASN A 95 -1.75 -10.50 0.81
CA ASN A 95 -0.49 -10.78 0.05
C ASN A 95 0.43 -9.56 0.07
N TYR A 96 1.47 -9.60 0.86
CA TYR A 96 2.43 -8.46 0.91
C TYR A 96 3.81 -8.95 0.47
N CYS A 97 4.82 -8.14 0.63
CA CYS A 97 6.19 -8.58 0.23
C CYS A 97 7.07 -8.64 1.49
N ARG A 98 7.06 -7.62 2.29
CA ARG A 98 7.90 -7.63 3.53
C ARG A 98 9.28 -8.21 3.21
N ASN A 99 10.01 -8.61 4.22
CA ASN A 99 11.37 -9.18 3.98
C ASN A 99 11.87 -9.88 5.24
N PRO A 100 11.11 -10.84 5.71
CA PRO A 100 11.45 -11.59 6.92
C PRO A 100 12.57 -12.63 6.65
N ASP A 101 13.53 -12.32 5.83
CA ASP A 101 14.62 -13.30 5.57
C ASP A 101 15.93 -12.53 5.34
N ASN A 102 16.73 -12.94 4.40
CA ASN A 102 18.02 -12.23 4.15
C ASN A 102 18.05 -11.69 2.72
N ARG A 103 17.42 -10.56 2.50
CA ARG A 103 17.41 -9.99 1.12
C ARG A 103 17.36 -8.46 1.22
N ARG A 104 18.19 -7.78 0.47
CA ARG A 104 18.19 -6.30 0.51
C ARG A 104 16.88 -5.77 -0.08
N ARG A 105 16.10 -6.64 -0.66
CA ARG A 105 14.81 -6.19 -1.27
C ARG A 105 13.67 -7.04 -0.69
N PRO A 106 12.47 -6.49 -0.74
CA PRO A 106 11.29 -7.17 -0.23
C PRO A 106 10.93 -8.35 -1.15
N TRP A 107 10.52 -9.45 -0.58
CA TRP A 107 10.16 -10.62 -1.43
C TRP A 107 8.88 -11.28 -0.91
N CYS A 108 8.16 -11.95 -1.75
CA CYS A 108 6.90 -12.62 -1.31
C CYS A 108 6.85 -14.03 -1.89
N TYR A 109 6.19 -14.93 -1.22
CA TYR A 109 6.09 -16.33 -1.72
C TYR A 109 5.25 -16.33 -3.01
N VAL A 110 5.88 -16.10 -4.14
CA VAL A 110 5.10 -16.09 -5.41
C VAL A 110 5.34 -17.41 -6.15
N GLN A 111 4.29 -18.01 -6.65
CA GLN A 111 4.44 -19.30 -7.38
C GLN A 111 5.46 -19.15 -8.50
N VAL A 112 6.39 -20.07 -8.59
CA VAL A 112 7.41 -20.01 -9.66
C VAL A 112 7.29 -21.26 -10.54
N GLY A 113 6.10 -21.78 -10.66
CA GLY A 113 5.91 -23.00 -11.49
C GLY A 113 5.20 -24.07 -10.66
N LEU A 114 5.81 -24.50 -9.59
CA LEU A 114 5.17 -25.55 -8.74
C LEU A 114 5.52 -25.34 -7.26
N LYS A 115 6.29 -24.33 -6.94
CA LYS A 115 6.65 -24.09 -5.51
C LYS A 115 6.78 -22.58 -5.27
N PRO A 116 5.95 -22.06 -4.40
CA PRO A 116 5.98 -20.63 -4.09
C PRO A 116 7.39 -20.22 -3.70
N LEU A 117 8.14 -19.69 -4.62
CA LEU A 117 9.53 -19.27 -4.30
C LEU A 117 9.53 -17.79 -3.93
N VAL A 118 10.25 -17.41 -2.91
CA VAL A 118 10.26 -15.97 -2.52
C VAL A 118 11.05 -15.18 -3.55
N GLN A 119 10.42 -14.24 -4.19
CA GLN A 119 11.12 -13.41 -5.20
C GLN A 119 11.22 -11.98 -4.66
N GLU A 120 12.22 -11.24 -5.06
CA GLU A 120 12.33 -9.85 -4.55
C GLU A 120 11.31 -8.96 -5.28
N CYS A 121 10.09 -8.94 -4.82
CA CYS A 121 9.03 -8.13 -5.47
C CYS A 121 9.64 -6.84 -6.04
N MET A 122 9.91 -6.81 -7.33
CA MET A 122 10.51 -5.59 -7.94
C MET A 122 9.82 -4.34 -7.39
N VAL A 123 10.58 -3.32 -7.09
CA VAL A 123 9.97 -2.08 -6.55
C VAL A 123 10.61 -0.86 -7.24
N HIS A 124 11.05 -1.03 -8.45
CA HIS A 124 11.67 0.13 -9.18
C HIS A 124 10.58 1.09 -9.63
N ASP A 125 10.82 1.80 -10.71
CA ASP A 125 9.79 2.76 -11.21
C ASP A 125 9.79 4.00 -10.33
N CYS A 126 10.84 4.78 -10.39
CA CYS A 126 10.90 6.01 -9.56
C CYS A 126 10.89 7.25 -10.47
N ALA A 127 11.26 8.38 -9.94
CA ALA A 127 11.28 9.61 -10.78
C ALA A 127 12.71 10.12 -10.91
N ASP A 128 13.40 9.72 -11.95
CA ASP A 128 14.80 10.18 -12.14
C ASP A 128 15.71 9.48 -11.11
N GLY A 129 15.82 8.19 -11.18
CA GLY A 129 16.68 7.46 -10.20
C GLY A 129 17.93 6.94 -10.92
N LYS A 130 18.30 7.55 -12.01
CA LYS A 130 19.51 7.09 -12.75
C LYS A 130 19.75 8.01 -13.95
C1 FUC B . -4.16 25.98 2.82
C2 FUC B . -3.17 25.85 3.98
C3 FUC B . -1.82 26.45 3.56
C4 FUC B . -2.06 27.89 3.13
C5 FUC B . -3.07 27.93 2.01
C6 FUC B . -3.37 29.34 1.52
O2 FUC B . -3.00 24.49 4.33
O3 FUC B . -0.91 26.40 4.64
O4 FUC B . -2.54 28.63 4.24
O5 FUC B . -4.31 27.35 2.45
N GLN A 1 4.50 19.91 29.75
CA GLN A 1 3.26 20.03 28.92
C GLN A 1 3.53 20.95 27.73
N VAL A 2 3.43 20.44 26.54
CA VAL A 2 3.69 21.29 25.33
C VAL A 2 2.73 20.87 24.20
N PRO A 3 1.58 21.52 24.17
CA PRO A 3 0.58 21.24 23.16
C PRO A 3 1.20 21.27 21.77
N SER A 4 2.33 21.93 21.63
CA SER A 4 2.99 22.00 20.29
C SER A 4 4.07 20.91 20.19
N ASN A 5 3.67 19.69 19.96
CA ASN A 5 4.66 18.59 19.85
C ASN A 5 4.61 17.97 18.45
N CYS A 6 4.74 18.77 17.44
CA CYS A 6 4.68 18.23 16.05
C CYS A 6 3.32 17.59 15.81
N ASP A 7 2.75 17.79 14.64
CA ASP A 7 1.43 17.20 14.34
C ASP A 7 1.59 16.05 13.35
N CYS A 8 2.74 15.42 13.34
CA CYS A 8 2.97 14.29 12.40
C CYS A 8 4.07 13.37 12.95
N LEU A 9 4.13 12.15 12.49
CA LEU A 9 5.19 11.23 13.01
C LEU A 9 5.22 9.96 12.14
N ASN A 10 5.77 8.88 12.65
CA ASN A 10 5.83 7.63 11.84
C ASN A 10 6.58 7.91 10.53
N GLY A 11 7.44 8.89 10.54
CA GLY A 11 8.20 9.21 9.31
C GLY A 11 7.81 10.61 8.83
N GLY A 12 7.10 11.34 9.64
CA GLY A 12 6.69 12.71 9.24
C GLY A 12 7.73 13.72 9.76
N THR A 13 8.33 14.48 8.90
CA THR A 13 9.35 15.46 9.34
C THR A 13 8.68 16.55 10.17
N CYS A 14 9.19 16.80 11.35
CA CYS A 14 8.58 17.85 12.20
C CYS A 14 9.41 19.14 12.10
N VAL A 15 8.79 20.22 11.73
CA VAL A 15 9.55 21.51 11.61
C VAL A 15 9.29 22.36 12.85
N SER A 16 10.08 23.38 13.06
CA SER A 16 9.88 24.24 14.26
C SER A 16 10.17 25.70 13.91
N ASN A 17 9.15 26.49 13.75
CA ASN A 17 9.35 27.93 13.41
C ASN A 17 10.49 28.49 14.27
N LYS A 18 11.05 29.60 13.88
CA LYS A 18 12.16 30.19 14.68
C LYS A 18 11.95 31.70 14.87
N TYR A 19 11.65 32.42 13.82
CA TYR A 19 11.45 33.88 13.97
C TYR A 19 10.38 34.41 13.01
N PHE A 20 9.27 33.73 12.87
CA PHE A 20 8.20 34.24 11.97
C PHE A 20 6.91 34.41 12.79
N SER A 21 7.03 34.57 14.08
CA SER A 21 5.82 34.77 14.93
C SER A 21 5.15 33.43 15.24
N ASN A 22 5.81 32.57 15.97
CA ASN A 22 5.21 31.25 16.31
C ASN A 22 4.58 30.61 15.07
N ILE A 23 5.30 29.74 14.42
CA ILE A 23 4.76 29.07 13.21
C ILE A 23 5.26 27.62 13.14
N HIS A 24 4.89 26.81 14.08
CA HIS A 24 5.33 25.39 14.06
C HIS A 24 4.26 24.55 13.35
N TRP A 25 4.66 23.60 12.54
CA TRP A 25 3.65 22.77 11.82
C TRP A 25 4.25 21.41 11.48
N CYS A 26 3.42 20.39 11.40
CA CYS A 26 3.93 19.03 11.08
C CYS A 26 4.33 18.96 9.60
N ASN A 27 5.21 18.07 9.25
CA ASN A 27 5.63 17.96 7.82
C ASN A 27 5.66 16.49 7.39
N CYS A 28 4.54 15.82 7.43
CA CYS A 28 4.52 14.38 7.01
C CYS A 28 4.33 14.31 5.50
N PRO A 29 4.72 13.20 4.92
CA PRO A 29 4.60 12.99 3.49
C PRO A 29 3.14 12.85 3.08
N LYS A 30 2.85 12.99 1.82
CA LYS A 30 1.44 12.86 1.35
C LYS A 30 0.96 11.42 1.57
N LYS A 31 1.88 10.50 1.67
CA LYS A 31 1.49 9.08 1.87
C LYS A 31 1.25 8.83 3.36
N PHE A 32 1.21 9.87 4.15
CA PHE A 32 0.99 9.68 5.61
C PHE A 32 -0.39 10.24 5.99
N GLY A 33 -0.81 10.01 7.21
CA GLY A 33 -2.14 10.51 7.65
C GLY A 33 -2.46 9.93 9.03
N GLY A 34 -3.64 10.19 9.52
CA GLY A 34 -4.02 9.65 10.86
C GLY A 34 -3.64 10.65 11.95
N GLN A 35 -4.60 11.38 12.45
CA GLN A 35 -4.35 12.38 13.52
C GLN A 35 -2.98 13.04 13.34
N HIS A 36 -1.95 12.46 13.88
CA HIS A 36 -0.59 13.05 13.75
C HIS A 36 0.17 12.33 12.65
N CYS A 37 -0.42 12.18 11.50
CA CYS A 37 0.26 11.49 10.36
C CYS A 37 1.00 10.25 10.89
N GLU A 38 0.27 9.36 11.53
CA GLU A 38 0.91 8.11 12.06
C GLU A 38 0.48 6.92 11.21
N ILE A 39 0.09 7.16 9.98
CA ILE A 39 -0.36 6.04 9.12
C ILE A 39 0.16 6.26 7.70
N ASP A 40 0.77 5.26 7.11
CA ASP A 40 1.29 5.41 5.73
C ASP A 40 0.25 4.90 4.72
N LYS A 41 -0.61 5.76 4.27
CA LYS A 41 -1.65 5.31 3.29
C LYS A 41 -0.97 4.68 2.08
N SER A 42 -1.72 4.30 1.08
CA SER A 42 -1.11 3.67 -0.12
C SER A 42 -2.21 3.08 -1.01
N LYS A 43 -2.17 3.37 -2.28
CA LYS A 43 -3.21 2.82 -3.20
C LYS A 43 -2.72 1.50 -3.79
N THR A 44 -1.59 1.02 -3.35
CA THR A 44 -1.07 -0.26 -3.89
C THR A 44 -1.06 -1.32 -2.77
N CYS A 45 -1.62 -2.47 -3.03
CA CYS A 45 -1.65 -3.53 -1.99
C CYS A 45 -2.32 -2.99 -0.73
N TYR A 46 -3.26 -2.08 -0.90
CA TYR A 46 -3.98 -1.50 0.27
C TYR A 46 -3.04 -1.37 1.47
N GLU A 47 -1.80 -1.01 1.23
CA GLU A 47 -0.82 -0.88 2.35
C GLU A 47 -1.51 -0.21 3.55
N GLY A 48 -1.80 -0.98 4.57
CA GLY A 48 -2.46 -0.40 5.78
C GLY A 48 -3.38 -1.46 6.40
N ASN A 49 -4.48 -1.03 6.95
CA ASN A 49 -5.41 -2.02 7.58
C ASN A 49 -6.50 -2.40 6.57
N GLY A 50 -7.26 -1.46 6.09
CA GLY A 50 -8.32 -1.78 5.11
C GLY A 50 -9.65 -1.19 5.57
N HIS A 51 -9.73 -0.72 6.78
CA HIS A 51 -11.01 -0.15 7.27
C HIS A 51 -11.57 0.83 6.24
N PHE A 52 -10.73 1.36 5.39
CA PHE A 52 -11.23 2.32 4.36
C PHE A 52 -11.12 1.66 2.98
N TYR A 53 -10.71 2.41 1.99
CA TYR A 53 -10.60 1.83 0.62
C TYR A 53 -11.98 1.39 0.14
N ARG A 54 -12.06 0.82 -1.04
CA ARG A 54 -13.39 0.38 -1.56
C ARG A 54 -13.20 -0.70 -2.62
N GLY A 55 -12.17 -1.49 -2.51
CA GLY A 55 -11.93 -2.56 -3.51
C GLY A 55 -13.16 -3.47 -3.57
N LYS A 56 -13.02 -4.65 -4.13
CA LYS A 56 -14.18 -5.58 -4.21
C LYS A 56 -14.02 -6.69 -3.17
N ALA A 57 -13.30 -7.73 -3.51
CA ALA A 57 -13.10 -8.85 -2.54
C ALA A 57 -14.41 -9.15 -1.82
N SER A 58 -15.46 -9.44 -2.55
CA SER A 58 -16.76 -9.73 -1.89
C SER A 58 -16.73 -11.14 -1.29
N THR A 59 -15.75 -11.92 -1.66
CA THR A 59 -15.67 -13.31 -1.11
C THR A 59 -14.64 -13.34 0.02
N ASP A 60 -14.66 -14.37 0.82
CA ASP A 60 -13.67 -14.47 1.93
C ASP A 60 -12.32 -14.98 1.40
N THR A 61 -11.55 -15.64 2.21
CA THR A 61 -10.23 -16.16 1.75
C THR A 61 -10.42 -17.54 1.10
N MET A 62 -11.60 -17.82 0.63
CA MET A 62 -11.83 -19.14 -0.01
C MET A 62 -12.41 -18.92 -1.40
N GLY A 63 -13.24 -17.93 -1.53
CA GLY A 63 -13.86 -17.64 -2.86
C GLY A 63 -15.37 -17.55 -2.71
N ARG A 64 -15.90 -17.99 -1.61
CA ARG A 64 -17.37 -17.92 -1.41
C ARG A 64 -17.76 -16.44 -1.32
N PRO A 65 -18.95 -16.14 -1.77
CA PRO A 65 -19.45 -14.77 -1.75
C PRO A 65 -19.75 -14.35 -0.30
N CYS A 66 -19.55 -15.23 0.64
CA CYS A 66 -19.81 -14.86 2.06
C CYS A 66 -21.31 -14.67 2.26
N LEU A 67 -21.73 -14.40 3.47
CA LEU A 67 -23.19 -14.20 3.73
C LEU A 67 -23.50 -12.70 3.71
N PRO A 68 -24.63 -12.35 3.16
CA PRO A 68 -25.06 -10.96 3.10
C PRO A 68 -25.43 -10.49 4.51
N TRP A 69 -25.09 -9.29 4.86
CA TRP A 69 -25.42 -8.79 6.23
C TRP A 69 -26.93 -8.99 6.50
N ASN A 70 -27.72 -9.14 5.47
CA ASN A 70 -29.19 -9.34 5.69
C ASN A 70 -29.44 -10.75 6.22
N SER A 71 -28.71 -11.72 5.72
CA SER A 71 -28.88 -13.13 6.16
C SER A 71 -29.17 -13.16 7.66
N ALA A 72 -30.40 -13.37 8.01
CA ALA A 72 -30.80 -13.40 9.45
C ALA A 72 -29.68 -13.94 10.32
N THR A 73 -28.89 -14.87 9.83
CA THR A 73 -27.77 -15.41 10.64
C THR A 73 -26.86 -14.26 11.06
N VAL A 74 -26.29 -13.57 10.12
CA VAL A 74 -25.41 -12.44 10.47
C VAL A 74 -26.25 -11.38 11.20
N LEU A 75 -27.44 -11.12 10.72
CA LEU A 75 -28.31 -10.13 11.41
C LEU A 75 -28.29 -10.48 12.90
N GLN A 76 -28.06 -11.72 13.19
CA GLN A 76 -28.00 -12.19 14.60
C GLN A 76 -26.62 -11.91 15.19
N GLN A 77 -25.58 -12.12 14.41
CA GLN A 77 -24.20 -11.87 14.91
C GLN A 77 -24.00 -10.36 15.14
N THR A 78 -22.78 -9.89 14.97
CA THR A 78 -22.51 -8.44 15.19
C THR A 78 -22.72 -7.67 13.88
N TYR A 79 -21.73 -6.93 13.41
CA TYR A 79 -21.91 -6.17 12.13
C TYR A 79 -22.73 -6.99 11.15
N HIS A 80 -24.00 -6.69 11.07
CA HIS A 80 -24.90 -7.48 10.19
C HIS A 80 -25.91 -6.57 9.47
N ALA A 81 -25.88 -5.29 9.75
CA ALA A 81 -26.83 -4.33 9.10
C ALA A 81 -28.11 -4.21 9.94
N HIS A 82 -27.99 -3.93 11.21
CA HIS A 82 -29.20 -3.76 12.06
C HIS A 82 -28.78 -3.51 13.52
N ARG A 83 -27.67 -2.86 13.72
CA ARG A 83 -27.22 -2.59 15.12
C ARG A 83 -27.08 -1.07 15.30
N SER A 84 -26.24 -0.66 16.21
CA SER A 84 -26.05 0.79 16.44
C SER A 84 -24.71 1.22 15.85
N ASP A 85 -24.00 0.31 15.23
CA ASP A 85 -22.68 0.66 14.63
C ASP A 85 -22.69 0.30 13.15
N ALA A 86 -23.72 -0.37 12.70
CA ALA A 86 -23.79 -0.75 11.27
C ALA A 86 -24.13 0.50 10.44
N LEU A 87 -24.58 1.53 11.09
CA LEU A 87 -24.91 2.77 10.34
C LEU A 87 -23.66 3.63 10.17
N GLN A 88 -22.61 3.29 10.86
CA GLN A 88 -21.34 4.07 10.71
C GLN A 88 -20.56 3.51 9.53
N LEU A 89 -20.74 2.24 9.27
CA LEU A 89 -20.02 1.59 8.13
C LEU A 89 -20.98 1.47 6.95
N GLY A 90 -22.24 1.73 7.16
CA GLY A 90 -23.22 1.63 6.04
C GLY A 90 -23.20 0.20 5.47
N LEU A 91 -23.96 -0.68 6.05
CA LEU A 91 -23.99 -2.08 5.54
C LEU A 91 -25.19 -2.24 4.58
N GLY A 92 -26.37 -2.33 5.12
CA GLY A 92 -27.57 -2.49 4.23
C GLY A 92 -27.76 -3.95 3.88
N LYS A 93 -28.35 -4.23 2.74
CA LYS A 93 -28.56 -5.65 2.34
C LYS A 93 -27.64 -5.99 1.16
N HIS A 94 -26.45 -6.46 1.44
CA HIS A 94 -25.52 -6.81 0.34
C HIS A 94 -24.57 -7.92 0.81
N ASN A 95 -23.81 -8.47 -0.08
CA ASN A 95 -22.86 -9.57 0.31
C ASN A 95 -21.43 -9.11 0.09
N TYR A 96 -21.00 -8.10 0.79
CA TYR A 96 -19.60 -7.60 0.62
C TYR A 96 -18.77 -7.98 1.84
N CYS A 97 -17.51 -7.62 1.86
CA CYS A 97 -16.66 -7.96 3.03
C CYS A 97 -16.66 -6.79 4.03
N ARG A 98 -16.28 -5.62 3.58
CA ARG A 98 -16.26 -4.44 4.49
C ARG A 98 -15.29 -4.70 5.65
N ASN A 99 -15.30 -3.85 6.64
CA ASN A 99 -14.38 -4.03 7.80
C ASN A 99 -14.82 -3.12 8.94
N PRO A 100 -16.00 -3.36 9.44
CA PRO A 100 -16.56 -2.57 10.53
C PRO A 100 -15.85 -2.88 11.84
N ASP A 101 -14.91 -3.79 11.81
CA ASP A 101 -14.17 -4.14 13.06
C ASP A 101 -12.66 -4.11 12.77
N ASN A 102 -11.98 -3.12 13.27
CA ASN A 102 -10.50 -3.01 13.04
C ASN A 102 -9.86 -4.39 13.05
N ARG A 103 -9.77 -5.01 11.91
CA ARG A 103 -9.17 -6.37 11.84
C ARG A 103 -7.92 -6.32 10.96
N ARG A 104 -7.50 -5.16 10.57
CA ARG A 104 -6.28 -5.05 9.70
C ARG A 104 -6.49 -5.88 8.44
N ARG A 105 -7.72 -6.14 8.08
CA ARG A 105 -7.98 -6.95 6.86
C ARG A 105 -9.50 -7.07 6.65
N PRO A 106 -9.98 -6.64 5.50
CA PRO A 106 -11.40 -6.70 5.18
C PRO A 106 -11.95 -8.11 5.41
N TRP A 107 -12.67 -8.30 6.47
CA TRP A 107 -13.26 -9.65 6.75
C TRP A 107 -14.74 -9.63 6.40
N CYS A 108 -15.37 -10.78 6.37
CA CYS A 108 -16.82 -10.81 6.05
C CYS A 108 -17.50 -11.95 6.81
N TYR A 109 -18.74 -11.80 7.14
CA TYR A 109 -19.47 -12.87 7.88
C TYR A 109 -19.80 -14.01 6.90
N VAL A 110 -18.85 -14.85 6.61
CA VAL A 110 -19.11 -15.98 5.67
C VAL A 110 -19.47 -17.24 6.48
N GLN A 111 -20.42 -18.00 6.01
CA GLN A 111 -20.82 -19.22 6.74
C GLN A 111 -19.63 -20.18 6.88
N VAL A 112 -19.29 -20.53 8.08
CA VAL A 112 -18.14 -21.46 8.29
C VAL A 112 -18.66 -22.76 8.90
N GLY A 113 -19.94 -23.00 8.78
CA GLY A 113 -20.51 -24.25 9.34
C GLY A 113 -21.38 -23.91 10.55
N LEU A 114 -20.86 -24.05 11.73
CA LEU A 114 -21.65 -23.74 12.94
C LEU A 114 -22.30 -22.36 12.80
N LYS A 115 -21.49 -21.35 12.62
CA LYS A 115 -22.04 -19.97 12.47
C LYS A 115 -21.15 -19.14 11.54
N PRO A 116 -21.74 -18.17 10.90
CA PRO A 116 -21.01 -17.28 10.00
C PRO A 116 -19.79 -16.68 10.72
N LEU A 117 -18.62 -17.09 10.35
CA LEU A 117 -17.40 -16.53 11.00
C LEU A 117 -16.81 -15.43 10.13
N VAL A 118 -16.22 -14.43 10.72
CA VAL A 118 -15.63 -13.33 9.91
C VAL A 118 -14.29 -13.80 9.33
N GLN A 119 -14.18 -13.85 8.03
CA GLN A 119 -12.91 -14.29 7.42
C GLN A 119 -12.29 -13.12 6.66
N GLU A 120 -11.09 -12.75 7.01
CA GLU A 120 -10.43 -11.61 6.31
C GLU A 120 -10.40 -11.91 4.81
N CYS A 121 -11.42 -11.52 4.10
CA CYS A 121 -11.48 -11.79 2.63
C CYS A 121 -10.09 -11.61 2.01
N MET A 122 -9.51 -12.67 1.51
CA MET A 122 -8.16 -12.57 0.90
C MET A 122 -8.08 -11.31 0.03
N VAL A 123 -7.14 -10.44 0.29
CA VAL A 123 -7.01 -9.21 -0.52
C VAL A 123 -5.54 -8.98 -0.89
N HIS A 124 -4.84 -10.04 -1.21
CA HIS A 124 -3.40 -9.88 -1.57
C HIS A 124 -3.22 -10.12 -3.07
N ASP A 125 -2.09 -10.62 -3.48
CA ASP A 125 -1.86 -10.87 -4.93
C ASP A 125 -1.70 -9.53 -5.65
N CYS A 126 -0.72 -8.75 -5.27
CA CYS A 126 -0.51 -7.44 -5.94
C CYS A 126 0.42 -7.62 -7.14
N ALA A 127 0.18 -8.62 -7.93
CA ALA A 127 1.06 -8.85 -9.12
C ALA A 127 0.45 -8.16 -10.35
N ASP A 128 -0.51 -7.30 -10.14
CA ASP A 128 -1.14 -6.60 -11.29
C ASP A 128 -1.29 -5.11 -10.96
N GLY A 129 -0.41 -4.59 -10.15
CA GLY A 129 -0.49 -3.14 -9.80
C GLY A 129 0.76 -2.42 -10.28
N LYS A 130 1.86 -3.12 -10.41
CA LYS A 130 3.11 -2.47 -10.88
C LYS A 130 3.50 -1.35 -9.92
C1 FUC B . 11.55 15.68 6.38
C2 FUC B . 12.05 14.58 5.43
C3 FUC B . 10.85 13.92 4.75
C4 FUC B . 10.05 15.00 4.04
C5 FUC B . 9.62 16.06 5.05
C6 FUC B . 8.82 17.18 4.42
O2 FUC B . 12.80 13.62 6.14
O3 FUC B . 11.30 12.95 3.82
O4 FUC B . 10.85 15.60 3.03
O5 FUC B . 10.78 16.65 5.66
N GLN A 1 -13.31 52.60 1.33
CA GLN A 1 -13.79 51.61 2.32
C GLN A 1 -14.40 50.41 1.59
N VAL A 2 -13.59 49.44 1.25
CA VAL A 2 -14.13 48.24 0.53
C VAL A 2 -14.19 47.06 1.50
N PRO A 3 -15.09 46.14 1.21
CA PRO A 3 -15.27 44.96 2.04
C PRO A 3 -13.92 44.27 2.29
N SER A 4 -13.03 44.35 1.34
CA SER A 4 -11.69 43.71 1.51
C SER A 4 -10.82 43.99 0.28
N ASN A 5 -9.53 43.91 0.44
CA ASN A 5 -8.62 44.17 -0.72
C ASN A 5 -7.29 43.47 -0.50
N CYS A 6 -7.32 42.25 -0.05
CA CYS A 6 -6.05 41.51 0.20
C CYS A 6 -5.67 40.72 -1.06
N ASP A 7 -4.94 39.64 -0.90
CA ASP A 7 -4.54 38.84 -2.08
C ASP A 7 -4.71 37.35 -1.76
N CYS A 8 -5.83 36.97 -1.21
CA CYS A 8 -6.04 35.54 -0.88
C CYS A 8 -7.54 35.28 -0.69
N LEU A 9 -8.02 34.17 -1.21
CA LEU A 9 -9.47 33.87 -1.07
C LEU A 9 -9.66 32.37 -0.82
N ASN A 10 -10.81 31.85 -1.11
CA ASN A 10 -11.05 30.40 -0.89
C ASN A 10 -10.95 30.09 0.61
N GLY A 11 -11.22 31.07 1.43
CA GLY A 11 -11.14 30.86 2.90
C GLY A 11 -9.75 31.23 3.39
N GLY A 12 -9.05 32.01 2.63
CA GLY A 12 -7.67 32.42 3.06
C GLY A 12 -7.78 33.48 4.16
N THR A 13 -6.81 33.55 5.03
CA THR A 13 -6.85 34.56 6.12
C THR A 13 -6.03 35.78 5.72
N CYS A 14 -6.61 36.95 5.80
CA CYS A 14 -5.84 38.18 5.43
C CYS A 14 -5.23 38.80 6.70
N VAL A 15 -4.05 39.32 6.60
CA VAL A 15 -3.40 39.92 7.79
C VAL A 15 -2.85 41.31 7.43
N SER A 16 -2.16 41.94 8.35
CA SER A 16 -1.60 43.29 8.05
C SER A 16 -0.72 43.75 9.22
N ASN A 17 0.42 44.30 8.94
CA ASN A 17 1.32 44.76 10.03
C ASN A 17 1.16 46.27 10.23
N LYS A 18 1.71 46.79 11.29
CA LYS A 18 1.60 48.26 11.55
C LYS A 18 2.91 48.75 12.15
N TYR A 19 3.45 48.02 13.09
CA TYR A 19 4.74 48.44 13.72
C TYR A 19 5.89 47.74 12.99
N PHE A 20 5.77 47.59 11.70
CA PHE A 20 6.83 46.90 10.92
C PHE A 20 7.02 47.63 9.58
N SER A 21 6.67 48.88 9.53
CA SER A 21 6.83 49.64 8.27
C SER A 21 5.72 49.25 7.29
N ASN A 22 4.61 48.78 7.80
CA ASN A 22 3.50 48.36 6.91
C ASN A 22 3.94 47.18 6.05
N ILE A 23 3.88 45.99 6.58
CA ILE A 23 4.30 44.79 5.80
C ILE A 23 3.19 43.74 5.86
N HIS A 24 2.22 43.85 4.99
CA HIS A 24 1.10 42.85 5.01
C HIS A 24 1.53 41.59 4.27
N TRP A 25 0.72 40.57 4.30
CA TRP A 25 1.08 39.31 3.60
C TRP A 25 -0.09 38.33 3.66
N CYS A 26 -0.43 37.71 2.56
CA CYS A 26 -1.58 36.75 2.55
C CYS A 26 -1.31 35.64 3.57
N ASN A 27 -2.35 35.09 4.14
CA ASN A 27 -2.16 34.01 5.14
C ASN A 27 -3.17 32.89 4.88
N CYS A 28 -3.18 32.35 3.69
CA CYS A 28 -4.14 31.25 3.39
C CYS A 28 -3.45 29.91 3.61
N PRO A 29 -4.24 28.90 3.87
CA PRO A 29 -3.72 27.55 4.11
C PRO A 29 -2.72 27.17 3.03
N LYS A 30 -1.79 26.30 3.35
CA LYS A 30 -0.76 25.90 2.35
C LYS A 30 -1.45 25.20 1.17
N LYS A 31 -2.68 24.79 1.34
CA LYS A 31 -3.39 24.10 0.23
C LYS A 31 -4.07 25.14 -0.66
N PHE A 32 -3.68 26.39 -0.54
CA PHE A 32 -4.31 27.45 -1.37
C PHE A 32 -3.22 28.25 -2.08
N GLY A 33 -3.44 28.59 -3.33
CA GLY A 33 -2.42 29.37 -4.08
C GLY A 33 -3.08 29.99 -5.32
N GLY A 34 -2.32 30.66 -6.14
CA GLY A 34 -2.90 31.29 -7.36
C GLY A 34 -3.18 32.77 -7.09
N GLN A 35 -2.35 33.63 -7.63
CA GLN A 35 -2.53 35.11 -7.45
C GLN A 35 -3.11 35.41 -6.07
N HIS A 36 -4.40 35.42 -5.94
CA HIS A 36 -5.02 35.71 -4.62
C HIS A 36 -5.37 34.40 -3.92
N CYS A 37 -4.43 33.49 -3.86
CA CYS A 37 -4.70 32.18 -3.20
C CYS A 37 -6.08 31.67 -3.61
N GLU A 38 -6.27 31.40 -4.87
CA GLU A 38 -7.60 30.90 -5.34
C GLU A 38 -7.42 29.56 -6.04
N ILE A 39 -6.54 28.74 -5.55
CA ILE A 39 -6.32 27.41 -6.19
C ILE A 39 -6.11 26.35 -5.11
N ASP A 40 -6.91 25.31 -5.10
CA ASP A 40 -6.75 24.25 -4.07
C ASP A 40 -5.67 23.26 -4.52
N LYS A 41 -4.44 23.52 -4.19
CA LYS A 41 -3.35 22.60 -4.60
C LYS A 41 -3.78 21.15 -4.35
N SER A 42 -3.73 20.71 -3.13
CA SER A 42 -4.14 19.30 -2.83
C SER A 42 -3.14 18.33 -3.46
N LYS A 43 -2.03 18.83 -3.91
CA LYS A 43 -1.00 17.94 -4.53
C LYS A 43 0.37 18.60 -4.47
N THR A 44 0.95 18.68 -3.30
CA THR A 44 2.29 19.31 -3.18
C THR A 44 3.20 18.42 -2.34
N CYS A 45 3.15 18.56 -1.04
CA CYS A 45 4.02 17.72 -0.16
C CYS A 45 3.39 17.62 1.22
N TYR A 46 3.69 16.57 1.95
CA TYR A 46 3.11 16.41 3.31
C TYR A 46 3.73 17.45 4.25
N GLU A 47 3.50 17.32 5.53
CA GLU A 47 4.08 18.29 6.49
C GLU A 47 4.00 17.71 7.91
N GLY A 48 5.01 16.99 8.31
CA GLY A 48 5.00 16.39 9.68
C GLY A 48 4.77 14.89 9.58
N ASN A 49 4.20 14.29 10.60
CA ASN A 49 3.95 12.82 10.56
C ASN A 49 2.51 12.57 10.11
N GLY A 50 2.28 12.52 8.83
CA GLY A 50 0.90 12.27 8.34
C GLY A 50 0.39 10.94 8.88
N HIS A 51 1.15 9.89 8.69
CA HIS A 51 0.73 8.54 9.20
C HIS A 51 -0.23 7.88 8.20
N PHE A 52 -1.16 8.63 7.67
CA PHE A 52 -2.12 8.03 6.70
C PHE A 52 -2.04 8.79 5.37
N TYR A 53 -1.92 10.09 5.41
CA TYR A 53 -1.82 10.88 4.16
C TYR A 53 -0.36 10.99 3.73
N ARG A 54 -0.04 10.55 2.54
CA ARG A 54 1.36 10.63 2.06
C ARG A 54 1.38 10.71 0.53
N GLY A 55 0.99 9.65 -0.12
CA GLY A 55 0.99 9.67 -1.62
C GLY A 55 1.53 8.33 -2.14
N LYS A 56 2.25 8.36 -3.23
CA LYS A 56 2.80 7.10 -3.78
C LYS A 56 4.25 6.91 -3.31
N ALA A 57 4.91 7.99 -2.99
CA ALA A 57 6.32 7.88 -2.52
C ALA A 57 6.43 6.73 -1.52
N SER A 58 6.94 5.61 -1.94
CA SER A 58 7.07 4.45 -1.00
C SER A 58 8.53 4.01 -0.92
N THR A 59 9.41 4.74 -1.54
CA THR A 59 10.85 4.35 -1.50
C THR A 59 11.45 4.78 -0.16
N ASP A 60 12.75 4.69 -0.04
CA ASP A 60 13.42 5.09 1.23
C ASP A 60 14.02 6.49 1.05
N THR A 61 15.00 6.86 1.84
CA THR A 61 15.61 8.20 1.69
C THR A 61 16.69 8.15 0.60
N MET A 62 16.67 7.12 -0.21
CA MET A 62 17.67 7.01 -1.30
C MET A 62 16.93 6.88 -2.63
N GLY A 63 15.85 6.17 -2.62
CA GLY A 63 15.06 6.00 -3.87
C GLY A 63 14.70 4.53 -4.06
N ARG A 64 15.19 3.66 -3.21
CA ARG A 64 14.86 2.22 -3.36
C ARG A 64 13.41 2.00 -2.91
N PRO A 65 12.81 0.96 -3.44
CA PRO A 65 11.44 0.63 -3.10
C PRO A 65 11.35 0.03 -1.70
N CYS A 66 12.45 -0.01 -0.99
CA CYS A 66 12.43 -0.59 0.38
C CYS A 66 12.11 -2.09 0.29
N LEU A 67 12.17 -2.78 1.40
CA LEU A 67 11.87 -4.24 1.36
C LEU A 67 10.37 -4.45 1.61
N PRO A 68 9.70 -5.03 0.65
CA PRO A 68 8.28 -5.29 0.77
C PRO A 68 8.01 -6.00 2.10
N TRP A 69 7.09 -5.50 2.88
CA TRP A 69 6.79 -6.15 4.19
C TRP A 69 6.69 -7.68 4.01
N ASN A 70 6.41 -8.14 2.82
CA ASN A 70 6.31 -9.60 2.60
C ASN A 70 7.70 -10.26 2.61
N SER A 71 8.66 -9.65 1.97
CA SER A 71 10.05 -10.21 1.93
C SER A 71 10.34 -10.90 3.26
N ALA A 72 10.32 -12.20 3.24
CA ALA A 72 10.55 -13.00 4.48
C ALA A 72 11.51 -12.30 5.43
N THR A 73 12.48 -11.59 4.92
CA THR A 73 13.41 -10.87 5.84
C THR A 73 12.59 -9.99 6.77
N VAL A 74 11.90 -9.03 6.21
CA VAL A 74 11.06 -8.14 7.04
C VAL A 74 9.94 -8.98 7.67
N LEU A 75 9.29 -9.81 6.92
CA LEU A 75 8.22 -10.66 7.52
C LEU A 75 8.77 -11.26 8.82
N GLN A 76 10.07 -11.39 8.91
CA GLN A 76 10.70 -11.95 10.14
C GLN A 76 10.75 -10.86 11.22
N GLN A 77 11.11 -9.67 10.84
CA GLN A 77 11.19 -8.53 11.81
C GLN A 77 9.85 -8.35 12.53
N THR A 78 9.56 -7.16 12.95
CA THR A 78 8.26 -6.88 13.65
C THR A 78 7.25 -6.32 12.64
N TYR A 79 7.28 -5.04 12.40
CA TYR A 79 6.32 -4.43 11.42
C TYR A 79 6.65 -4.92 10.02
N HIS A 80 6.11 -6.05 9.65
CA HIS A 80 6.42 -6.62 8.31
C HIS A 80 5.17 -7.17 7.64
N ALA A 81 4.02 -6.93 8.21
CA ALA A 81 2.72 -7.43 7.64
C ALA A 81 2.31 -8.71 8.34
N HIS A 82 2.69 -8.86 9.58
CA HIS A 82 2.33 -10.08 10.35
C HIS A 82 2.71 -9.85 11.82
N ARG A 83 2.66 -8.61 12.25
CA ARG A 83 3.02 -8.29 13.66
C ARG A 83 1.75 -8.19 14.50
N SER A 84 1.88 -7.99 15.78
CA SER A 84 0.68 -7.87 16.63
C SER A 84 0.12 -6.44 16.54
N ASP A 85 0.70 -5.65 15.67
CA ASP A 85 0.20 -4.24 15.52
C ASP A 85 0.22 -3.87 14.04
N ALA A 86 0.47 -4.82 13.18
CA ALA A 86 0.49 -4.51 11.72
C ALA A 86 -0.95 -4.30 11.24
N LEU A 87 -1.91 -4.71 12.03
CA LEU A 87 -3.32 -4.52 11.62
C LEU A 87 -3.78 -3.11 11.98
N GLN A 88 -2.99 -2.40 12.75
CA GLN A 88 -3.37 -1.01 13.11
C GLN A 88 -2.88 -0.08 12.01
N LEU A 89 -1.83 -0.47 11.33
CA LEU A 89 -1.28 0.36 10.24
C LEU A 89 -1.65 -0.27 8.90
N GLY A 90 -2.15 -1.48 8.91
CA GLY A 90 -2.54 -2.15 7.64
C GLY A 90 -1.32 -2.27 6.72
N LEU A 91 -0.50 -3.27 6.93
CA LEU A 91 0.70 -3.44 6.06
C LEU A 91 0.35 -4.41 4.93
N GLY A 92 0.49 -5.69 5.17
CA GLY A 92 0.14 -6.69 4.12
C GLY A 92 1.36 -6.96 3.23
N LYS A 93 1.13 -7.43 2.03
CA LYS A 93 2.27 -7.73 1.11
C LYS A 93 2.46 -6.57 0.13
N HIS A 94 3.13 -5.53 0.55
CA HIS A 94 3.36 -4.38 -0.36
C HIS A 94 4.74 -3.77 -0.07
N ASN A 95 4.99 -2.58 -0.54
CA ASN A 95 6.32 -1.95 -0.28
C ASN A 95 6.14 -0.45 -0.04
N TYR A 96 5.26 -0.07 0.85
CA TYR A 96 5.05 1.38 1.12
C TYR A 96 5.74 1.75 2.44
N CYS A 97 5.46 2.91 2.97
CA CYS A 97 6.10 3.31 4.25
C CYS A 97 5.02 3.61 5.28
N ARG A 98 5.11 3.00 6.43
CA ARG A 98 4.08 3.26 7.49
C ARG A 98 4.78 3.64 8.79
N ASN A 99 4.08 4.26 9.70
CA ASN A 99 4.71 4.66 10.99
C ASN A 99 4.00 3.94 12.15
N PRO A 100 4.11 2.64 12.15
CA PRO A 100 3.50 1.81 13.19
C PRO A 100 4.17 2.07 14.55
N ASP A 101 5.22 2.84 14.57
CA ASP A 101 5.91 3.12 15.86
C ASP A 101 5.95 4.63 16.10
N ASN A 102 7.04 5.13 16.63
CA ASN A 102 7.13 6.59 16.88
C ASN A 102 8.40 7.14 16.22
N ARG A 103 8.29 7.61 15.01
CA ARG A 103 9.50 8.14 14.31
C ARG A 103 9.18 9.52 13.74
N ARG A 104 7.99 10.02 13.96
CA ARG A 104 7.64 11.36 13.42
C ARG A 104 8.01 11.42 11.93
N ARG A 105 8.10 10.29 11.30
CA ARG A 105 8.47 10.28 9.85
C ARG A 105 8.22 8.88 9.28
N PRO A 106 7.39 8.80 8.27
CA PRO A 106 7.07 7.52 7.65
C PRO A 106 8.35 6.75 7.31
N TRP A 107 8.52 5.60 7.88
CA TRP A 107 9.76 4.81 7.60
C TRP A 107 9.37 3.42 7.10
N CYS A 108 10.30 2.71 6.52
CA CYS A 108 10.01 1.34 6.02
C CYS A 108 11.23 0.46 6.20
N TYR A 109 11.05 -0.81 6.43
CA TYR A 109 12.21 -1.71 6.61
C TYR A 109 12.93 -1.89 5.27
N VAL A 110 13.84 -0.99 4.96
CA VAL A 110 14.59 -1.11 3.67
C VAL A 110 15.98 -1.66 3.96
N GLN A 111 16.42 -2.60 3.16
CA GLN A 111 17.76 -3.22 3.39
C GLN A 111 18.84 -2.13 3.42
N VAL A 112 19.53 -2.01 4.52
CA VAL A 112 20.61 -0.99 4.62
C VAL A 112 21.95 -1.68 4.42
N GLY A 113 21.98 -2.71 3.62
CA GLY A 113 23.24 -3.46 3.39
C GLY A 113 23.01 -4.94 3.67
N LEU A 114 22.62 -5.26 4.87
CA LEU A 114 22.36 -6.70 5.20
C LEU A 114 21.27 -6.80 6.29
N LYS A 115 20.66 -5.70 6.66
CA LYS A 115 19.59 -5.75 7.70
C LYS A 115 18.53 -4.69 7.39
N PRO A 116 17.33 -5.13 7.11
CA PRO A 116 16.24 -4.21 6.81
C PRO A 116 16.11 -3.19 7.94
N LEU A 117 16.74 -2.06 7.81
CA LEU A 117 16.65 -1.02 8.88
C LEU A 117 15.53 -0.06 8.54
N VAL A 118 14.77 0.35 9.53
CA VAL A 118 13.67 1.31 9.24
C VAL A 118 14.26 2.66 8.87
N GLN A 119 14.03 3.12 7.68
CA GLN A 119 14.58 4.43 7.27
C GLN A 119 13.43 5.43 7.10
N GLU A 120 13.64 6.67 7.45
CA GLU A 120 12.56 7.67 7.30
C GLU A 120 12.36 7.94 5.80
N CYS A 121 11.58 7.14 5.13
CA CYS A 121 11.37 7.33 3.67
C CYS A 121 11.29 8.82 3.34
N MET A 122 12.21 9.31 2.55
CA MET A 122 12.19 10.77 2.20
C MET A 122 10.94 11.07 1.38
N VAL A 123 10.56 12.31 1.30
CA VAL A 123 9.35 12.68 0.50
C VAL A 123 9.35 14.19 0.26
N HIS A 124 10.50 14.80 0.19
CA HIS A 124 10.56 16.27 -0.05
C HIS A 124 10.77 16.54 -1.54
N ASP A 125 11.42 17.62 -1.86
CA ASP A 125 11.67 17.94 -3.30
C ASP A 125 10.33 18.00 -4.03
N CYS A 126 9.67 19.12 -4.03
CA CYS A 126 8.36 19.23 -4.72
C CYS A 126 7.95 20.70 -4.82
N ALA A 127 7.89 21.39 -3.71
CA ALA A 127 7.50 22.82 -3.74
C ALA A 127 8.75 23.70 -3.64
N ASP A 128 9.46 23.60 -2.56
CA ASP A 128 10.69 24.42 -2.39
C ASP A 128 10.34 25.91 -2.59
N GLY A 129 9.98 26.59 -1.55
CA GLY A 129 9.64 28.02 -1.67
C GLY A 129 10.83 28.88 -1.26
N LYS A 130 11.80 28.30 -0.61
CA LYS A 130 12.99 29.08 -0.18
C LYS A 130 12.55 30.30 0.61
C1 FUC B . -6.44 31.90 8.55
C2 FUC B . -6.89 31.80 10.00
C3 FUC B . -8.37 31.42 10.04
C4 FUC B . -8.57 30.12 9.27
C5 FUC B . -8.06 30.30 7.85
C6 FUC B . -8.19 29.05 7.00
O2 FUC B . -6.68 33.03 10.67
O3 FUC B . -8.78 31.25 11.39
O4 FUC B . -7.83 29.08 9.91
O5 FUC B . -6.66 30.66 7.86
N GLN A 1 -11.41 10.64 9.23
CA GLN A 1 -11.71 9.74 8.08
C GLN A 1 -12.65 10.46 7.10
N VAL A 2 -12.32 11.66 6.72
CA VAL A 2 -13.19 12.39 5.75
C VAL A 2 -12.32 13.29 4.85
N PRO A 3 -11.51 14.17 5.42
CA PRO A 3 -10.65 15.04 4.62
C PRO A 3 -9.74 14.21 3.71
N SER A 4 -10.23 13.80 2.57
CA SER A 4 -9.39 12.99 1.65
C SER A 4 -8.95 13.85 0.46
N ASN A 5 -8.25 14.91 0.72
CA ASN A 5 -7.79 15.80 -0.39
C ASN A 5 -6.29 16.04 -0.27
N CYS A 6 -5.84 17.21 -0.59
CA CYS A 6 -4.38 17.51 -0.49
C CYS A 6 -3.62 16.69 -1.52
N ASP A 7 -2.38 16.37 -1.26
CA ASP A 7 -1.59 15.57 -2.24
C ASP A 7 -0.11 15.58 -1.82
N CYS A 8 0.16 15.42 -0.55
CA CYS A 8 1.57 15.41 -0.09
C CYS A 8 1.64 14.87 1.34
N LEU A 9 2.73 14.29 1.73
CA LEU A 9 2.85 13.74 3.11
C LEU A 9 4.26 14.01 3.65
N ASN A 10 4.72 13.18 4.56
CA ASN A 10 6.09 13.39 5.11
C ASN A 10 6.12 14.66 5.94
N GLY A 11 4.99 15.08 6.43
CA GLY A 11 4.94 16.32 7.25
C GLY A 11 4.63 17.51 6.35
N GLY A 12 4.13 17.25 5.17
CA GLY A 12 3.81 18.35 4.23
C GLY A 12 2.64 19.17 4.80
N THR A 13 2.14 20.12 4.06
CA THR A 13 1.01 20.93 4.56
C THR A 13 -0.15 20.86 3.56
N CYS A 14 -1.35 20.68 4.04
CA CYS A 14 -2.52 20.59 3.12
C CYS A 14 -3.23 21.95 3.09
N VAL A 15 -3.67 22.37 1.93
CA VAL A 15 -4.36 23.69 1.83
C VAL A 15 -5.75 23.49 1.24
N SER A 16 -6.37 24.54 0.77
CA SER A 16 -7.74 24.41 0.18
C SER A 16 -8.32 25.81 -0.05
N ASN A 17 -8.67 26.13 -1.27
CA ASN A 17 -9.23 27.47 -1.55
C ASN A 17 -10.76 27.35 -1.70
N LYS A 18 -11.43 28.46 -1.87
CA LYS A 18 -12.91 28.42 -2.01
C LYS A 18 -13.39 29.60 -2.86
N TYR A 19 -12.50 30.27 -3.51
CA TYR A 19 -12.90 31.44 -4.34
C TYR A 19 -13.11 31.00 -5.79
N PHE A 20 -13.20 29.72 -6.03
CA PHE A 20 -13.42 29.25 -7.41
C PHE A 20 -14.29 27.99 -7.39
N SER A 21 -14.93 27.74 -6.28
CA SER A 21 -15.82 26.54 -6.17
C SER A 21 -14.97 25.28 -5.96
N ASN A 22 -13.67 25.37 -6.09
CA ASN A 22 -12.81 24.17 -5.90
C ASN A 22 -11.38 24.48 -6.35
N ILE A 23 -10.50 24.82 -5.43
CA ILE A 23 -9.10 25.12 -5.81
C ILE A 23 -8.17 24.65 -4.68
N HIS A 24 -7.93 23.37 -4.61
CA HIS A 24 -7.03 22.85 -3.53
C HIS A 24 -5.69 22.43 -4.14
N TRP A 25 -4.72 22.13 -3.32
CA TRP A 25 -3.39 21.72 -3.85
C TRP A 25 -2.43 21.43 -2.69
N CYS A 26 -1.87 20.26 -2.65
CA CYS A 26 -0.94 19.92 -1.53
C CYS A 26 0.06 21.06 -1.34
N ASN A 27 0.76 21.07 -0.24
CA ASN A 27 1.74 22.17 0.00
C ASN A 27 2.96 21.61 0.74
N CYS A 28 3.68 20.70 0.12
CA CYS A 28 4.89 20.13 0.80
C CYS A 28 6.12 20.96 0.42
N PRO A 29 7.05 21.04 1.33
CA PRO A 29 8.27 21.80 1.11
C PRO A 29 8.91 21.41 -0.23
N LYS A 30 9.79 22.22 -0.74
CA LYS A 30 10.44 21.89 -2.04
C LYS A 30 11.35 20.68 -1.85
N LYS A 31 11.75 20.40 -0.64
CA LYS A 31 12.64 19.24 -0.39
C LYS A 31 11.81 17.95 -0.47
N PHE A 32 10.52 18.07 -0.45
CA PHE A 32 9.66 16.85 -0.53
C PHE A 32 9.22 16.63 -1.97
N GLY A 33 9.05 15.39 -2.38
CA GLY A 33 8.63 15.12 -3.78
C GLY A 33 8.46 13.61 -3.98
N GLY A 34 7.51 13.21 -4.78
CA GLY A 34 7.29 11.75 -5.02
C GLY A 34 5.81 11.43 -4.86
N GLN A 35 5.13 11.18 -5.96
CA GLN A 35 3.68 10.85 -5.88
C GLN A 35 2.97 11.80 -4.93
N HIS A 36 2.92 11.46 -3.67
CA HIS A 36 2.27 12.35 -2.68
C HIS A 36 3.35 13.01 -1.83
N CYS A 37 4.36 13.56 -2.46
CA CYS A 37 5.44 14.21 -1.68
C CYS A 37 5.85 13.29 -0.52
N GLU A 38 6.37 12.13 -0.83
CA GLU A 38 6.77 11.18 0.25
C GLU A 38 8.28 10.94 0.18
N ILE A 39 8.98 11.64 -0.67
CA ILE A 39 10.46 11.43 -0.77
C ILE A 39 11.19 12.68 -0.29
N ASP A 40 12.32 12.53 0.32
CA ASP A 40 13.08 13.70 0.82
C ASP A 40 14.27 13.98 -0.11
N LYS A 41 14.06 14.72 -1.16
CA LYS A 41 15.18 15.02 -2.11
C LYS A 41 16.37 15.59 -1.33
N SER A 42 16.13 16.09 -0.14
CA SER A 42 17.24 16.67 0.66
C SER A 42 18.45 15.75 0.57
N LYS A 43 18.45 14.66 1.29
CA LYS A 43 19.62 13.74 1.26
C LYS A 43 19.78 13.18 -0.16
N THR A 44 21.00 12.98 -0.59
CA THR A 44 21.23 12.45 -1.97
C THR A 44 20.27 11.28 -2.22
N CYS A 45 20.54 10.14 -1.66
CA CYS A 45 19.64 8.97 -1.88
C CYS A 45 20.00 7.87 -0.87
N TYR A 46 20.82 6.93 -1.27
CA TYR A 46 21.19 5.83 -0.33
C TYR A 46 22.61 5.34 -0.67
N GLU A 47 23.35 6.10 -1.42
CA GLU A 47 24.73 5.69 -1.78
C GLU A 47 24.71 4.28 -2.39
N GLY A 48 24.85 4.18 -3.68
CA GLY A 48 24.84 2.84 -4.33
C GLY A 48 23.70 2.00 -3.75
N ASN A 49 23.88 0.71 -3.68
CA ASN A 49 22.81 -0.17 -3.13
C ASN A 49 23.07 -0.41 -1.64
N GLY A 50 22.62 0.47 -0.80
CA GLY A 50 22.84 0.29 0.67
C GLY A 50 21.55 0.61 1.42
N HIS A 51 20.46 -0.02 1.07
CA HIS A 51 19.18 0.24 1.76
C HIS A 51 19.01 1.75 1.97
N PHE A 52 18.06 2.15 2.77
CA PHE A 52 17.83 3.60 3.01
C PHE A 52 17.86 3.87 4.51
N TYR A 53 17.15 4.85 4.96
CA TYR A 53 17.13 5.16 6.42
C TYR A 53 16.59 6.58 6.64
N ARG A 54 15.53 6.93 5.95
CA ARG A 54 14.96 8.30 6.11
C ARG A 54 13.57 8.35 5.47
N GLY A 55 13.51 8.55 4.18
CA GLY A 55 12.19 8.60 3.49
C GLY A 55 11.41 7.30 3.75
N LYS A 56 10.17 7.26 3.35
CA LYS A 56 9.37 6.02 3.57
C LYS A 56 9.47 5.12 2.34
N ALA A 57 9.07 5.61 1.20
CA ALA A 57 9.14 4.78 -0.04
C ALA A 57 8.62 3.38 0.26
N SER A 58 7.39 3.27 0.70
CA SER A 58 6.83 1.92 1.01
C SER A 58 5.97 1.46 -0.16
N THR A 59 5.76 2.29 -1.14
CA THR A 59 4.93 1.89 -2.31
C THR A 59 5.84 1.52 -3.48
N ASP A 60 5.36 0.70 -4.37
CA ASP A 60 6.20 0.30 -5.54
C ASP A 60 6.61 1.56 -6.31
N THR A 61 6.97 1.42 -7.56
CA THR A 61 7.36 2.63 -8.36
C THR A 61 6.10 3.25 -8.96
N MET A 62 4.97 3.07 -8.31
CA MET A 62 3.71 3.65 -8.84
C MET A 62 3.00 4.38 -7.70
N GLY A 63 2.61 3.65 -6.69
CA GLY A 63 1.94 4.30 -5.54
C GLY A 63 1.35 3.24 -4.61
N ARG A 64 1.05 2.08 -5.12
CA ARG A 64 0.47 1.01 -4.25
C ARG A 64 1.43 0.74 -3.09
N PRO A 65 0.86 0.43 -1.94
CA PRO A 65 1.64 0.17 -0.73
C PRO A 65 2.38 -1.17 -0.82
N CYS A 66 2.23 -1.90 -1.88
CA CYS A 66 2.95 -3.21 -1.99
C CYS A 66 2.26 -4.23 -1.07
N LEU A 67 2.56 -5.49 -1.26
CA LEU A 67 1.91 -6.53 -0.39
C LEU A 67 2.69 -6.65 0.91
N PRO A 68 2.07 -6.32 2.02
CA PRO A 68 2.71 -6.41 3.32
C PRO A 68 3.33 -7.80 3.46
N TRP A 69 4.50 -7.90 4.03
CA TRP A 69 5.14 -9.24 4.17
C TRP A 69 4.16 -10.21 4.85
N ASN A 70 3.15 -9.70 5.51
CA ASN A 70 2.17 -10.61 6.17
C ASN A 70 1.27 -11.26 5.11
N SER A 71 0.87 -10.51 4.12
CA SER A 71 0.00 -11.05 3.04
C SER A 71 0.42 -12.48 2.72
N ALA A 72 -0.33 -13.41 3.20
CA ALA A 72 -0.01 -14.86 2.97
C ALA A 72 0.64 -15.06 1.61
N THR A 73 0.28 -14.28 0.62
CA THR A 73 0.89 -14.45 -0.72
C THR A 73 2.40 -14.26 -0.61
N VAL A 74 2.84 -13.11 -0.17
CA VAL A 74 4.28 -12.87 -0.03
C VAL A 74 4.82 -13.87 1.00
N LEU A 75 4.05 -14.19 1.99
CA LEU A 75 4.50 -15.18 2.99
C LEU A 75 4.92 -16.43 2.25
N GLN A 76 4.23 -16.72 1.18
CA GLN A 76 4.56 -17.93 0.36
C GLN A 76 5.87 -17.67 -0.38
N GLN A 77 6.08 -16.45 -0.80
CA GLN A 77 7.35 -16.11 -1.53
C GLN A 77 8.55 -16.41 -0.63
N THR A 78 9.59 -15.63 -0.74
CA THR A 78 10.80 -15.87 0.10
C THR A 78 10.96 -14.73 1.12
N TYR A 79 11.58 -13.64 0.72
CA TYR A 79 11.77 -12.51 1.65
C TYR A 79 10.41 -11.96 2.09
N HIS A 80 9.88 -12.50 3.16
CA HIS A 80 8.56 -12.04 3.65
C HIS A 80 8.55 -12.10 5.18
N ALA A 81 7.41 -12.29 5.78
CA ALA A 81 7.35 -12.34 7.26
C ALA A 81 7.39 -13.80 7.74
N HIS A 82 8.29 -14.59 7.23
CA HIS A 82 8.37 -16.02 7.65
C HIS A 82 9.51 -16.71 6.89
N ARG A 83 10.64 -16.07 6.79
CA ARG A 83 11.79 -16.71 6.06
C ARG A 83 13.04 -16.66 6.93
N SER A 84 14.09 -17.29 6.50
CA SER A 84 15.35 -17.29 7.29
C SER A 84 16.19 -16.05 6.91
N ASP A 85 15.58 -15.09 6.28
CA ASP A 85 16.33 -13.86 5.88
C ASP A 85 15.60 -12.63 6.40
N ALA A 86 14.48 -12.82 7.05
CA ALA A 86 13.73 -11.65 7.58
C ALA A 86 14.54 -11.00 8.70
N LEU A 87 15.55 -11.67 9.17
CA LEU A 87 16.37 -11.07 10.26
C LEU A 87 17.45 -10.17 9.67
N GLN A 88 17.73 -10.32 8.41
CA GLN A 88 18.76 -9.44 7.77
C GLN A 88 18.06 -8.16 7.32
N LEU A 89 16.85 -8.29 6.88
CA LEU A 89 16.08 -7.10 6.43
C LEU A 89 14.97 -6.81 7.44
N GLY A 90 14.88 -7.58 8.48
CA GLY A 90 13.83 -7.35 9.51
C GLY A 90 12.46 -7.22 8.83
N LEU A 91 11.85 -8.33 8.47
CA LEU A 91 10.50 -8.26 7.83
C LEU A 91 9.44 -8.44 8.93
N GLY A 92 8.34 -9.07 8.63
CA GLY A 92 7.30 -9.27 9.68
C GLY A 92 5.92 -8.88 9.14
N LYS A 93 5.14 -8.20 9.94
CA LYS A 93 3.78 -7.79 9.48
C LYS A 93 3.76 -6.28 9.21
N HIS A 94 4.35 -5.86 8.12
CA HIS A 94 4.38 -4.41 7.81
C HIS A 94 4.54 -4.22 6.30
N ASN A 95 4.70 -3.01 5.85
CA ASN A 95 4.85 -2.76 4.39
C ASN A 95 6.03 -1.81 4.16
N TYR A 96 7.21 -2.21 4.55
CA TYR A 96 8.40 -1.33 4.36
C TYR A 96 9.28 -1.91 3.24
N CYS A 97 9.30 -1.27 2.10
CA CYS A 97 10.14 -1.78 0.98
C CYS A 97 11.55 -2.06 1.49
N ARG A 98 11.99 -3.30 1.40
CA ARG A 98 13.36 -3.63 1.88
C ARG A 98 14.23 -4.06 0.71
N ASN A 99 15.36 -4.65 0.96
CA ASN A 99 16.26 -5.09 -0.13
C ASN A 99 17.12 -6.26 0.35
N PRO A 100 16.48 -7.36 0.64
CA PRO A 100 17.18 -8.56 1.12
C PRO A 100 18.09 -9.13 0.03
N ASP A 101 17.84 -8.79 -1.20
CA ASP A 101 18.67 -9.32 -2.30
C ASP A 101 19.77 -8.29 -2.63
N ASN A 102 20.04 -8.06 -3.88
CA ASN A 102 21.09 -7.07 -4.24
C ASN A 102 20.55 -6.08 -5.28
N ARG A 103 19.43 -5.49 -5.01
CA ARG A 103 18.85 -4.52 -5.98
C ARG A 103 19.39 -3.12 -5.69
N ARG A 104 19.61 -2.32 -6.71
CA ARG A 104 20.12 -0.95 -6.49
C ARG A 104 19.11 -0.14 -5.67
N ARG A 105 17.92 -0.63 -5.53
CA ARG A 105 16.89 0.11 -4.74
C ARG A 105 16.08 -0.88 -3.89
N PRO A 106 15.51 -0.38 -2.83
CA PRO A 106 14.71 -1.20 -1.93
C PRO A 106 13.40 -1.61 -2.61
N TRP A 107 13.24 -2.88 -2.89
CA TRP A 107 12.00 -3.34 -3.56
C TRP A 107 11.11 -4.06 -2.55
N CYS A 108 10.05 -4.68 -3.00
CA CYS A 108 9.14 -5.40 -2.07
C CYS A 108 8.22 -6.32 -2.87
N TYR A 109 7.73 -7.35 -2.27
CA TYR A 109 6.81 -8.27 -3.00
C TYR A 109 5.50 -7.53 -3.27
N VAL A 110 5.40 -6.84 -4.39
CA VAL A 110 4.15 -6.11 -4.68
C VAL A 110 3.36 -6.87 -5.75
N GLN A 111 2.10 -7.09 -5.51
CA GLN A 111 1.27 -7.84 -6.49
C GLN A 111 1.49 -7.31 -7.89
N VAL A 112 1.94 -8.14 -8.79
CA VAL A 112 2.16 -7.68 -10.19
C VAL A 112 1.19 -8.42 -11.10
N GLY A 113 0.17 -8.99 -10.55
CA GLY A 113 -0.82 -9.73 -11.37
C GLY A 113 -0.87 -11.20 -10.96
N LEU A 114 -0.12 -12.03 -11.64
CA LEU A 114 -0.13 -13.48 -11.29
C LEU A 114 0.25 -13.65 -9.82
N LYS A 115 1.38 -13.13 -9.44
CA LYS A 115 1.82 -13.28 -8.02
C LYS A 115 2.63 -12.05 -7.58
N PRO A 116 2.79 -11.91 -6.29
CA PRO A 116 3.55 -10.80 -5.73
C PRO A 116 4.95 -10.76 -6.34
N LEU A 117 5.16 -9.92 -7.32
CA LEU A 117 6.52 -9.84 -7.94
C LEU A 117 7.29 -8.72 -7.27
N VAL A 118 8.50 -8.97 -6.85
CA VAL A 118 9.26 -7.87 -6.18
C VAL A 118 9.48 -6.75 -7.18
N GLN A 119 9.44 -5.53 -6.73
CA GLN A 119 9.64 -4.40 -7.65
C GLN A 119 10.39 -3.28 -6.92
N GLU A 120 11.08 -2.46 -7.64
CA GLU A 120 11.81 -1.35 -6.98
C GLU A 120 10.79 -0.34 -6.43
N CYS A 121 10.70 -0.20 -5.14
CA CYS A 121 9.72 0.78 -4.59
C CYS A 121 9.82 2.08 -5.39
N MET A 122 10.86 2.84 -5.19
CA MET A 122 11.03 4.11 -5.95
C MET A 122 12.23 4.88 -5.40
N VAL A 123 12.12 5.40 -4.21
CA VAL A 123 13.25 6.16 -3.61
C VAL A 123 13.85 7.10 -4.67
N HIS A 124 14.97 7.70 -4.39
CA HIS A 124 15.60 8.63 -5.38
C HIS A 124 16.69 7.89 -6.15
N ASP A 125 17.69 8.60 -6.60
CA ASP A 125 18.79 7.94 -7.35
C ASP A 125 20.01 8.86 -7.38
N CYS A 126 21.15 8.33 -7.74
CA CYS A 126 22.38 9.18 -7.78
C CYS A 126 23.44 8.50 -8.64
N ALA A 127 23.56 7.21 -8.56
CA ALA A 127 24.57 6.49 -9.38
C ALA A 127 24.55 7.04 -10.80
N ASP A 128 23.54 6.73 -11.56
CA ASP A 128 23.46 7.25 -12.96
C ASP A 128 24.61 6.65 -13.78
N GLY A 129 24.30 6.01 -14.87
CA GLY A 129 25.37 5.41 -15.71
C GLY A 129 25.55 3.94 -15.34
N LYS A 130 25.15 3.57 -14.16
CA LYS A 130 25.30 2.14 -13.74
C LYS A 130 26.74 1.69 -13.98
C1 FUC B . 3.12 23.73 5.68
C2 FUC B . 2.73 24.63 6.85
C3 FUC B . 3.13 23.95 8.16
C4 FUC B . 4.62 23.65 8.11
C5 FUC B . 4.93 22.78 6.90
C6 FUC B . 6.40 22.44 6.76
O2 FUC B . 1.34 24.87 6.83
O3 FUC B . 2.83 24.80 9.25
O4 FUC B . 5.35 24.87 8.02
O5 FUC B . 4.52 23.47 5.70
N GLN A 1 -9.98 23.49 4.79
CA GLN A 1 -9.23 24.14 3.68
C GLN A 1 -8.48 23.07 2.88
N VAL A 2 -9.04 21.89 2.78
CA VAL A 2 -8.36 20.81 2.02
C VAL A 2 -9.36 20.16 1.05
N PRO A 3 -9.07 20.25 -0.23
CA PRO A 3 -9.94 19.69 -1.25
C PRO A 3 -10.28 18.23 -0.91
N SER A 4 -11.35 18.01 -0.21
CA SER A 4 -11.73 16.62 0.17
C SER A 4 -12.42 15.94 -1.03
N ASN A 5 -11.65 15.41 -1.94
CA ASN A 5 -12.27 14.75 -3.13
C ASN A 5 -11.74 13.32 -3.24
N CYS A 6 -12.51 12.35 -2.82
CA CYS A 6 -12.04 10.94 -2.90
C CYS A 6 -11.43 10.69 -4.28
N ASP A 7 -10.28 10.07 -4.33
CA ASP A 7 -9.64 9.80 -5.65
C ASP A 7 -8.17 9.46 -5.44
N CYS A 8 -7.88 8.26 -4.99
CA CYS A 8 -6.46 7.87 -4.78
C CYS A 8 -5.68 8.07 -6.08
N LEU A 9 -4.49 7.52 -6.17
CA LEU A 9 -3.69 7.68 -7.41
C LEU A 9 -3.15 6.33 -7.87
N ASN A 10 -2.45 6.29 -8.96
CA ASN A 10 -1.89 5.00 -9.46
C ASN A 10 -3.04 4.01 -9.69
N GLY A 11 -4.21 4.51 -9.98
CA GLY A 11 -5.36 3.59 -10.22
C GLY A 11 -6.00 3.21 -8.89
N GLY A 12 -5.93 4.07 -7.92
CA GLY A 12 -6.54 3.76 -6.59
C GLY A 12 -8.05 3.64 -6.73
N THR A 13 -8.72 3.17 -5.71
CA THR A 13 -10.19 3.03 -5.79
C THR A 13 -10.85 3.77 -4.62
N CYS A 14 -10.92 5.07 -4.67
CA CYS A 14 -11.53 5.84 -3.56
C CYS A 14 -13.04 5.58 -3.55
N VAL A 15 -13.64 5.59 -2.39
CA VAL A 15 -15.10 5.34 -2.30
C VAL A 15 -15.79 6.55 -1.65
N SER A 16 -17.00 6.37 -1.18
CA SER A 16 -17.72 7.50 -0.53
C SER A 16 -18.93 6.95 0.23
N ASN A 17 -18.81 6.84 1.53
CA ASN A 17 -19.94 6.31 2.34
C ASN A 17 -21.27 6.90 1.84
N LYS A 18 -22.37 6.28 2.18
CA LYS A 18 -23.70 6.79 1.73
C LYS A 18 -24.67 6.77 2.91
N TYR A 19 -24.60 5.77 3.74
CA TYR A 19 -25.51 5.70 4.92
C TYR A 19 -24.74 6.07 6.18
N PHE A 20 -23.94 7.09 6.10
CA PHE A 20 -23.14 7.53 7.28
C PHE A 20 -23.18 9.05 7.38
N SER A 21 -22.10 9.67 7.76
CA SER A 21 -22.09 11.15 7.87
C SER A 21 -20.71 11.68 7.44
N ASN A 22 -19.66 10.99 7.82
CA ASN A 22 -18.29 11.44 7.43
C ASN A 22 -17.32 10.27 7.56
N ILE A 23 -17.61 9.17 6.91
CA ILE A 23 -16.70 8.00 6.99
C ILE A 23 -16.03 7.76 5.64
N HIS A 24 -16.03 8.76 4.80
CA HIS A 24 -15.40 8.61 3.47
C HIS A 24 -14.00 8.02 3.62
N TRP A 25 -13.60 7.16 2.73
CA TRP A 25 -12.24 6.56 2.84
C TRP A 25 -11.75 6.15 1.45
N CYS A 26 -10.46 6.19 1.23
CA CYS A 26 -9.92 5.79 -0.10
C CYS A 26 -9.60 4.30 -0.08
N ASN A 27 -9.70 3.65 -1.21
CA ASN A 27 -9.40 2.19 -1.25
C ASN A 27 -8.13 1.94 -2.08
N CYS A 28 -7.00 2.35 -1.58
CA CYS A 28 -5.73 2.13 -2.33
C CYS A 28 -4.84 1.18 -1.54
N PRO A 29 -3.85 0.63 -2.21
CA PRO A 29 -2.92 -0.29 -1.58
C PRO A 29 -2.42 0.26 -0.25
N LYS A 30 -2.19 -0.58 0.71
CA LYS A 30 -1.70 -0.10 2.03
C LYS A 30 -0.28 0.46 1.85
N LYS A 31 0.45 -0.08 0.92
CA LYS A 31 1.83 0.41 0.68
C LYS A 31 1.79 1.69 -0.15
N PHE A 32 0.61 2.19 -0.42
CA PHE A 32 0.48 3.43 -1.22
C PHE A 32 0.39 4.65 -0.30
N GLY A 33 0.90 5.77 -0.74
CA GLY A 33 0.84 6.99 0.11
C GLY A 33 1.00 8.22 -0.78
N GLY A 34 0.89 9.40 -0.23
CA GLY A 34 1.04 10.62 -1.08
C GLY A 34 -0.33 11.22 -1.38
N GLN A 35 -0.66 12.31 -0.73
CA GLN A 35 -1.97 12.99 -0.98
C GLN A 35 -3.08 11.95 -1.21
N HIS A 36 -3.27 11.54 -2.43
CA HIS A 36 -4.33 10.55 -2.74
C HIS A 36 -3.69 9.22 -3.12
N CYS A 37 -2.83 8.70 -2.30
CA CYS A 37 -2.17 7.41 -2.62
C CYS A 37 -1.46 7.51 -3.98
N GLU A 38 -0.47 8.35 -4.07
CA GLU A 38 0.27 8.49 -5.36
C GLU A 38 1.75 8.18 -5.11
N ILE A 39 2.03 7.31 -4.18
CA ILE A 39 3.45 6.96 -3.87
C ILE A 39 3.56 5.46 -3.60
N ASP A 40 4.74 4.91 -3.74
CA ASP A 40 4.92 3.46 -3.49
C ASP A 40 5.86 3.26 -2.29
N LYS A 41 5.35 3.42 -1.10
CA LYS A 41 6.21 3.24 0.11
C LYS A 41 6.92 1.89 0.03
N SER A 42 6.42 0.98 -0.75
CA SER A 42 7.07 -0.36 -0.87
C SER A 42 8.29 -0.25 -1.78
N LYS A 43 9.38 0.26 -1.28
CA LYS A 43 10.60 0.39 -2.12
C LYS A 43 11.81 0.67 -1.21
N THR A 44 11.97 -0.09 -0.17
CA THR A 44 13.12 0.14 0.75
C THR A 44 13.67 -1.20 1.22
N CYS A 45 13.35 -2.27 0.53
CA CYS A 45 13.87 -3.60 0.94
C CYS A 45 14.65 -4.23 -0.22
N TYR A 46 14.15 -4.12 -1.41
CA TYR A 46 14.87 -4.70 -2.58
C TYR A 46 14.41 -4.01 -3.86
N GLU A 47 15.25 -3.95 -4.85
CA GLU A 47 14.86 -3.29 -6.14
C GLU A 47 14.35 -4.35 -7.12
N GLY A 48 13.16 -4.19 -7.61
CA GLY A 48 12.59 -5.18 -8.57
C GLY A 48 12.78 -6.59 -8.01
N ASN A 49 12.86 -7.57 -8.87
CA ASN A 49 13.04 -8.97 -8.39
C ASN A 49 14.37 -9.09 -7.64
N GLY A 50 15.35 -8.32 -8.05
CA GLY A 50 16.67 -8.39 -7.36
C GLY A 50 17.59 -9.35 -8.13
N HIS A 51 17.62 -9.25 -9.42
CA HIS A 51 18.49 -10.16 -10.22
C HIS A 51 19.95 -9.74 -10.07
N PHE A 52 20.21 -8.45 -10.06
CA PHE A 52 21.61 -7.97 -9.92
C PHE A 52 21.76 -7.24 -8.59
N TYR A 53 20.96 -7.59 -7.61
CA TYR A 53 21.06 -6.91 -6.29
C TYR A 53 21.99 -7.70 -5.37
N ARG A 54 22.02 -9.00 -5.53
CA ARG A 54 22.91 -9.83 -4.67
C ARG A 54 22.42 -9.77 -3.22
N GLY A 55 21.13 -9.84 -3.02
CA GLY A 55 20.59 -9.79 -1.63
C GLY A 55 21.35 -10.77 -0.74
N LYS A 56 21.12 -10.73 0.54
CA LYS A 56 21.83 -11.66 1.45
C LYS A 56 20.86 -12.71 1.98
N ALA A 57 19.59 -12.52 1.75
CA ALA A 57 18.58 -13.50 2.24
C ALA A 57 19.07 -14.92 1.94
N SER A 58 19.10 -15.77 2.92
CA SER A 58 19.56 -17.16 2.68
C SER A 58 18.42 -18.15 2.93
N THR A 59 17.37 -17.70 3.57
CA THR A 59 16.22 -18.61 3.84
C THR A 59 15.14 -18.40 2.79
N ASP A 60 14.16 -19.27 2.73
CA ASP A 60 13.08 -19.11 1.71
C ASP A 60 11.96 -18.23 2.30
N THR A 61 10.73 -18.46 1.89
CA THR A 61 9.60 -17.65 2.43
C THR A 61 9.09 -18.28 3.73
N MET A 62 9.92 -18.99 4.43
CA MET A 62 9.46 -19.61 5.69
C MET A 62 10.50 -19.36 6.78
N GLY A 63 11.75 -19.45 6.44
CA GLY A 63 12.82 -19.20 7.45
C GLY A 63 13.94 -20.22 7.27
N ARG A 64 13.60 -21.41 6.85
CA ARG A 64 14.65 -22.45 6.66
C ARG A 64 15.78 -21.84 5.82
N PRO A 65 16.98 -22.31 6.04
CA PRO A 65 18.15 -21.82 5.33
C PRO A 65 18.12 -22.27 3.86
N CYS A 66 17.12 -23.01 3.46
CA CYS A 66 17.06 -23.46 2.05
C CYS A 66 18.24 -24.40 1.77
N LEU A 67 18.13 -25.23 0.76
CA LEU A 67 19.25 -26.16 0.44
C LEU A 67 20.34 -25.40 -0.30
N PRO A 68 21.57 -25.77 -0.06
CA PRO A 68 22.70 -25.15 -0.73
C PRO A 68 22.73 -25.65 -2.18
N TRP A 69 23.35 -24.94 -3.06
CA TRP A 69 23.38 -25.40 -4.48
C TRP A 69 24.17 -26.71 -4.59
N ASN A 70 24.79 -27.14 -3.52
CA ASN A 70 25.56 -28.42 -3.56
C ASN A 70 24.65 -29.57 -3.11
N SER A 71 23.70 -29.29 -2.25
CA SER A 71 22.76 -30.33 -1.76
C SER A 71 22.42 -31.27 -2.91
N ALA A 72 22.98 -32.44 -2.88
CA ALA A 72 22.72 -33.44 -3.96
C ALA A 72 21.29 -33.32 -4.48
N THR A 73 20.35 -32.96 -3.64
CA THR A 73 18.95 -32.82 -4.11
C THR A 73 18.88 -31.71 -5.15
N VAL A 74 19.27 -30.52 -4.80
CA VAL A 74 19.25 -29.41 -5.75
C VAL A 74 20.11 -29.80 -6.97
N LEU A 75 21.15 -30.55 -6.74
CA LEU A 75 22.00 -30.99 -7.88
C LEU A 75 21.08 -31.72 -8.85
N GLN A 76 20.20 -32.51 -8.32
CA GLN A 76 19.23 -33.26 -9.18
C GLN A 76 18.37 -32.24 -9.94
N GLN A 77 18.09 -31.13 -9.31
CA GLN A 77 17.27 -30.08 -9.98
C GLN A 77 18.18 -29.25 -10.91
N THR A 78 17.83 -28.02 -11.16
CA THR A 78 18.67 -27.18 -12.05
C THR A 78 19.44 -26.17 -11.20
N TYR A 79 19.73 -25.01 -11.75
CA TYR A 79 20.48 -23.93 -11.04
C TYR A 79 20.97 -24.40 -9.67
N HIS A 80 21.88 -25.34 -9.67
CA HIS A 80 22.43 -25.88 -8.39
C HIS A 80 23.94 -25.69 -8.39
N ALA A 81 24.70 -26.68 -8.01
CA ALA A 81 26.19 -26.53 -8.01
C ALA A 81 26.79 -27.46 -9.06
N HIS A 82 26.15 -27.60 -10.19
CA HIS A 82 26.67 -28.49 -11.26
C HIS A 82 25.90 -28.22 -12.56
N ARG A 83 26.09 -27.08 -13.17
CA ARG A 83 25.35 -26.79 -14.43
C ARG A 83 25.99 -25.61 -15.16
N SER A 84 25.34 -25.12 -16.19
CA SER A 84 25.90 -23.95 -16.94
C SER A 84 25.20 -22.69 -16.47
N ASP A 85 25.15 -22.50 -15.18
CA ASP A 85 24.47 -21.29 -14.63
C ASP A 85 25.34 -20.71 -13.51
N ALA A 86 26.08 -21.54 -12.81
CA ALA A 86 26.96 -21.04 -11.73
C ALA A 86 27.66 -19.76 -12.17
N LEU A 87 27.81 -19.58 -13.45
CA LEU A 87 28.49 -18.37 -13.99
C LEU A 87 27.76 -17.09 -13.56
N GLN A 88 26.63 -16.84 -14.15
CA GLN A 88 25.88 -15.59 -13.87
C GLN A 88 25.34 -15.57 -12.43
N LEU A 89 24.93 -16.70 -11.92
CA LEU A 89 24.38 -16.70 -10.53
C LEU A 89 25.48 -17.04 -9.52
N GLY A 90 26.66 -17.36 -9.99
CA GLY A 90 27.74 -17.70 -9.01
C GLY A 90 27.18 -18.61 -7.93
N LEU A 91 26.75 -19.80 -8.30
CA LEU A 91 26.18 -20.73 -7.28
C LEU A 91 27.29 -21.65 -6.77
N GLY A 92 26.93 -22.79 -6.25
CA GLY A 92 27.98 -23.73 -5.75
C GLY A 92 27.71 -24.06 -4.28
N LYS A 93 28.67 -24.64 -3.60
CA LYS A 93 28.48 -24.99 -2.16
C LYS A 93 28.16 -23.72 -1.38
N HIS A 94 26.92 -23.38 -1.30
CA HIS A 94 26.52 -22.14 -0.55
C HIS A 94 25.00 -21.94 -0.71
N ASN A 95 24.45 -20.90 -0.16
CA ASN A 95 22.98 -20.69 -0.30
C ASN A 95 22.64 -19.20 -0.20
N TYR A 96 22.22 -18.60 -1.29
CA TYR A 96 21.85 -17.15 -1.27
C TYR A 96 20.67 -16.93 -2.22
N CYS A 97 19.87 -17.94 -2.44
CA CYS A 97 18.71 -17.78 -3.36
C CYS A 97 19.19 -17.27 -4.71
N ARG A 98 18.29 -17.05 -5.62
CA ARG A 98 18.71 -16.55 -6.97
C ARG A 98 17.49 -16.49 -7.89
N ASN A 99 17.64 -15.96 -9.08
CA ASN A 99 16.47 -15.88 -10.00
C ASN A 99 16.95 -15.97 -11.45
N PRO A 100 17.78 -16.94 -11.74
CA PRO A 100 18.30 -17.14 -13.09
C PRO A 100 17.20 -17.66 -14.02
N ASP A 101 16.03 -17.91 -13.50
CA ASP A 101 14.93 -18.42 -14.36
C ASP A 101 14.00 -17.26 -14.72
N ASN A 102 12.71 -17.48 -14.69
CA ASN A 102 11.76 -16.37 -15.03
C ASN A 102 10.78 -16.17 -13.88
N ARG A 103 11.13 -15.35 -12.93
CA ARG A 103 10.21 -15.12 -11.78
C ARG A 103 10.28 -13.65 -11.37
N ARG A 104 9.38 -13.21 -10.52
CA ARG A 104 9.41 -11.79 -10.08
C ARG A 104 10.21 -11.67 -8.78
N ARG A 105 10.34 -12.75 -8.05
CA ARG A 105 11.11 -12.70 -6.78
C ARG A 105 12.22 -13.75 -6.82
N PRO A 106 13.24 -13.53 -6.03
CA PRO A 106 14.37 -14.43 -5.96
C PRO A 106 13.97 -15.72 -5.24
N TRP A 107 14.10 -16.84 -5.90
CA TRP A 107 13.73 -18.14 -5.28
C TRP A 107 14.99 -18.98 -5.03
N CYS A 108 14.94 -19.87 -4.09
CA CYS A 108 16.13 -20.73 -3.81
C CYS A 108 15.70 -22.20 -3.78
N TYR A 109 16.59 -23.10 -4.09
CA TYR A 109 16.22 -24.55 -4.07
C TYR A 109 16.02 -24.99 -2.61
N VAL A 110 14.86 -24.76 -2.07
CA VAL A 110 14.59 -25.17 -0.66
C VAL A 110 13.73 -26.44 -0.66
N GLN A 111 14.07 -27.38 0.17
CA GLN A 111 13.29 -28.65 0.22
C GLN A 111 11.86 -28.37 0.66
N VAL A 112 10.90 -28.75 -0.14
CA VAL A 112 9.48 -28.51 0.24
C VAL A 112 8.90 -29.80 0.83
N GLY A 113 9.76 -30.67 1.27
CA GLY A 113 9.28 -31.94 1.87
C GLY A 113 9.90 -33.13 1.13
N LEU A 114 9.89 -33.12 -0.17
CA LEU A 114 10.48 -34.27 -0.91
C LEU A 114 11.25 -33.79 -2.16
N LYS A 115 11.12 -32.55 -2.54
CA LYS A 115 11.85 -32.07 -3.75
C LYS A 115 12.25 -30.60 -3.57
N PRO A 116 13.52 -30.31 -3.78
CA PRO A 116 14.02 -28.95 -3.66
C PRO A 116 13.20 -28.02 -4.57
N LEU A 117 12.20 -27.38 -4.03
CA LEU A 117 11.38 -26.47 -4.87
C LEU A 117 11.92 -25.05 -4.74
N VAL A 118 11.86 -24.28 -5.79
CA VAL A 118 12.39 -22.89 -5.72
C VAL A 118 11.35 -21.97 -5.06
N GLN A 119 11.53 -21.67 -3.81
CA GLN A 119 10.56 -20.77 -3.12
C GLN A 119 11.10 -19.35 -3.15
N GLU A 120 10.35 -18.42 -3.70
CA GLU A 120 10.81 -17.02 -3.75
C GLU A 120 11.25 -16.58 -2.34
N CYS A 121 12.51 -16.77 -2.02
CA CYS A 121 12.99 -16.38 -0.66
C CYS A 121 12.34 -15.07 -0.22
N MET A 122 11.30 -15.14 0.56
CA MET A 122 10.62 -13.90 1.02
C MET A 122 11.65 -12.87 1.46
N VAL A 123 11.23 -11.66 1.70
CA VAL A 123 12.19 -10.61 2.14
C VAL A 123 11.42 -9.33 2.51
N HIS A 124 10.36 -9.46 3.25
CA HIS A 124 9.57 -8.27 3.64
C HIS A 124 10.25 -7.58 4.83
N ASP A 125 9.49 -6.90 5.64
CA ASP A 125 10.09 -6.20 6.81
C ASP A 125 11.18 -5.24 6.34
N CYS A 126 11.88 -4.63 7.25
CA CYS A 126 12.96 -3.69 6.85
C CYS A 126 12.34 -2.37 6.37
N ALA A 127 11.18 -2.04 6.85
CA ALA A 127 10.52 -0.78 6.42
C ALA A 127 9.22 -0.58 7.19
N ASP A 128 8.18 -1.27 6.80
CA ASP A 128 6.89 -1.13 7.52
C ASP A 128 6.39 -2.51 7.94
N GLY A 129 5.11 -2.73 7.89
CA GLY A 129 4.56 -4.06 8.28
C GLY A 129 4.70 -4.26 9.80
N LYS A 130 4.17 -3.34 10.57
CA LYS A 130 4.27 -3.45 12.06
C LYS A 130 5.65 -3.99 12.45
C1 FUC B . -9.71 -0.50 -6.46
C2 FUC B . -10.79 -1.41 -7.01
C3 FUC B . -10.81 -1.33 -8.53
C4 FUC B . -9.43 -1.69 -9.05
C5 FUC B . -8.40 -0.76 -8.43
C6 FUC B . -6.98 -1.06 -8.88
O2 FUC B . -12.06 -1.03 -6.49
O3 FUC B . -11.78 -2.22 -9.06
O4 FUC B . -9.13 -3.04 -8.68
O5 FUC B . -8.43 -0.88 -6.99
N GLN A 1 -20.07 21.51 4.23
CA GLN A 1 -20.95 21.44 3.03
C GLN A 1 -20.94 20.01 2.48
N VAL A 2 -22.09 19.47 2.19
CA VAL A 2 -22.15 18.09 1.65
C VAL A 2 -22.37 18.14 0.14
N PRO A 3 -21.85 17.15 -0.54
CA PRO A 3 -21.98 17.06 -2.00
C PRO A 3 -23.42 16.71 -2.38
N SER A 4 -24.23 16.31 -1.43
CA SER A 4 -25.64 15.96 -1.75
C SER A 4 -25.66 14.93 -2.88
N ASN A 5 -24.65 14.10 -2.96
CA ASN A 5 -24.61 13.09 -4.05
C ASN A 5 -24.04 11.78 -3.50
N CYS A 6 -24.87 10.77 -3.37
CA CYS A 6 -24.38 9.47 -2.84
C CYS A 6 -23.94 8.57 -4.00
N ASP A 7 -23.98 7.29 -3.82
CA ASP A 7 -23.58 6.37 -4.91
C ASP A 7 -22.05 6.33 -5.02
N CYS A 8 -21.40 5.65 -4.12
CA CYS A 8 -19.92 5.57 -4.16
C CYS A 8 -19.48 4.84 -5.45
N LEU A 9 -18.28 4.33 -5.49
CA LEU A 9 -17.81 3.63 -6.72
C LEU A 9 -17.02 2.38 -6.32
N ASN A 10 -16.33 1.78 -7.25
CA ASN A 10 -15.54 0.56 -6.92
C ASN A 10 -16.45 -0.47 -6.24
N GLY A 11 -17.72 -0.43 -6.52
CA GLY A 11 -18.65 -1.41 -5.90
C GLY A 11 -19.09 -0.88 -4.52
N GLY A 12 -19.16 0.41 -4.36
CA GLY A 12 -19.58 0.99 -3.06
C GLY A 12 -21.05 0.66 -2.81
N THR A 13 -21.56 0.99 -1.65
CA THR A 13 -22.98 0.69 -1.35
C THR A 13 -23.59 1.84 -0.54
N CYS A 14 -24.31 2.71 -1.19
CA CYS A 14 -24.93 3.86 -0.45
C CYS A 14 -25.94 3.32 0.56
N VAL A 15 -26.08 3.98 1.68
CA VAL A 15 -27.06 3.50 2.70
C VAL A 15 -27.71 4.69 3.39
N SER A 16 -28.74 4.44 4.15
CA SER A 16 -29.44 5.56 4.86
C SER A 16 -30.42 4.96 5.88
N ASN A 17 -31.06 5.78 6.67
CA ASN A 17 -32.01 5.24 7.68
C ASN A 17 -33.38 5.04 7.01
N LYS A 18 -34.44 5.10 7.77
CA LYS A 18 -35.79 4.89 7.16
C LYS A 18 -36.82 5.80 7.86
N TYR A 19 -36.76 5.88 9.16
CA TYR A 19 -37.71 6.74 9.90
C TYR A 19 -37.02 8.05 10.24
N PHE A 20 -36.36 8.62 9.27
CA PHE A 20 -35.63 9.89 9.50
C PHE A 20 -36.20 10.96 8.58
N SER A 21 -35.37 11.88 8.17
CA SER A 21 -35.83 12.97 7.26
C SER A 21 -34.64 13.49 6.46
N ASN A 22 -33.49 13.60 7.09
CA ASN A 22 -32.28 14.08 6.38
C ASN A 22 -31.09 13.19 6.75
N ILE A 23 -31.14 11.94 6.38
CA ILE A 23 -30.02 11.02 6.71
C ILE A 23 -29.62 10.24 5.46
N HIS A 24 -28.35 9.98 5.29
CA HIS A 24 -27.89 9.22 4.09
C HIS A 24 -26.36 9.21 4.05
N TRP A 25 -25.76 8.10 4.44
CA TRP A 25 -24.28 8.03 4.43
C TRP A 25 -23.83 6.88 3.51
N CYS A 26 -22.94 7.16 2.59
CA CYS A 26 -22.48 6.09 1.67
C CYS A 26 -21.62 5.08 2.45
N ASN A 27 -21.50 3.88 1.94
CA ASN A 27 -20.68 2.86 2.65
C ASN A 27 -19.55 2.37 1.73
N CYS A 28 -18.40 2.97 1.83
CA CYS A 28 -17.26 2.55 0.98
C CYS A 28 -16.01 2.45 1.85
N PRO A 29 -15.18 1.49 1.57
CA PRO A 29 -13.95 1.27 2.33
C PRO A 29 -13.26 2.61 2.63
N LYS A 30 -12.63 2.71 3.76
CA LYS A 30 -11.93 3.98 4.12
C LYS A 30 -10.73 4.18 3.20
N LYS A 31 -10.17 3.11 2.71
CA LYS A 31 -8.99 3.24 1.80
C LYS A 31 -9.49 3.52 0.38
N PHE A 32 -10.75 3.78 0.22
CA PHE A 32 -11.31 4.07 -1.14
C PHE A 32 -11.33 5.58 -1.39
N GLY A 33 -11.21 5.99 -2.62
CA GLY A 33 -11.23 7.45 -2.92
C GLY A 33 -11.67 7.66 -4.37
N GLY A 34 -11.84 8.88 -4.79
CA GLY A 34 -12.27 9.15 -6.19
C GLY A 34 -13.70 9.66 -6.19
N GLN A 35 -13.87 10.95 -6.04
CA GLN A 35 -15.25 11.55 -6.05
C GLN A 35 -16.21 10.68 -5.24
N HIS A 36 -16.81 9.71 -5.86
CA HIS A 36 -17.75 8.82 -5.12
C HIS A 36 -17.01 7.58 -4.68
N CYS A 37 -15.80 7.72 -4.23
CA CYS A 37 -15.03 6.54 -3.77
C CYS A 37 -14.86 5.57 -4.95
N GLU A 38 -14.16 5.97 -5.96
CA GLU A 38 -13.95 5.06 -7.13
C GLU A 38 -12.53 4.49 -7.09
N ILE A 39 -11.54 5.34 -7.12
CA ILE A 39 -10.14 4.84 -7.07
C ILE A 39 -10.01 3.79 -5.97
N ASP A 40 -9.06 2.91 -6.10
CA ASP A 40 -8.88 1.85 -5.06
C ASP A 40 -7.41 1.83 -4.63
N LYS A 41 -7.07 2.62 -3.64
CA LYS A 41 -5.65 2.65 -3.17
C LYS A 41 -5.10 1.23 -3.10
N SER A 42 -5.18 0.60 -1.95
CA SER A 42 -4.65 -0.79 -1.83
C SER A 42 -3.28 -0.88 -2.52
N LYS A 43 -2.22 -0.65 -1.80
CA LYS A 43 -0.87 -0.71 -2.42
C LYS A 43 -0.78 -1.94 -3.33
N THR A 44 0.20 -1.97 -4.20
CA THR A 44 0.34 -3.13 -5.12
C THR A 44 0.61 -4.39 -4.30
N CYS A 45 1.38 -4.29 -3.26
CA CYS A 45 1.68 -5.48 -2.43
C CYS A 45 0.37 -6.17 -2.04
N TYR A 46 0.41 -7.47 -1.84
CA TYR A 46 -0.83 -8.20 -1.46
C TYR A 46 -1.03 -8.12 0.05
N GLU A 47 -2.25 -7.97 0.49
CA GLU A 47 -2.52 -7.88 1.95
C GLU A 47 -2.99 -9.25 2.46
N GLY A 48 -2.51 -9.67 3.59
CA GLY A 48 -2.94 -10.99 4.15
C GLY A 48 -2.70 -12.07 3.10
N ASN A 49 -3.36 -13.20 3.23
CA ASN A 49 -3.18 -14.29 2.23
C ASN A 49 -3.31 -13.72 0.82
N GLY A 50 -4.38 -13.02 0.55
CA GLY A 50 -4.57 -12.44 -0.81
C GLY A 50 -5.58 -13.29 -1.59
N HIS A 51 -6.21 -14.23 -0.94
CA HIS A 51 -7.21 -15.08 -1.65
C HIS A 51 -8.09 -14.21 -2.53
N PHE A 52 -8.34 -12.99 -2.12
CA PHE A 52 -9.20 -12.09 -2.93
C PHE A 52 -8.40 -10.84 -3.34
N TYR A 53 -7.84 -10.84 -4.52
CA TYR A 53 -7.06 -9.66 -4.96
C TYR A 53 -6.50 -9.91 -6.36
N ARG A 54 -6.77 -9.03 -7.28
CA ARG A 54 -6.26 -9.22 -8.67
C ARG A 54 -4.77 -8.90 -8.71
N GLY A 55 -4.42 -7.63 -8.68
CA GLY A 55 -2.98 -7.26 -8.72
C GLY A 55 -2.43 -7.47 -10.12
N LYS A 56 -1.14 -7.30 -10.30
CA LYS A 56 -0.55 -7.48 -11.65
C LYS A 56 0.33 -8.73 -11.66
N ALA A 57 0.92 -9.07 -10.54
CA ALA A 57 1.79 -10.28 -10.48
C ALA A 57 1.09 -11.43 -11.21
N SER A 58 1.50 -11.72 -12.41
CA SER A 58 0.86 -12.83 -13.17
C SER A 58 1.88 -13.96 -13.36
N THR A 59 3.14 -13.68 -13.23
CA THR A 59 4.16 -14.75 -13.40
C THR A 59 4.32 -15.53 -12.09
N ASP A 60 4.97 -16.65 -12.13
CA ASP A 60 5.14 -17.46 -10.89
C ASP A 60 6.36 -16.96 -10.11
N THR A 61 7.04 -17.83 -9.40
CA THR A 61 8.23 -17.40 -8.62
C THR A 61 9.47 -17.46 -9.52
N MET A 62 9.30 -17.35 -10.81
CA MET A 62 10.46 -17.41 -11.72
C MET A 62 10.39 -16.23 -12.69
N GLY A 63 9.22 -15.94 -13.19
CA GLY A 63 9.07 -14.81 -14.13
C GLY A 63 8.14 -15.23 -15.28
N ARG A 64 8.10 -16.49 -15.59
CA ARG A 64 7.20 -16.95 -16.69
C ARG A 64 5.76 -16.51 -16.38
N PRO A 65 4.99 -16.30 -17.42
CA PRO A 65 3.60 -15.88 -17.28
C PRO A 65 2.74 -17.02 -16.75
N CYS A 66 3.31 -18.16 -16.49
CA CYS A 66 2.51 -19.30 -15.97
C CYS A 66 1.64 -19.86 -17.10
N LEU A 67 1.11 -21.04 -16.93
CA LEU A 67 0.26 -21.63 -18.00
C LEU A 67 -1.16 -21.04 -17.90
N PRO A 68 -1.61 -20.42 -18.96
CA PRO A 68 -2.94 -19.82 -18.98
C PRO A 68 -3.96 -20.86 -18.51
N TRP A 69 -4.99 -20.42 -17.84
CA TRP A 69 -6.02 -21.39 -17.34
C TRP A 69 -6.75 -22.02 -18.53
N ASN A 70 -6.49 -21.56 -19.73
CA ASN A 70 -7.15 -22.15 -20.92
C ASN A 70 -6.21 -23.20 -21.51
N SER A 71 -4.94 -23.08 -21.22
CA SER A 71 -3.94 -24.04 -21.73
C SER A 71 -4.40 -25.45 -21.36
N ALA A 72 -4.84 -26.17 -22.34
CA ALA A 72 -5.35 -27.56 -22.12
C ALA A 72 -4.56 -28.26 -21.00
N THR A 73 -3.32 -27.93 -20.83
CA THR A 73 -2.52 -28.58 -19.74
C THR A 73 -3.18 -28.31 -18.39
N VAL A 74 -3.23 -27.07 -17.98
CA VAL A 74 -3.86 -26.74 -16.69
C VAL A 74 -5.33 -27.17 -16.76
N LEU A 75 -5.92 -27.08 -17.92
CA LEU A 75 -7.33 -27.51 -18.06
C LEU A 75 -7.42 -28.95 -17.57
N GLN A 76 -6.40 -29.71 -17.83
CA GLN A 76 -6.36 -31.12 -17.37
C GLN A 76 -6.25 -31.13 -15.85
N GLN A 77 -5.51 -30.21 -15.30
CA GLN A 77 -5.35 -30.15 -13.81
C GLN A 77 -6.73 -29.92 -13.16
N THR A 78 -6.76 -29.20 -12.07
CA THR A 78 -8.07 -28.96 -11.39
C THR A 78 -8.47 -27.49 -11.51
N TYR A 79 -7.89 -26.63 -10.72
CA TYR A 79 -8.25 -25.19 -10.80
C TYR A 79 -7.80 -24.62 -12.14
N HIS A 80 -8.72 -24.38 -13.02
CA HIS A 80 -8.36 -23.82 -14.36
C HIS A 80 -9.61 -23.26 -15.03
N ALA A 81 -9.64 -23.21 -16.33
CA ALA A 81 -10.83 -22.65 -17.04
C ALA A 81 -11.77 -23.78 -17.45
N HIS A 82 -12.12 -24.64 -16.55
CA HIS A 82 -13.04 -25.77 -16.89
C HIS A 82 -13.20 -26.69 -15.68
N ARG A 83 -13.41 -26.14 -14.51
CA ARG A 83 -13.57 -26.99 -13.31
C ARG A 83 -14.87 -26.63 -12.61
N SER A 84 -15.32 -27.46 -11.71
CA SER A 84 -16.58 -27.15 -10.99
C SER A 84 -16.27 -26.23 -9.81
N ASP A 85 -15.09 -25.68 -9.78
CA ASP A 85 -14.72 -24.77 -8.66
C ASP A 85 -13.95 -23.57 -9.21
N ALA A 86 -13.79 -23.49 -10.50
CA ALA A 86 -13.05 -22.34 -11.08
C ALA A 86 -13.95 -21.11 -11.08
N LEU A 87 -15.23 -21.30 -10.84
CA LEU A 87 -16.15 -20.13 -10.82
C LEU A 87 -16.13 -19.48 -9.44
N GLN A 88 -15.53 -20.13 -8.48
CA GLN A 88 -15.44 -19.54 -7.12
C GLN A 88 -14.21 -18.64 -7.06
N LEU A 89 -13.29 -18.85 -7.97
CA LEU A 89 -12.05 -18.02 -7.99
C LEU A 89 -12.08 -17.11 -9.22
N GLY A 90 -12.95 -17.40 -10.16
CA GLY A 90 -13.02 -16.54 -11.38
C GLY A 90 -11.76 -16.75 -12.22
N LEU A 91 -11.63 -17.90 -12.84
CA LEU A 91 -10.42 -18.16 -13.67
C LEU A 91 -10.75 -17.80 -15.13
N GLY A 92 -11.27 -18.74 -15.87
CA GLY A 92 -11.61 -18.45 -17.29
C GLY A 92 -10.38 -18.64 -18.18
N LYS A 93 -10.26 -17.86 -19.22
CA LYS A 93 -9.08 -17.99 -20.12
C LYS A 93 -8.17 -16.77 -19.98
N HIS A 94 -7.19 -16.84 -19.12
CA HIS A 94 -6.28 -15.69 -18.94
C HIS A 94 -4.94 -16.19 -18.38
N ASN A 95 -4.15 -15.33 -17.79
CA ASN A 95 -2.84 -15.79 -17.24
C ASN A 95 -2.54 -15.10 -15.91
N TYR A 96 -3.55 -14.66 -15.22
CA TYR A 96 -3.30 -13.99 -13.89
C TYR A 96 -3.10 -15.06 -12.82
N CYS A 97 -2.54 -14.69 -11.71
CA CYS A 97 -2.31 -15.70 -10.62
C CYS A 97 -3.54 -15.75 -9.71
N ARG A 98 -3.86 -16.90 -9.21
CA ARG A 98 -5.05 -17.02 -8.31
C ARG A 98 -4.71 -17.96 -7.15
N ASN A 99 -5.51 -17.97 -6.11
CA ASN A 99 -5.21 -18.87 -4.97
C ASN A 99 -6.47 -19.67 -4.58
N PRO A 100 -7.03 -20.38 -5.52
CA PRO A 100 -8.22 -21.19 -5.27
C PRO A 100 -8.04 -22.03 -4.00
N ASP A 101 -6.82 -22.26 -3.59
CA ASP A 101 -6.58 -23.07 -2.37
C ASP A 101 -5.78 -22.24 -1.37
N ASN A 102 -6.40 -21.76 -0.34
CA ASN A 102 -5.70 -20.94 0.68
C ASN A 102 -4.29 -21.47 0.92
N ARG A 103 -3.34 -20.99 0.16
CA ARG A 103 -1.95 -21.45 0.32
C ARG A 103 -1.09 -20.32 0.89
N ARG A 104 -1.73 -19.32 1.45
CA ARG A 104 -0.97 -18.16 2.01
C ARG A 104 -0.60 -17.21 0.86
N ARG A 105 0.32 -17.60 0.03
CA ARG A 105 0.70 -16.74 -1.12
C ARG A 105 -0.04 -17.22 -2.36
N PRO A 106 -0.23 -16.32 -3.31
CA PRO A 106 -0.93 -16.64 -4.54
C PRO A 106 -0.07 -17.55 -5.42
N TRP A 107 -0.63 -18.64 -5.88
CA TRP A 107 0.15 -19.59 -6.74
C TRP A 107 -0.57 -19.73 -8.09
N CYS A 108 0.11 -20.24 -9.08
CA CYS A 108 -0.54 -20.41 -10.41
C CYS A 108 -0.03 -21.69 -11.07
N TYR A 109 -0.83 -22.30 -11.91
CA TYR A 109 -0.40 -23.56 -12.58
C TYR A 109 0.68 -23.21 -13.61
N VAL A 110 1.90 -23.10 -13.19
CA VAL A 110 3.00 -22.78 -14.16
C VAL A 110 3.75 -24.07 -14.49
N GLN A 111 4.00 -24.30 -15.75
CA GLN A 111 4.73 -25.53 -16.16
C GLN A 111 6.04 -25.65 -15.38
N VAL A 112 6.36 -26.82 -14.90
CA VAL A 112 7.62 -27.00 -14.14
C VAL A 112 8.46 -28.10 -14.79
N GLY A 113 8.28 -28.31 -16.06
CA GLY A 113 9.05 -29.37 -16.76
C GLY A 113 8.10 -30.22 -17.60
N LEU A 114 7.17 -30.89 -16.95
CA LEU A 114 6.20 -31.74 -17.70
C LEU A 114 4.81 -31.68 -17.06
N LYS A 115 4.66 -30.99 -15.96
CA LYS A 115 3.32 -30.91 -15.32
C LYS A 115 3.13 -29.53 -14.67
N PRO A 116 2.12 -28.82 -15.10
CA PRO A 116 1.85 -27.49 -14.57
C PRO A 116 1.81 -27.53 -13.04
N LEU A 117 2.86 -27.11 -12.39
CA LEU A 117 2.89 -27.13 -10.90
C LEU A 117 2.46 -25.76 -10.37
N VAL A 118 1.74 -25.73 -9.28
CA VAL A 118 1.31 -24.41 -8.74
C VAL A 118 2.47 -23.73 -8.01
N GLN A 119 2.88 -22.59 -8.46
CA GLN A 119 4.01 -21.87 -7.80
C GLN A 119 3.51 -20.56 -7.21
N GLU A 120 3.68 -20.37 -5.93
CA GLU A 120 3.22 -19.10 -5.30
C GLU A 120 3.81 -17.92 -6.08
N CYS A 121 3.13 -17.43 -7.08
CA CYS A 121 3.65 -16.29 -7.87
C CYS A 121 4.37 -15.30 -6.96
N MET A 122 5.67 -15.31 -6.98
CA MET A 122 6.43 -14.37 -6.10
C MET A 122 5.86 -12.95 -6.25
N VAL A 123 5.11 -12.50 -5.27
CA VAL A 123 4.53 -11.14 -5.36
C VAL A 123 4.99 -10.31 -4.15
N HIS A 124 6.26 -10.24 -3.92
CA HIS A 124 6.77 -9.45 -2.76
C HIS A 124 7.58 -8.26 -3.27
N ASP A 125 8.05 -7.43 -2.38
CA ASP A 125 8.85 -6.25 -2.81
C ASP A 125 7.97 -5.32 -3.66
N CYS A 126 7.72 -4.13 -3.19
CA CYS A 126 6.87 -3.19 -3.97
C CYS A 126 7.12 -1.76 -3.49
N ALA A 127 8.28 -1.50 -2.96
CA ALA A 127 8.58 -0.13 -2.46
C ALA A 127 10.09 0.13 -2.55
N ASP A 128 10.63 0.11 -3.74
CA ASP A 128 12.09 0.36 -3.90
C ASP A 128 12.31 1.42 -4.98
N GLY A 129 13.35 1.29 -5.76
CA GLY A 129 13.62 2.29 -6.82
C GLY A 129 12.36 2.47 -7.68
N LYS A 130 11.93 1.44 -8.34
CA LYS A 130 10.71 1.55 -9.19
C LYS A 130 9.47 1.27 -8.35
C1 FUC B . -23.74 -2.05 -2.29
C2 FUC B . -23.16 -2.87 -3.44
C3 FUC B . -22.60 -4.18 -2.88
C4 FUC B . -23.72 -4.91 -2.16
C5 FUC B . -24.27 -4.01 -1.06
C6 FUC B . -25.41 -4.65 -0.29
O2 FUC B . -22.12 -2.15 -4.07
O3 FUC B . -22.10 -4.99 -3.94
O4 FUC B . -24.75 -5.23 -3.08
O5 FUC B . -24.78 -2.79 -1.63
N GLN A 1 9.90 7.14 -14.69
CA GLN A 1 10.96 7.66 -13.78
C GLN A 1 11.50 8.99 -14.35
N VAL A 2 11.48 10.03 -13.56
CA VAL A 2 11.98 11.34 -14.05
C VAL A 2 12.78 12.03 -12.94
N PRO A 3 14.04 11.70 -12.85
CA PRO A 3 14.92 12.27 -11.84
C PRO A 3 14.79 13.80 -11.84
N SER A 4 13.87 14.33 -11.08
CA SER A 4 13.71 15.80 -11.02
C SER A 4 14.47 16.36 -9.83
N ASN A 5 15.78 16.36 -9.90
CA ASN A 5 16.58 16.90 -8.76
C ASN A 5 16.20 16.17 -7.48
N CYS A 6 16.98 15.21 -7.07
CA CYS A 6 16.66 14.46 -5.81
C CYS A 6 15.36 13.67 -6.02
N ASP A 7 14.60 13.48 -4.98
CA ASP A 7 13.33 12.71 -5.11
C ASP A 7 12.30 13.24 -4.11
N CYS A 8 11.66 14.34 -4.42
CA CYS A 8 10.64 14.89 -3.49
C CYS A 8 10.34 16.35 -3.88
N LEU A 9 9.64 17.07 -3.05
CA LEU A 9 9.32 18.49 -3.38
C LEU A 9 9.46 19.36 -2.12
N ASN A 10 9.01 20.58 -2.19
CA ASN A 10 9.10 21.47 -1.01
C ASN A 10 10.57 21.61 -0.57
N GLY A 11 11.48 21.49 -1.50
CA GLY A 11 12.92 21.61 -1.14
C GLY A 11 13.26 20.63 -0.03
N GLY A 12 12.75 19.42 -0.10
CA GLY A 12 13.06 18.42 0.95
C GLY A 12 14.57 18.34 1.18
N THR A 13 15.01 17.48 2.04
CA THR A 13 16.47 17.36 2.29
C THR A 13 17.05 16.22 1.45
N CYS A 14 17.78 16.56 0.41
CA CYS A 14 18.37 15.50 -0.46
C CYS A 14 19.25 14.58 0.40
N VAL A 15 19.34 13.33 0.04
CA VAL A 15 20.18 12.39 0.83
C VAL A 15 20.84 11.37 -0.09
N SER A 16 21.92 10.79 0.34
CA SER A 16 22.64 9.78 -0.49
C SER A 16 23.74 9.14 0.35
N ASN A 17 24.01 7.88 0.16
CA ASN A 17 25.08 7.22 0.96
C ASN A 17 26.42 7.88 0.63
N LYS A 18 27.51 7.22 0.93
CA LYS A 18 28.84 7.83 0.62
C LYS A 18 29.74 6.81 -0.09
N TYR A 19 29.97 5.69 0.52
CA TYR A 19 30.83 4.65 -0.13
C TYR A 19 29.95 3.67 -0.89
N PHE A 20 28.93 4.18 -1.52
CA PHE A 20 28.00 3.30 -2.27
C PHE A 20 28.30 3.37 -3.77
N SER A 21 27.30 3.37 -4.59
CA SER A 21 27.51 3.44 -6.06
C SER A 21 26.51 4.41 -6.68
N ASN A 22 25.29 4.40 -6.19
CA ASN A 22 24.26 5.32 -6.75
C ASN A 22 23.00 5.24 -5.89
N ILE A 23 23.11 5.54 -4.61
CA ILE A 23 21.92 5.48 -3.73
C ILE A 23 21.55 6.88 -3.25
N HIS A 24 21.35 7.80 -4.16
CA HIS A 24 20.99 9.18 -3.75
C HIS A 24 19.46 9.29 -3.70
N TRP A 25 18.90 9.25 -2.52
CA TRP A 25 17.42 9.35 -2.39
C TRP A 25 17.05 10.71 -1.80
N CYS A 26 15.92 10.80 -1.15
CA CYS A 26 15.52 12.11 -0.56
C CYS A 26 14.80 11.87 0.78
N ASN A 27 14.82 12.83 1.66
CA ASN A 27 14.14 12.67 2.97
C ASN A 27 13.28 13.90 3.26
N CYS A 28 11.99 13.77 3.12
CA CYS A 28 11.10 14.93 3.40
C CYS A 28 10.36 14.69 4.72
N PRO A 29 9.86 15.75 5.30
CA PRO A 29 9.13 15.67 6.56
C PRO A 29 8.11 14.54 6.51
N LYS A 30 7.92 13.84 7.59
CA LYS A 30 6.94 12.72 7.60
C LYS A 30 5.53 13.27 7.43
N LYS A 31 5.34 14.54 7.71
CA LYS A 31 3.99 15.15 7.56
C LYS A 31 3.80 15.61 6.11
N PHE A 32 4.67 15.20 5.23
CA PHE A 32 4.55 15.61 3.81
C PHE A 32 3.96 14.47 2.99
N GLY A 33 3.52 14.73 1.80
CA GLY A 33 2.93 13.65 0.96
C GLY A 33 2.38 14.25 -0.34
N GLY A 34 2.43 13.51 -1.42
CA GLY A 34 1.90 14.02 -2.71
C GLY A 34 2.96 13.86 -3.79
N GLN A 35 2.66 13.04 -4.78
CA GLN A 35 3.63 12.81 -5.90
C GLN A 35 5.04 12.63 -5.32
N HIS A 36 5.76 13.70 -5.16
CA HIS A 36 7.13 13.62 -4.60
C HIS A 36 7.19 14.43 -3.32
N CYS A 37 6.36 14.13 -2.36
CA CYS A 37 6.38 14.92 -1.11
C CYS A 37 6.30 16.41 -1.44
N GLU A 38 5.21 16.83 -2.04
CA GLU A 38 5.06 18.26 -2.40
C GLU A 38 3.92 18.89 -1.59
N ILE A 39 3.16 18.08 -0.92
CA ILE A 39 2.03 18.64 -0.11
C ILE A 39 2.40 18.63 1.38
N ASP A 40 1.99 19.63 2.10
CA ASP A 40 2.32 19.68 3.55
C ASP A 40 1.03 19.49 4.36
N LYS A 41 0.67 18.27 4.64
CA LYS A 41 -0.57 18.01 5.42
C LYS A 41 -0.66 18.99 6.59
N SER A 42 -1.81 19.10 7.20
CA SER A 42 -1.95 20.04 8.35
C SER A 42 -3.37 19.95 8.91
N LYS A 43 -4.36 20.22 8.10
CA LYS A 43 -5.76 20.14 8.60
C LYS A 43 -6.32 18.73 8.37
N THR A 44 -7.28 18.58 7.49
CA THR A 44 -7.84 17.23 7.23
C THR A 44 -8.45 16.67 8.52
N CYS A 45 -9.53 15.95 8.42
CA CYS A 45 -10.16 15.38 9.65
C CYS A 45 -11.59 14.93 9.34
N TYR A 46 -12.22 14.23 10.24
CA TYR A 46 -13.61 13.77 9.99
C TYR A 46 -14.43 13.97 11.26
N GLU A 47 -15.63 13.44 11.30
CA GLU A 47 -16.47 13.61 12.52
C GLU A 47 -16.70 12.25 13.17
N GLY A 48 -17.46 11.40 12.54
CA GLY A 48 -17.73 10.06 13.13
C GLY A 48 -16.40 9.38 13.48
N ASN A 49 -16.45 8.20 14.05
CA ASN A 49 -15.19 7.50 14.42
C ASN A 49 -14.42 7.12 13.14
N GLY A 50 -15.12 6.78 12.09
CA GLY A 50 -14.44 6.40 10.83
C GLY A 50 -14.58 4.90 10.61
N HIS A 51 -15.66 4.47 10.01
CA HIS A 51 -15.85 3.02 9.77
C HIS A 51 -16.02 2.78 8.26
N PHE A 52 -16.71 3.67 7.59
CA PHE A 52 -16.91 3.49 6.12
C PHE A 52 -16.63 4.81 5.41
N TYR A 53 -15.44 4.98 4.89
CA TYR A 53 -15.10 6.25 4.18
C TYR A 53 -13.65 6.20 3.71
N ARG A 54 -13.05 7.33 3.49
CA ARG A 54 -11.63 7.34 3.02
C ARG A 54 -10.93 8.60 3.56
N GLY A 55 -11.49 9.75 3.31
CA GLY A 55 -10.85 11.00 3.80
C GLY A 55 -9.36 11.00 3.46
N LYS A 56 -8.51 11.09 4.44
CA LYS A 56 -7.04 11.10 4.17
C LYS A 56 -6.30 10.47 5.36
N ALA A 57 -5.11 10.93 5.64
CA ALA A 57 -4.35 10.37 6.78
C ALA A 57 -3.98 8.92 6.48
N SER A 58 -2.73 8.66 6.18
CA SER A 58 -2.31 7.27 5.86
C SER A 58 -1.31 6.79 6.92
N THR A 59 -0.96 7.62 7.85
CA THR A 59 0.02 7.20 8.90
C THR A 59 -0.73 6.76 10.16
N ASP A 60 -0.07 6.06 11.04
CA ASP A 60 -0.76 5.60 12.28
C ASP A 60 -0.54 6.63 13.40
N THR A 61 -0.43 6.20 14.63
CA THR A 61 -0.23 7.16 15.75
C THR A 61 1.26 7.43 15.93
N MET A 62 2.03 7.34 14.87
CA MET A 62 3.47 7.60 15.00
C MET A 62 3.91 8.57 13.91
N GLY A 63 3.40 8.39 12.72
CA GLY A 63 3.76 9.29 11.60
C GLY A 63 4.10 8.44 10.37
N ARG A 64 4.56 7.25 10.58
CA ARG A 64 4.89 6.37 9.43
C ARG A 64 3.60 6.08 8.66
N PRO A 65 3.74 5.82 7.39
CA PRO A 65 2.60 5.54 6.52
C PRO A 65 2.02 4.15 6.83
N CYS A 66 2.54 3.46 7.81
CA CYS A 66 2.00 2.11 8.14
C CYS A 66 2.46 1.10 7.08
N LEU A 67 2.31 -0.16 7.35
CA LEU A 67 2.72 -1.20 6.37
C LEU A 67 1.61 -1.39 5.34
N PRO A 68 1.91 -1.15 4.09
CA PRO A 68 0.93 -1.31 3.03
C PRO A 68 0.27 -2.68 3.16
N TRP A 69 -0.99 -2.79 2.85
CA TRP A 69 -1.68 -4.11 2.99
C TRP A 69 -0.97 -5.15 2.12
N ASN A 70 -0.11 -4.74 1.23
CA ASN A 70 0.62 -5.71 0.38
C ASN A 70 1.87 -6.17 1.14
N SER A 71 2.43 -5.31 1.95
CA SER A 71 3.64 -5.67 2.72
C SER A 71 3.50 -7.10 3.24
N ALA A 72 4.20 -8.00 2.63
CA ALA A 72 4.14 -9.44 3.02
C ALA A 72 3.94 -9.58 4.53
N THR A 73 4.43 -8.66 5.31
CA THR A 73 4.24 -8.75 6.80
C THR A 73 2.76 -8.66 7.13
N VAL A 74 2.13 -7.55 6.81
CA VAL A 74 0.69 -7.40 7.10
C VAL A 74 -0.05 -8.54 6.40
N LEU A 75 0.44 -8.97 5.27
CA LEU A 75 -0.23 -10.09 4.56
C LEU A 75 -0.24 -11.28 5.52
N GLN A 76 0.84 -11.47 6.22
CA GLN A 76 0.92 -12.57 7.20
C GLN A 76 -0.16 -12.35 8.26
N GLN A 77 -0.44 -11.12 8.55
CA GLN A 77 -1.50 -10.80 9.56
C GLN A 77 -2.87 -10.91 8.89
N THR A 78 -3.82 -10.13 9.32
CA THR A 78 -5.17 -10.19 8.69
C THR A 78 -5.46 -8.84 8.03
N TYR A 79 -6.72 -8.47 7.96
CA TYR A 79 -7.13 -7.17 7.33
C TYR A 79 -6.02 -6.58 6.48
N HIS A 80 -5.54 -7.34 5.54
CA HIS A 80 -4.44 -6.86 4.66
C HIS A 80 -4.89 -7.03 3.19
N ALA A 81 -3.99 -7.40 2.33
CA ALA A 81 -4.37 -7.57 0.91
C ALA A 81 -4.45 -9.07 0.58
N HIS A 82 -5.08 -9.86 1.41
CA HIS A 82 -5.16 -11.33 1.14
C HIS A 82 -5.91 -12.03 2.28
N ARG A 83 -7.18 -11.77 2.44
CA ARG A 83 -7.93 -12.42 3.55
C ARG A 83 -9.44 -12.25 3.30
N SER A 84 -10.25 -12.48 4.30
CA SER A 84 -11.71 -12.32 4.10
C SER A 84 -12.20 -11.13 4.93
N ASP A 85 -11.65 -9.98 4.67
CA ASP A 85 -12.06 -8.76 5.43
C ASP A 85 -11.91 -7.53 4.54
N ALA A 86 -10.97 -7.53 3.63
CA ALA A 86 -10.81 -6.35 2.75
C ALA A 86 -12.15 -6.01 2.11
N LEU A 87 -13.04 -6.96 2.08
CA LEU A 87 -14.37 -6.72 1.46
C LEU A 87 -15.12 -5.61 2.21
N GLN A 88 -15.50 -5.88 3.43
CA GLN A 88 -16.26 -4.88 4.23
C GLN A 88 -15.48 -3.57 4.37
N LEU A 89 -14.20 -3.65 4.57
CA LEU A 89 -13.40 -2.40 4.74
C LEU A 89 -12.65 -2.05 3.45
N GLY A 90 -12.95 -2.73 2.38
CA GLY A 90 -12.26 -2.43 1.09
C GLY A 90 -10.77 -2.18 1.33
N LEU A 91 -10.00 -3.22 1.53
CA LEU A 91 -8.53 -3.02 1.73
C LEU A 91 -7.82 -3.17 0.38
N GLY A 92 -7.14 -4.26 0.14
CA GLY A 92 -6.46 -4.43 -1.17
C GLY A 92 -4.97 -4.08 -1.05
N LYS A 93 -4.47 -3.28 -1.94
CA LYS A 93 -3.02 -2.91 -1.87
C LYS A 93 -2.88 -1.39 -1.80
N HIS A 94 -2.64 -0.87 -0.63
CA HIS A 94 -2.50 0.61 -0.48
C HIS A 94 -2.09 0.93 0.95
N ASN A 95 -2.15 2.19 1.32
CA ASN A 95 -1.77 2.58 2.71
C ASN A 95 -2.78 3.60 3.23
N TYR A 96 -3.94 3.15 3.64
CA TYR A 96 -4.97 4.09 4.15
C TYR A 96 -5.45 3.63 5.52
N CYS A 97 -6.38 4.34 6.11
CA CYS A 97 -6.89 3.92 7.45
C CYS A 97 -8.21 3.16 7.27
N ARG A 98 -8.78 2.68 8.34
CA ARG A 98 -10.05 1.91 8.23
C ARG A 98 -10.45 1.40 9.62
N ASN A 99 -11.36 0.46 9.69
CA ASN A 99 -11.76 -0.06 11.03
C ASN A 99 -12.63 -1.32 10.88
N PRO A 100 -12.04 -2.37 10.35
CA PRO A 100 -12.73 -3.64 10.16
C PRO A 100 -13.32 -4.15 11.48
N ASP A 101 -12.93 -3.60 12.60
CA ASP A 101 -13.48 -4.11 13.90
C ASP A 101 -13.98 -2.96 14.77
N ASN A 102 -14.20 -1.81 14.20
CA ASN A 102 -14.70 -0.65 15.01
C ASN A 102 -13.56 -0.07 15.84
N ARG A 103 -13.22 -0.69 16.94
CA ARG A 103 -12.12 -0.17 17.79
C ARG A 103 -12.38 1.30 18.15
N ARG A 104 -13.59 1.76 17.99
CA ARG A 104 -13.89 3.19 18.31
C ARG A 104 -12.73 4.07 17.82
N ARG A 105 -12.05 3.65 16.79
CA ARG A 105 -10.92 4.46 16.27
C ARG A 105 -10.18 3.68 15.18
N PRO A 106 -10.27 4.15 13.96
CA PRO A 106 -9.62 3.48 12.83
C PRO A 106 -8.16 3.18 13.16
N TRP A 107 -7.68 2.04 12.77
CA TRP A 107 -6.25 1.68 13.05
C TRP A 107 -5.61 1.15 11.76
N CYS A 108 -4.33 0.94 11.76
CA CYS A 108 -3.67 0.42 10.54
C CYS A 108 -2.53 -0.53 10.91
N TYR A 109 -2.27 -1.52 10.11
CA TYR A 109 -1.17 -2.48 10.41
C TYR A 109 0.18 -1.79 10.22
N VAL A 110 0.62 -1.05 11.20
CA VAL A 110 1.93 -0.34 11.08
C VAL A 110 2.97 -1.11 11.91
N GLN A 111 4.11 -1.38 11.34
CA GLN A 111 5.17 -2.12 12.08
C GLN A 111 5.41 -1.48 13.44
N VAL A 112 5.34 -2.25 14.49
CA VAL A 112 5.57 -1.71 15.85
C VAL A 112 7.03 -1.94 16.22
N GLY A 113 7.87 -2.14 15.24
CA GLY A 113 9.30 -2.39 15.51
C GLY A 113 9.65 -3.83 15.11
N LEU A 114 8.72 -4.73 15.27
CA LEU A 114 9.00 -6.15 14.91
C LEU A 114 7.74 -6.84 14.35
N LYS A 115 6.57 -6.30 14.57
CA LYS A 115 5.34 -6.94 14.01
C LYS A 115 4.30 -5.85 13.68
N PRO A 116 3.72 -5.94 12.51
CA PRO A 116 2.73 -4.96 12.08
C PRO A 116 1.64 -4.84 13.15
N LEU A 117 1.77 -3.90 14.04
CA LEU A 117 0.74 -3.74 15.10
C LEU A 117 -0.29 -2.71 14.63
N VAL A 118 -1.54 -2.93 14.93
CA VAL A 118 -2.59 -1.97 14.48
C VAL A 118 -2.55 -0.73 15.37
N GLN A 119 -2.25 0.41 14.82
CA GLN A 119 -2.22 1.65 15.63
C GLN A 119 -3.36 2.56 15.19
N GLU A 120 -4.22 2.92 16.10
CA GLU A 120 -5.36 3.81 15.72
C GLU A 120 -4.80 5.03 15.00
N CYS A 121 -5.01 5.11 13.71
CA CYS A 121 -4.49 6.28 12.92
C CYS A 121 -4.55 7.55 13.78
N MET A 122 -3.53 8.38 13.71
CA MET A 122 -3.54 9.62 14.53
C MET A 122 -4.25 10.75 13.76
N VAL A 123 -5.54 10.85 13.92
CA VAL A 123 -6.29 11.93 13.22
C VAL A 123 -7.49 12.35 14.09
N HIS A 124 -7.38 13.45 14.77
CA HIS A 124 -8.50 13.92 15.63
C HIS A 124 -9.54 14.65 14.78
N ASP A 125 -10.33 15.50 15.37
CA ASP A 125 -11.35 16.24 14.59
C ASP A 125 -10.68 17.36 13.79
N CYS A 126 -11.46 18.27 13.26
CA CYS A 126 -10.86 19.38 12.47
C CYS A 126 -11.17 20.71 13.16
N ALA A 127 -10.16 21.42 13.58
CA ALA A 127 -10.40 22.72 14.26
C ALA A 127 -9.08 23.29 14.76
N ASP A 128 -8.71 24.46 14.31
CA ASP A 128 -7.43 25.06 14.76
C ASP A 128 -7.54 26.59 14.72
N GLY A 129 -8.07 27.19 15.75
CA GLY A 129 -8.21 28.67 15.78
C GLY A 129 -9.11 29.12 14.62
N LYS A 130 -9.93 28.24 14.12
CA LYS A 130 -10.83 28.62 13.00
C LYS A 130 -11.70 27.42 12.61
C1 FUC B . 16.46 17.89 5.95
C2 FUC B . 16.10 19.14 6.76
C3 FUC B . 14.61 19.43 6.59
C4 FUC B . 13.83 18.20 7.03
C5 FUC B . 14.27 17.00 6.20
C6 FUC B . 13.55 15.73 6.57
O2 FUC B . 16.87 20.25 6.33
O3 FUC B . 14.24 20.55 7.39
O4 FUC B . 14.07 17.94 8.40
O5 FUC B . 15.68 16.77 6.39
N GLN A 1 -22.00 6.46 2.14
CA GLN A 1 -22.39 7.39 1.05
C GLN A 1 -22.32 8.83 1.54
N VAL A 2 -22.12 9.77 0.65
CA VAL A 2 -22.03 11.20 1.07
C VAL A 2 -22.95 12.04 0.18
N PRO A 3 -23.28 13.22 0.68
CA PRO A 3 -24.14 14.13 -0.05
C PRO A 3 -23.64 14.32 -1.48
N SER A 4 -24.11 13.52 -2.40
CA SER A 4 -23.66 13.67 -3.81
C SER A 4 -22.15 13.41 -3.91
N ASN A 5 -21.60 13.50 -5.08
CA ASN A 5 -20.14 13.27 -5.23
C ASN A 5 -19.49 14.46 -5.94
N CYS A 6 -18.89 15.34 -5.20
CA CYS A 6 -18.25 16.53 -5.83
C CYS A 6 -17.07 16.09 -6.68
N ASP A 7 -16.09 16.94 -6.83
CA ASP A 7 -14.89 16.56 -7.63
C ASP A 7 -13.66 16.59 -6.73
N CYS A 8 -12.49 16.55 -7.31
CA CYS A 8 -11.25 16.56 -6.50
C CYS A 8 -11.26 15.38 -5.51
N LEU A 9 -10.14 15.00 -4.95
CA LEU A 9 -10.19 13.88 -3.98
C LEU A 9 -9.28 14.20 -2.77
N ASN A 10 -8.94 13.22 -1.99
CA ASN A 10 -8.07 13.49 -0.81
C ASN A 10 -8.84 14.35 0.19
N GLY A 11 -10.14 14.39 0.06
CA GLY A 11 -10.96 15.20 0.99
C GLY A 11 -11.05 16.65 0.51
N GLY A 12 -10.94 16.87 -0.76
CA GLY A 12 -11.03 18.28 -1.28
C GLY A 12 -12.38 18.87 -0.87
N THR A 13 -12.36 19.97 -0.15
CA THR A 13 -13.64 20.60 0.28
C THR A 13 -14.61 20.67 -0.90
N CYS A 14 -15.88 20.85 -0.62
CA CYS A 14 -16.87 20.92 -1.73
C CYS A 14 -17.66 22.23 -1.64
N VAL A 15 -17.80 22.93 -2.73
CA VAL A 15 -18.56 24.21 -2.70
C VAL A 15 -19.53 24.23 -3.89
N SER A 16 -20.37 25.23 -3.96
CA SER A 16 -21.34 25.31 -5.08
C SER A 16 -21.86 26.74 -5.21
N ASN A 17 -21.83 27.28 -6.40
CA ASN A 17 -22.32 28.68 -6.60
C ASN A 17 -23.79 28.76 -6.14
N LYS A 18 -24.36 29.93 -6.17
CA LYS A 18 -25.78 30.07 -5.73
C LYS A 18 -26.59 30.79 -6.82
N TYR A 19 -25.94 31.27 -7.85
CA TYR A 19 -26.68 31.97 -8.93
C TYR A 19 -26.45 31.26 -10.26
N PHE A 20 -26.63 29.97 -10.28
CA PHE A 20 -26.43 29.21 -11.54
C PHE A 20 -27.51 28.13 -11.66
N SER A 21 -27.18 27.01 -12.22
CA SER A 21 -28.18 25.91 -12.37
C SER A 21 -27.43 24.59 -12.59
N ASN A 22 -26.22 24.52 -12.13
CA ASN A 22 -25.41 23.28 -12.31
C ASN A 22 -23.93 23.64 -12.13
N ILE A 23 -23.61 24.28 -11.04
CA ILE A 23 -22.20 24.68 -10.81
C ILE A 23 -21.74 24.19 -9.43
N HIS A 24 -20.64 23.50 -9.38
CA HIS A 24 -20.13 22.98 -8.07
C HIS A 24 -18.67 22.55 -8.22
N TRP A 25 -17.76 23.30 -7.66
CA TRP A 25 -16.32 22.94 -7.78
C TRP A 25 -15.75 22.68 -6.38
N CYS A 26 -15.12 21.55 -6.17
CA CYS A 26 -14.54 21.26 -4.83
C CYS A 26 -13.30 22.11 -4.60
N ASN A 27 -13.13 22.64 -3.41
CA ASN A 27 -11.94 23.46 -3.12
C ASN A 27 -10.95 22.66 -2.27
N CYS A 28 -9.73 22.55 -2.71
CA CYS A 28 -8.72 21.78 -1.94
C CYS A 28 -7.51 22.67 -1.66
N PRO A 29 -6.71 22.28 -0.70
CA PRO A 29 -5.53 23.03 -0.33
C PRO A 29 -4.70 23.36 -1.59
N LYS A 30 -4.04 24.48 -1.59
CA LYS A 30 -3.22 24.86 -2.78
C LYS A 30 -2.11 23.84 -2.99
N LYS A 31 -1.88 22.99 -2.02
CA LYS A 31 -0.80 21.96 -2.17
C LYS A 31 -1.34 20.76 -2.93
N PHE A 32 -2.51 20.87 -3.51
CA PHE A 32 -3.07 19.71 -4.27
C PHE A 32 -3.22 20.09 -5.74
N GLY A 33 -3.22 19.13 -6.63
CA GLY A 33 -3.35 19.44 -8.07
C GLY A 33 -3.10 18.19 -8.91
N GLY A 34 -3.80 18.04 -9.99
CA GLY A 34 -3.60 16.85 -10.87
C GLY A 34 -4.86 15.98 -10.86
N GLN A 35 -5.21 15.45 -12.01
CA GLN A 35 -6.41 14.59 -12.12
C GLN A 35 -7.59 15.30 -11.44
N HIS A 36 -7.77 15.05 -10.18
CA HIS A 36 -8.86 15.72 -9.44
C HIS A 36 -8.27 16.26 -8.15
N CYS A 37 -7.34 17.17 -8.25
CA CYS A 37 -6.72 17.68 -7.02
C CYS A 37 -6.28 16.47 -6.20
N GLU A 38 -5.24 15.81 -6.65
CA GLU A 38 -4.75 14.59 -5.94
C GLU A 38 -3.24 14.69 -5.69
N ILE A 39 -2.50 15.16 -6.66
CA ILE A 39 -1.03 15.27 -6.49
C ILE A 39 -0.68 16.39 -5.51
N ASP A 40 0.49 16.34 -4.93
CA ASP A 40 0.90 17.39 -3.96
C ASP A 40 1.74 18.44 -4.69
N LYS A 41 1.84 19.62 -4.14
CA LYS A 41 2.65 20.69 -4.80
C LYS A 41 3.52 21.38 -3.76
N SER A 42 3.04 22.46 -3.20
CA SER A 42 3.85 23.19 -2.18
C SER A 42 3.99 22.32 -0.93
N LYS A 43 2.92 22.11 -0.20
CA LYS A 43 3.00 21.28 1.03
C LYS A 43 3.35 19.83 0.64
N THR A 44 4.13 19.18 1.46
CA THR A 44 4.52 17.77 1.14
C THR A 44 4.89 17.04 2.43
N CYS A 45 6.05 17.33 2.97
CA CYS A 45 6.47 16.66 4.23
C CYS A 45 5.54 17.06 5.36
N TYR A 46 5.08 16.10 6.13
CA TYR A 46 4.17 16.43 7.26
C TYR A 46 4.87 17.37 8.25
N GLU A 47 4.16 18.30 8.81
CA GLU A 47 4.80 19.23 9.79
C GLU A 47 4.70 18.65 11.20
N GLY A 48 3.96 17.59 11.36
CA GLY A 48 3.84 16.96 12.71
C GLY A 48 3.51 15.47 12.55
N ASN A 49 3.24 14.80 13.64
CA ASN A 49 2.91 13.34 13.55
C ASN A 49 1.43 13.18 13.21
N GLY A 50 1.09 13.24 11.96
CA GLY A 50 -0.34 13.09 11.57
C GLY A 50 -0.80 11.65 11.81
N HIS A 51 -0.36 10.74 10.97
CA HIS A 51 -0.76 9.32 11.14
C HIS A 51 -0.39 8.52 9.88
N PHE A 52 -0.28 9.18 8.76
CA PHE A 52 0.08 8.46 7.51
C PHE A 52 1.11 9.30 6.72
N TYR A 53 0.99 9.36 5.42
CA TYR A 53 1.95 10.16 4.64
C TYR A 53 1.50 10.23 3.18
N ARG A 54 1.59 9.14 2.46
CA ARG A 54 1.18 9.16 1.03
C ARG A 54 1.98 10.21 0.27
N GLY A 55 3.15 10.53 0.75
CA GLY A 55 3.98 11.56 0.06
C GLY A 55 5.26 10.91 -0.47
N LYS A 56 6.37 11.14 0.17
CA LYS A 56 7.65 10.54 -0.30
C LYS A 56 8.51 10.15 0.90
N ALA A 57 9.81 10.19 0.75
CA ALA A 57 10.70 9.82 1.89
C ALA A 57 10.43 8.37 2.29
N SER A 58 11.34 7.48 2.00
CA SER A 58 11.12 6.06 2.36
C SER A 58 12.16 5.62 3.40
N THR A 59 13.29 6.29 3.44
CA THR A 59 14.32 5.91 4.43
C THR A 59 13.86 6.31 5.83
N ASP A 60 14.09 5.46 6.80
CA ASP A 60 13.65 5.79 8.19
C ASP A 60 14.49 6.94 8.74
N THR A 61 14.64 7.02 10.04
CA THR A 61 15.45 8.12 10.65
C THR A 61 16.92 7.69 10.71
N MET A 62 17.32 6.81 9.84
CA MET A 62 18.74 6.37 9.87
C MET A 62 19.32 6.52 8.46
N GLY A 63 18.59 6.09 7.48
CA GLY A 63 19.07 6.21 6.08
C GLY A 63 18.65 4.97 5.30
N ARG A 64 18.41 3.89 5.97
CA ARG A 64 17.97 2.65 5.26
C ARG A 64 16.58 2.88 4.69
N PRO A 65 16.35 2.38 3.50
CA PRO A 65 15.06 2.52 2.84
C PRO A 65 14.01 1.59 3.48
N CYS A 66 14.37 0.93 4.54
CA CYS A 66 13.40 0.01 5.21
C CYS A 66 13.05 -1.15 4.27
N LEU A 67 12.48 -2.19 4.81
CA LEU A 67 12.10 -3.36 3.96
C LEU A 67 10.70 -3.14 3.43
N PRO A 68 10.43 -3.70 2.28
CA PRO A 68 9.11 -3.60 1.67
C PRO A 68 8.13 -4.46 2.46
N TRP A 69 6.91 -4.01 2.60
CA TRP A 69 5.93 -4.83 3.37
C TRP A 69 5.75 -6.19 2.71
N ASN A 70 6.25 -6.35 1.52
CA ASN A 70 6.12 -7.67 0.84
C ASN A 70 7.30 -8.56 1.24
N SER A 71 8.43 -7.96 1.54
CA SER A 71 9.61 -8.74 1.96
C SER A 71 9.14 -9.84 2.91
N ALA A 72 9.12 -11.04 2.42
CA ALA A 72 8.64 -12.20 3.24
C ALA A 72 8.98 -12.00 4.72
N THR A 73 10.07 -11.36 5.03
CA THR A 73 10.40 -11.14 6.47
C THR A 73 9.23 -10.42 7.14
N VAL A 74 8.96 -9.21 6.75
CA VAL A 74 7.83 -8.47 7.35
C VAL A 74 6.53 -9.20 7.00
N LEU A 75 6.40 -9.66 5.79
CA LEU A 75 5.17 -10.40 5.41
C LEU A 75 4.93 -11.47 6.48
N GLN A 76 5.99 -11.88 7.12
CA GLN A 76 5.87 -12.90 8.20
C GLN A 76 5.44 -12.20 9.48
N GLN A 77 5.97 -11.04 9.74
CA GLN A 77 5.60 -10.31 10.97
C GLN A 77 4.18 -9.73 10.85
N THR A 78 3.82 -8.79 11.68
CA THR A 78 2.45 -8.21 11.63
C THR A 78 2.37 -7.17 10.50
N TYR A 79 2.36 -5.90 10.83
CA TYR A 79 2.28 -4.84 9.77
C TYR A 79 3.15 -5.22 8.58
N HIS A 80 2.55 -5.78 7.56
CA HIS A 80 3.32 -6.18 6.36
C HIS A 80 2.41 -6.07 5.13
N ALA A 81 2.50 -6.99 4.21
CA ALA A 81 1.62 -6.94 3.02
C ALA A 81 0.75 -8.20 3.00
N HIS A 82 -0.25 -8.23 3.85
CA HIS A 82 -1.16 -9.43 3.93
C HIS A 82 -1.70 -9.57 5.36
N ARG A 83 -1.88 -8.48 6.07
CA ARG A 83 -2.38 -8.60 7.47
C ARG A 83 -3.78 -7.99 7.57
N SER A 84 -4.31 -7.89 8.76
CA SER A 84 -5.66 -7.29 8.92
C SER A 84 -5.50 -5.81 9.28
N ASP A 85 -4.33 -5.28 9.13
CA ASP A 85 -4.11 -3.83 9.47
C ASP A 85 -3.55 -3.12 8.24
N ALA A 86 -3.18 -3.84 7.22
CA ALA A 86 -2.64 -3.18 6.00
C ALA A 86 -3.74 -2.34 5.36
N LEU A 87 -4.96 -2.51 5.80
CA LEU A 87 -6.07 -1.73 5.22
C LEU A 87 -6.18 -0.37 5.92
N GLN A 88 -5.67 -0.25 7.11
CA GLN A 88 -5.74 1.05 7.82
C GLN A 88 -4.54 1.89 7.37
N LEU A 89 -3.45 1.25 7.08
CA LEU A 89 -2.25 1.98 6.61
C LEU A 89 -1.99 1.64 5.15
N GLY A 90 -2.82 0.84 4.54
CA GLY A 90 -2.61 0.47 3.11
C GLY A 90 -1.18 -0.02 2.91
N LEU A 91 -0.90 -1.27 3.25
CA LEU A 91 0.47 -1.80 3.04
C LEU A 91 0.51 -2.52 1.69
N GLY A 92 1.40 -3.46 1.51
CA GLY A 92 1.45 -4.19 0.21
C GLY A 92 2.90 -4.25 -0.30
N LYS A 93 3.11 -3.95 -1.55
CA LYS A 93 4.49 -4.01 -2.11
C LYS A 93 5.05 -2.60 -2.22
N HIS A 94 5.67 -2.11 -1.17
CA HIS A 94 6.25 -0.74 -1.22
C HIS A 94 7.03 -0.49 0.09
N ASN A 95 7.91 0.46 0.07
CA ASN A 95 8.71 0.75 1.31
C ASN A 95 8.34 2.13 1.85
N TYR A 96 7.11 2.32 2.25
CA TYR A 96 6.69 3.64 2.78
C TYR A 96 6.86 3.63 4.30
N CYS A 97 6.61 4.75 4.94
CA CYS A 97 6.77 4.82 6.41
C CYS A 97 5.47 4.37 7.09
N ARG A 98 4.43 5.14 6.97
CA ARG A 98 3.13 4.77 7.60
C ARG A 98 3.24 4.92 9.13
N ASN A 99 2.35 4.30 9.85
CA ASN A 99 2.40 4.40 11.34
C ASN A 99 1.20 3.67 11.94
N PRO A 100 1.10 2.39 11.64
CA PRO A 100 0.01 1.56 12.14
C PRO A 100 0.11 1.40 13.66
N ASP A 101 1.18 1.88 14.25
CA ASP A 101 1.34 1.76 15.72
C ASP A 101 1.42 3.17 16.32
N ASN A 102 0.35 3.63 16.92
CA ASN A 102 0.31 4.99 17.53
C ASN A 102 1.69 5.40 18.05
N ARG A 103 2.48 6.01 17.21
CA ARG A 103 3.84 6.44 17.64
C ARG A 103 3.97 7.95 17.46
N ARG A 104 5.04 8.52 17.92
CA ARG A 104 5.24 9.99 17.77
C ARG A 104 5.90 10.28 16.42
N ARG A 105 5.89 9.33 15.52
CA ARG A 105 6.51 9.55 14.19
C ARG A 105 6.27 8.32 13.31
N PRO A 106 6.24 8.54 12.02
CA PRO A 106 6.03 7.46 11.06
C PRO A 106 7.26 6.55 11.01
N TRP A 107 7.07 5.27 11.19
CA TRP A 107 8.22 4.34 11.16
C TRP A 107 8.02 3.29 10.07
N CYS A 108 8.96 2.40 9.91
CA CYS A 108 8.82 1.34 8.87
C CYS A 108 9.69 0.14 9.28
N TYR A 109 9.24 -1.05 8.98
CA TYR A 109 10.03 -2.26 9.36
C TYR A 109 11.31 -2.32 8.53
N VAL A 110 12.34 -1.65 9.00
CA VAL A 110 13.63 -1.66 8.26
C VAL A 110 14.53 -2.76 8.84
N GLN A 111 15.27 -3.44 8.00
CA GLN A 111 16.15 -4.53 8.51
C GLN A 111 17.17 -3.93 9.49
N VAL A 112 17.17 -4.40 10.70
CA VAL A 112 18.15 -3.87 11.70
C VAL A 112 19.19 -4.95 11.98
N GLY A 113 19.79 -5.48 10.97
CA GLY A 113 20.81 -6.55 11.18
C GLY A 113 20.19 -7.91 10.85
N LEU A 114 19.20 -8.30 11.60
CA LEU A 114 18.54 -9.62 11.34
C LEU A 114 17.06 -9.58 11.75
N LYS A 115 16.56 -8.43 12.12
CA LYS A 115 15.12 -8.34 12.53
C LYS A 115 14.57 -6.96 12.12
N PRO A 116 13.70 -6.96 11.13
CA PRO A 116 13.11 -5.72 10.66
C PRO A 116 12.51 -4.94 11.84
N LEU A 117 13.23 -3.99 12.37
CA LEU A 117 12.73 -3.20 13.51
C LEU A 117 12.06 -1.92 12.99
N VAL A 118 10.95 -1.54 13.55
CA VAL A 118 10.27 -0.30 13.08
C VAL A 118 11.11 0.93 13.43
N GLN A 119 11.49 1.69 12.45
CA GLN A 119 12.30 2.91 12.72
C GLN A 119 11.55 4.13 12.20
N GLU A 120 11.38 5.14 13.02
CA GLU A 120 10.66 6.36 12.56
C GLU A 120 11.21 6.80 11.21
N CYS A 121 10.70 7.84 10.64
CA CYS A 121 11.22 8.30 9.33
C CYS A 121 11.73 9.74 9.45
N MET A 122 12.96 9.98 9.07
CA MET A 122 13.50 11.36 9.18
C MET A 122 13.03 12.18 7.97
N VAL A 123 12.16 13.14 8.19
CA VAL A 123 11.66 13.97 7.06
C VAL A 123 11.42 15.39 7.53
N HIS A 124 12.19 15.84 8.49
CA HIS A 124 12.01 17.23 8.99
C HIS A 124 12.80 18.21 8.11
N ASP A 125 12.63 19.48 8.32
CA ASP A 125 13.37 20.47 7.49
C ASP A 125 13.02 20.26 6.00
N CYS A 126 12.29 21.17 5.42
CA CYS A 126 11.92 21.02 3.99
C CYS A 126 12.25 22.31 3.23
N ALA A 127 13.45 22.80 3.39
CA ALA A 127 13.83 24.06 2.68
C ALA A 127 15.09 23.81 1.85
N ASP A 128 16.25 23.89 2.45
CA ASP A 128 17.50 23.66 1.70
C ASP A 128 18.62 23.23 2.66
N GLY A 129 18.27 22.54 3.70
CA GLY A 129 19.31 22.10 4.68
C GLY A 129 19.38 20.56 4.70
N LYS A 130 18.28 19.90 4.45
CA LYS A 130 18.29 18.41 4.46
C LYS A 130 17.90 17.90 3.07
C1 FUC B . -11.38 22.95 1.67
C2 FUC B . -11.64 24.13 2.60
C3 FUC B . -11.58 23.66 4.04
C4 FUC B . -10.22 23.02 4.29
C5 FUC B . -10.03 21.87 3.31
C6 FUC B . -8.69 21.18 3.46
O2 FUC B . -12.92 24.70 2.32
O3 FUC B . -11.76 24.76 4.92
O4 FUC B . -9.19 23.98 4.10
O5 FUC B . -10.10 22.37 1.96
N GLN A 1 -10.58 30.88 21.79
CA GLN A 1 -11.05 32.06 21.01
C GLN A 1 -10.28 32.14 19.69
N VAL A 2 -10.83 31.59 18.64
CA VAL A 2 -10.12 31.64 17.33
C VAL A 2 -11.12 31.99 16.22
N PRO A 3 -10.65 32.73 15.24
CA PRO A 3 -11.49 33.14 14.12
C PRO A 3 -12.21 31.93 13.52
N SER A 4 -11.61 30.77 13.59
CA SER A 4 -12.25 29.56 13.03
C SER A 4 -13.66 29.42 13.60
N ASN A 5 -14.54 28.75 12.88
CA ASN A 5 -15.93 28.57 13.39
C ASN A 5 -16.49 27.24 12.90
N CYS A 6 -15.64 26.29 12.63
CA CYS A 6 -16.12 24.97 12.15
C CYS A 6 -15.83 23.91 13.23
N ASP A 7 -15.99 22.66 12.88
CA ASP A 7 -15.73 21.58 13.88
C ASP A 7 -16.04 20.22 13.27
N CYS A 8 -15.09 19.64 12.58
CA CYS A 8 -15.34 18.30 11.97
C CYS A 8 -15.66 17.28 13.07
N LEU A 9 -15.29 16.05 12.89
CA LEU A 9 -15.58 15.03 13.93
C LEU A 9 -14.33 14.17 14.17
N ASN A 10 -14.42 13.24 15.06
CA ASN A 10 -13.24 12.37 15.36
C ASN A 10 -12.03 13.25 15.68
N GLY A 11 -12.28 14.45 16.16
CA GLY A 11 -11.15 15.36 16.50
C GLY A 11 -10.55 15.96 15.23
N GLY A 12 -11.37 16.35 14.30
CA GLY A 12 -10.85 16.94 13.03
C GLY A 12 -10.19 18.29 13.33
N THR A 13 -9.62 18.91 12.33
CA THR A 13 -8.97 20.23 12.56
C THR A 13 -9.75 21.32 11.82
N CYS A 14 -10.83 21.78 12.39
CA CYS A 14 -11.64 22.84 11.73
C CYS A 14 -10.75 24.04 11.44
N VAL A 15 -10.86 24.61 10.27
CA VAL A 15 -10.03 25.79 9.92
C VAL A 15 -10.93 26.94 9.47
N SER A 16 -10.38 27.95 8.85
CA SER A 16 -11.23 29.09 8.40
C SER A 16 -10.40 30.03 7.52
N ASN A 17 -11.02 30.62 6.53
CA ASN A 17 -10.29 31.54 5.62
C ASN A 17 -9.36 32.44 6.45
N LYS A 18 -8.23 32.79 5.89
CA LYS A 18 -7.27 33.66 6.63
C LYS A 18 -6.65 34.67 5.66
N TYR A 19 -6.37 34.26 4.45
CA TYR A 19 -5.76 35.20 3.47
C TYR A 19 -6.73 35.45 2.30
N PHE A 20 -8.01 35.42 2.56
CA PHE A 20 -8.99 35.65 1.48
C PHE A 20 -10.12 36.54 2.01
N SER A 21 -11.33 36.30 1.57
CA SER A 21 -12.47 37.13 2.04
C SER A 21 -13.57 36.20 2.60
N ASN A 22 -13.82 35.10 1.94
CA ASN A 22 -14.87 34.17 2.42
C ASN A 22 -14.54 32.75 1.98
N ILE A 23 -13.51 32.18 2.55
CA ILE A 23 -13.12 30.79 2.17
C ILE A 23 -12.82 29.97 3.42
N HIS A 24 -13.80 29.27 3.93
CA HIS A 24 -13.57 28.45 5.15
C HIS A 24 -13.87 26.97 4.84
N TRP A 25 -13.49 26.08 5.72
CA TRP A 25 -13.74 24.64 5.45
C TRP A 25 -13.14 23.80 6.59
N CYS A 26 -13.51 22.55 6.67
CA CYS A 26 -12.96 21.68 7.74
C CYS A 26 -11.63 21.09 7.29
N ASN A 27 -10.71 20.93 8.20
CA ASN A 27 -9.38 20.34 7.82
C ASN A 27 -9.22 18.97 8.45
N CYS A 28 -9.86 17.97 7.91
CA CYS A 28 -9.73 16.60 8.47
C CYS A 28 -8.99 15.70 7.48
N PRO A 29 -8.38 14.67 8.00
CA PRO A 29 -7.63 13.72 7.18
C PRO A 29 -8.49 13.25 6.00
N LYS A 30 -7.87 12.74 4.97
CA LYS A 30 -8.66 12.27 3.79
C LYS A 30 -9.43 11.01 4.18
N LYS A 31 -9.03 10.34 5.23
CA LYS A 31 -9.75 9.12 5.66
C LYS A 31 -10.99 9.50 6.47
N PHE A 32 -11.22 10.78 6.66
CA PHE A 32 -12.41 11.21 7.43
C PHE A 32 -13.48 11.74 6.47
N GLY A 33 -14.72 11.67 6.86
CA GLY A 33 -15.82 12.17 5.98
C GLY A 33 -17.17 11.82 6.59
N GLY A 34 -18.12 12.70 6.48
CA GLY A 34 -19.47 12.44 7.05
C GLY A 34 -19.93 13.67 7.82
N GLN A 35 -20.90 14.38 7.31
CA GLN A 35 -21.40 15.60 8.01
C GLN A 35 -20.20 16.50 8.33
N HIS A 36 -19.59 16.30 9.46
CA HIS A 36 -18.42 17.14 9.83
C HIS A 36 -17.18 16.24 9.85
N CYS A 37 -17.04 15.39 8.87
CA CYS A 37 -15.86 14.49 8.84
C CYS A 37 -15.87 13.62 10.10
N GLU A 38 -16.85 12.77 10.24
CA GLU A 38 -16.91 11.90 11.45
C GLU A 38 -16.60 10.45 11.07
N ILE A 39 -16.96 10.04 9.88
CA ILE A 39 -16.70 8.64 9.46
C ILE A 39 -15.22 8.47 9.12
N ASP A 40 -14.68 7.30 9.31
CA ASP A 40 -13.24 7.09 8.99
C ASP A 40 -13.12 6.29 7.69
N LYS A 41 -13.40 6.92 6.58
CA LYS A 41 -13.29 6.21 5.27
C LYS A 41 -12.01 5.37 5.24
N SER A 42 -11.89 4.47 4.32
CA SER A 42 -10.67 3.62 4.24
C SER A 42 -10.13 3.64 2.81
N LYS A 43 -9.25 4.57 2.50
CA LYS A 43 -8.68 4.63 1.12
C LYS A 43 -7.34 3.91 1.09
N THR A 44 -6.90 3.37 2.20
CA THR A 44 -5.60 2.65 2.22
C THR A 44 -5.77 1.28 2.87
N CYS A 45 -5.11 0.28 2.37
CA CYS A 45 -5.23 -1.07 2.97
C CYS A 45 -6.70 -1.50 2.97
N TYR A 46 -7.03 -2.53 3.70
CA TYR A 46 -8.45 -2.99 3.74
C TYR A 46 -8.90 -3.13 5.19
N GLU A 47 -9.81 -2.29 5.62
CA GLU A 47 -10.29 -2.38 7.03
C GLU A 47 -10.54 -3.84 7.40
N GLY A 48 -11.37 -4.51 6.66
CA GLY A 48 -11.65 -5.95 6.97
C GLY A 48 -10.45 -6.81 6.55
N ASN A 49 -10.67 -8.09 6.40
CA ASN A 49 -9.54 -8.98 5.99
C ASN A 49 -9.52 -9.12 4.47
N GLY A 50 -10.62 -8.86 3.83
CA GLY A 50 -10.67 -8.98 2.34
C GLY A 50 -11.75 -9.99 1.95
N HIS A 51 -12.83 -10.01 2.66
CA HIS A 51 -13.92 -10.98 2.32
C HIS A 51 -14.99 -10.27 1.50
N PHE A 52 -15.67 -9.31 2.07
CA PHE A 52 -16.72 -8.58 1.31
C PHE A 52 -16.20 -7.22 0.88
N TYR A 53 -15.07 -7.19 0.21
CA TYR A 53 -14.51 -5.89 -0.24
C TYR A 53 -14.58 -5.81 -1.77
N ARG A 54 -15.29 -6.72 -2.39
CA ARG A 54 -15.41 -6.71 -3.87
C ARG A 54 -14.07 -6.31 -4.51
N GLY A 55 -12.98 -6.79 -3.96
CA GLY A 55 -11.65 -6.44 -4.53
C GLY A 55 -11.52 -7.04 -5.93
N LYS A 56 -10.34 -7.07 -6.47
CA LYS A 56 -10.15 -7.64 -7.83
C LYS A 56 -9.03 -8.67 -7.82
N ALA A 57 -8.39 -8.86 -6.70
CA ALA A 57 -7.29 -9.86 -6.62
C ALA A 57 -7.84 -11.25 -6.90
N SER A 58 -7.42 -11.85 -7.98
CA SER A 58 -7.94 -13.22 -8.32
C SER A 58 -6.76 -14.17 -8.55
N THR A 59 -5.57 -13.66 -8.61
CA THR A 59 -4.38 -14.54 -8.84
C THR A 59 -3.73 -14.89 -7.50
N ASP A 60 -2.95 -15.94 -7.48
CA ASP A 60 -2.27 -16.33 -6.21
C ASP A 60 -1.22 -15.28 -5.85
N THR A 61 -0.22 -15.62 -5.07
CA THR A 61 0.82 -14.62 -4.70
C THR A 61 1.89 -14.59 -5.80
N MET A 62 1.56 -15.00 -6.99
CA MET A 62 2.55 -15.00 -8.08
C MET A 62 1.94 -14.28 -9.28
N GLY A 63 0.81 -14.76 -9.72
CA GLY A 63 0.13 -14.11 -10.88
C GLY A 63 -0.89 -15.08 -11.47
N ARG A 64 -0.63 -16.36 -11.37
CA ARG A 64 -1.59 -17.36 -11.93
C ARG A 64 -3.02 -16.92 -11.59
N PRO A 65 -3.92 -17.19 -12.49
CA PRO A 65 -5.33 -16.82 -12.31
C PRO A 65 -5.98 -17.71 -11.26
N CYS A 66 -5.26 -18.68 -10.76
CA CYS A 66 -5.84 -19.58 -9.72
C CYS A 66 -6.92 -20.47 -10.37
N LEU A 67 -7.24 -21.57 -9.74
CA LEU A 67 -8.29 -22.45 -10.32
C LEU A 67 -9.67 -21.89 -9.98
N PRO A 68 -10.55 -21.89 -10.95
CA PRO A 68 -11.90 -21.39 -10.74
C PRO A 68 -12.68 -22.37 -9.87
N TRP A 69 -13.46 -21.89 -8.95
CA TRP A 69 -14.24 -22.82 -8.07
C TRP A 69 -14.91 -23.91 -8.91
N ASN A 70 -15.12 -23.65 -10.18
CA ASN A 70 -15.77 -24.68 -11.03
C ASN A 70 -14.80 -25.82 -11.34
N SER A 71 -13.56 -25.50 -11.63
CA SER A 71 -12.54 -26.54 -11.93
C SER A 71 -12.80 -27.77 -11.08
N ALA A 72 -13.33 -28.79 -11.69
CA ALA A 72 -13.66 -30.06 -10.97
C ALA A 72 -12.65 -30.32 -9.85
N THR A 73 -11.42 -29.94 -10.03
CA THR A 73 -10.41 -30.19 -8.95
C THR A 73 -10.87 -29.47 -7.67
N VAL A 74 -11.02 -28.18 -7.72
CA VAL A 74 -11.47 -27.44 -6.53
C VAL A 74 -12.89 -27.88 -6.18
N LEU A 75 -13.73 -28.08 -7.16
CA LEU A 75 -15.11 -28.56 -6.89
C LEU A 75 -15.00 -29.81 -6.02
N GLN A 76 -13.86 -30.46 -6.10
CA GLN A 76 -13.63 -31.67 -5.28
C GLN A 76 -13.20 -31.24 -3.87
N GLN A 77 -12.40 -30.22 -3.79
CA GLN A 77 -11.93 -29.73 -2.46
C GLN A 77 -13.11 -29.16 -1.67
N THR A 78 -12.86 -28.21 -0.79
CA THR A 78 -13.97 -27.62 0.03
C THR A 78 -14.55 -26.41 -0.71
N TYR A 79 -14.42 -25.22 -0.18
CA TYR A 79 -14.99 -24.02 -0.87
C TYR A 79 -14.67 -24.12 -2.35
N HIS A 80 -15.61 -24.54 -3.14
CA HIS A 80 -15.34 -24.69 -4.60
C HIS A 80 -16.62 -24.45 -5.41
N ALA A 81 -17.64 -23.96 -4.78
CA ALA A 81 -18.93 -23.71 -5.50
C ALA A 81 -19.67 -25.05 -5.66
N HIS A 82 -19.96 -25.71 -4.57
CA HIS A 82 -20.68 -27.01 -4.67
C HIS A 82 -20.89 -27.61 -3.27
N ARG A 83 -20.05 -27.28 -2.32
CA ARG A 83 -20.22 -27.84 -0.96
C ARG A 83 -21.54 -27.36 -0.39
N SER A 84 -21.83 -27.69 0.84
CA SER A 84 -23.11 -27.23 1.45
C SER A 84 -22.93 -25.83 2.02
N ASP A 85 -21.90 -25.15 1.64
CA ASP A 85 -21.69 -23.77 2.17
C ASP A 85 -20.87 -22.96 1.17
N ALA A 86 -20.76 -23.42 -0.03
CA ALA A 86 -19.98 -22.67 -1.05
C ALA A 86 -20.87 -21.57 -1.63
N LEU A 87 -22.16 -21.69 -1.42
CA LEU A 87 -23.09 -20.65 -1.95
C LEU A 87 -23.22 -19.49 -0.97
N GLN A 88 -22.77 -19.66 0.25
CA GLN A 88 -22.86 -18.56 1.24
C GLN A 88 -21.63 -17.66 1.08
N LEU A 89 -20.66 -18.09 0.33
CA LEU A 89 -19.43 -17.29 0.14
C LEU A 89 -19.46 -16.65 -1.24
N GLY A 90 -20.29 -17.15 -2.12
CA GLY A 90 -20.36 -16.57 -3.50
C GLY A 90 -19.14 -17.02 -4.30
N LEU A 91 -19.18 -18.20 -4.84
CA LEU A 91 -18.01 -18.71 -5.62
C LEU A 91 -18.46 -18.96 -7.07
N GLY A 92 -19.72 -19.19 -7.28
CA GLY A 92 -20.25 -19.44 -8.66
C GLY A 92 -19.21 -20.14 -9.53
N LYS A 93 -18.92 -19.59 -10.68
CA LYS A 93 -17.92 -20.21 -11.59
C LYS A 93 -16.88 -19.17 -12.01
N HIS A 94 -15.83 -19.02 -11.25
CA HIS A 94 -14.77 -18.03 -11.62
C HIS A 94 -13.56 -18.20 -10.69
N ASN A 95 -12.63 -17.29 -10.77
CA ASN A 95 -11.43 -17.39 -9.88
C ASN A 95 -11.24 -16.05 -9.16
N TYR A 96 -11.94 -15.85 -8.07
CA TYR A 96 -11.82 -14.56 -7.34
C TYR A 96 -11.58 -14.83 -5.85
N CYS A 97 -10.47 -14.40 -5.32
CA CYS A 97 -10.19 -14.63 -3.87
C CYS A 97 -11.39 -14.15 -3.06
N ARG A 98 -12.25 -15.07 -2.67
CA ARG A 98 -13.45 -14.66 -1.89
C ARG A 98 -13.13 -14.65 -0.39
N ASN A 99 -12.05 -15.27 0.01
CA ASN A 99 -11.70 -15.28 1.45
C ASN A 99 -12.95 -15.64 2.27
N PRO A 100 -13.45 -16.83 2.03
CA PRO A 100 -14.63 -17.32 2.72
C PRO A 100 -14.30 -17.64 4.18
N ASP A 101 -13.88 -18.86 4.46
CA ASP A 101 -13.54 -19.22 5.86
C ASP A 101 -12.37 -20.20 5.87
N ASN A 102 -11.19 -19.74 6.21
CA ASN A 102 -10.01 -20.65 6.23
C ASN A 102 -8.75 -19.87 6.62
N ARG A 103 -8.61 -18.68 6.12
CA ARG A 103 -7.40 -17.87 6.45
C ARG A 103 -7.79 -16.43 6.76
N ARG A 104 -6.83 -15.60 7.06
CA ARG A 104 -7.14 -14.17 7.36
C ARG A 104 -6.92 -13.34 6.10
N ARG A 105 -6.26 -13.91 5.11
CA ARG A 105 -6.01 -13.16 3.85
C ARG A 105 -6.77 -13.85 2.71
N PRO A 106 -7.29 -13.05 1.80
CA PRO A 106 -8.04 -13.57 0.67
C PRO A 106 -7.24 -14.66 -0.04
N TRP A 107 -7.82 -15.81 -0.24
CA TRP A 107 -7.07 -16.90 -0.93
C TRP A 107 -7.98 -17.61 -1.92
N CYS A 108 -7.42 -18.51 -2.68
CA CYS A 108 -8.23 -19.25 -3.68
C CYS A 108 -7.60 -20.61 -3.96
N TYR A 109 -8.38 -21.57 -4.39
CA TYR A 109 -7.81 -22.92 -4.68
C TYR A 109 -6.92 -22.83 -5.92
N VAL A 110 -5.66 -22.49 -5.73
CA VAL A 110 -4.74 -22.40 -6.91
C VAL A 110 -3.89 -23.67 -6.97
N GLN A 111 -3.83 -24.29 -8.11
CA GLN A 111 -3.03 -25.55 -8.22
C GLN A 111 -1.61 -25.29 -7.72
N VAL A 112 -1.18 -26.03 -6.74
CA VAL A 112 0.20 -25.84 -6.20
C VAL A 112 1.11 -26.92 -6.81
N GLY A 113 0.70 -27.49 -7.89
CA GLY A 113 1.53 -28.55 -8.53
C GLY A 113 0.70 -29.83 -8.72
N LEU A 114 0.04 -30.27 -7.69
CA LEU A 114 -0.76 -31.52 -7.82
C LEU A 114 -2.11 -31.41 -7.11
N LYS A 115 -2.30 -30.39 -6.30
CA LYS A 115 -3.60 -30.26 -5.57
C LYS A 115 -3.94 -28.77 -5.40
N PRO A 116 -5.16 -28.41 -5.75
CA PRO A 116 -5.60 -27.03 -5.60
C PRO A 116 -5.42 -26.59 -4.15
N LEU A 117 -4.30 -25.99 -3.84
CA LEU A 117 -4.06 -25.54 -2.44
C LEU A 117 -4.48 -24.08 -2.31
N VAL A 118 -5.25 -23.75 -1.31
CA VAL A 118 -5.66 -22.33 -1.16
C VAL A 118 -4.45 -21.49 -0.79
N GLN A 119 -4.26 -20.40 -1.46
CA GLN A 119 -3.11 -19.53 -1.14
C GLN A 119 -3.59 -18.09 -0.97
N GLU A 120 -2.90 -17.29 -0.22
CA GLU A 120 -3.33 -15.88 -0.03
C GLU A 120 -3.03 -15.12 -1.32
N CYS A 121 -3.98 -15.06 -2.22
CA CYS A 121 -3.78 -14.35 -3.54
C CYS A 121 -2.66 -13.31 -3.41
N MET A 122 -2.98 -12.13 -2.94
CA MET A 122 -1.93 -11.09 -2.79
C MET A 122 -2.59 -9.70 -2.68
N VAL A 123 -3.66 -9.60 -1.94
CA VAL A 123 -4.35 -8.29 -1.80
C VAL A 123 -3.33 -7.23 -1.39
N HIS A 124 -3.70 -5.98 -1.42
CA HIS A 124 -2.76 -4.90 -1.03
C HIS A 124 -2.00 -5.32 0.24
N ASP A 125 -0.87 -4.73 0.48
CA ASP A 125 -0.09 -5.08 1.70
C ASP A 125 -0.20 -3.97 2.74
N CYS A 126 -0.35 -4.32 3.98
CA CYS A 126 -0.46 -3.27 5.04
C CYS A 126 0.08 -3.82 6.36
N ALA A 127 1.10 -4.63 6.30
CA ALA A 127 1.68 -5.20 7.55
C ALA A 127 3.17 -4.89 7.61
N ASP A 128 3.57 -3.72 7.22
CA ASP A 128 5.01 -3.35 7.25
C ASP A 128 5.16 -1.83 7.42
N GLY A 129 4.22 -1.21 8.07
CA GLY A 129 4.32 0.26 8.26
C GLY A 129 5.63 0.61 8.97
N LYS A 130 6.15 -0.30 9.75
CA LYS A 130 7.42 -0.02 10.47
C LYS A 130 8.60 -0.15 9.50
C1 FUC B . -6.78 18.91 13.85
C2 FUC B . -6.46 17.47 14.26
C3 FUC B . -5.11 17.06 13.67
C4 FUC B . -4.05 18.05 14.15
C5 FUC B . -4.47 19.46 13.73
C6 FUC B . -3.48 20.51 14.18
O2 FUC B . -7.48 16.60 13.79
O3 FUC B . -4.78 15.75 14.09
O4 FUC B . -3.96 17.98 15.56
O5 FUC B . -5.75 19.79 14.31
N GLN A 1 32.05 17.46 -8.14
CA GLN A 1 31.06 18.28 -7.38
C GLN A 1 29.80 18.47 -8.22
N VAL A 2 28.86 19.24 -7.74
CA VAL A 2 27.60 19.46 -8.50
C VAL A 2 27.19 20.93 -8.40
N PRO A 3 28.01 21.79 -8.95
CA PRO A 3 27.74 23.23 -8.92
C PRO A 3 26.31 23.50 -9.42
N SER A 4 25.36 23.45 -8.54
CA SER A 4 23.95 23.72 -8.95
C SER A 4 23.53 22.70 -10.01
N ASN A 5 22.55 21.88 -9.70
CA ASN A 5 22.09 20.87 -10.68
C ASN A 5 20.90 20.10 -10.10
N CYS A 6 19.75 20.21 -10.71
CA CYS A 6 18.56 19.49 -10.19
C CYS A 6 17.49 19.40 -11.29
N ASP A 7 16.52 18.55 -11.11
CA ASP A 7 15.45 18.41 -12.14
C ASP A 7 14.11 18.85 -11.55
N CYS A 8 13.54 19.90 -12.07
CA CYS A 8 12.23 20.37 -11.55
C CYS A 8 11.99 21.82 -12.01
N LEU A 9 10.76 22.18 -12.25
CA LEU A 9 10.49 23.59 -12.70
C LEU A 9 10.47 24.52 -11.50
N ASN A 10 10.15 25.76 -11.72
CA ASN A 10 10.10 26.74 -10.59
C ASN A 10 11.32 26.54 -9.70
N GLY A 11 12.40 26.04 -10.26
CA GLY A 11 13.63 25.83 -9.44
C GLY A 11 13.32 24.86 -8.30
N GLY A 12 12.90 23.66 -8.62
CA GLY A 12 12.59 22.67 -7.55
C GLY A 12 13.73 22.64 -6.54
N THR A 13 13.58 21.90 -5.47
CA THR A 13 14.65 21.83 -4.46
C THR A 13 15.76 20.89 -4.95
N CYS A 14 16.95 21.04 -4.42
CA CYS A 14 18.07 20.15 -4.86
C CYS A 14 18.50 19.28 -3.68
N VAL A 15 18.27 17.99 -3.76
CA VAL A 15 18.66 17.09 -2.64
C VAL A 15 19.57 15.98 -3.17
N SER A 16 19.95 15.06 -2.32
CA SER A 16 20.83 13.95 -2.78
C SER A 16 21.04 12.97 -1.62
N ASN A 17 21.39 11.76 -1.92
CA ASN A 17 21.61 10.75 -0.84
C ASN A 17 23.02 10.89 -0.29
N LYS A 18 23.30 10.28 0.83
CA LYS A 18 24.66 10.39 1.42
C LYS A 18 25.21 8.99 1.72
N TYR A 19 24.39 7.99 1.62
CA TYR A 19 24.87 6.60 1.89
C TYR A 19 24.98 5.84 0.57
N PHE A 20 25.52 6.47 -0.44
CA PHE A 20 25.65 5.81 -1.76
C PHE A 20 27.02 6.16 -2.36
N SER A 21 27.09 6.29 -3.65
CA SER A 21 28.38 6.63 -4.30
C SER A 21 28.10 7.22 -5.69
N ASN A 22 26.92 7.77 -5.87
CA ASN A 22 26.56 8.36 -7.17
C ASN A 22 25.03 8.48 -7.24
N ILE A 23 24.45 9.12 -6.25
CA ILE A 23 22.97 9.26 -6.24
C ILE A 23 22.59 10.73 -6.02
N HIS A 24 21.57 11.19 -6.71
CA HIS A 24 21.15 12.62 -6.53
C HIS A 24 19.82 12.83 -7.24
N TRP A 25 18.96 13.65 -6.68
CA TRP A 25 17.64 13.90 -7.32
C TRP A 25 17.05 15.22 -6.79
N CYS A 26 16.14 15.80 -7.51
CA CYS A 26 15.54 17.08 -7.05
C CYS A 26 14.23 16.79 -6.31
N ASN A 27 13.89 17.60 -5.34
CA ASN A 27 12.63 17.36 -4.58
C ASN A 27 11.65 18.50 -4.85
N CYS A 28 10.65 18.26 -5.66
CA CYS A 28 9.66 19.33 -5.96
C CYS A 28 8.44 19.16 -5.03
N PRO A 29 7.79 20.26 -4.74
CA PRO A 29 6.62 20.25 -3.88
C PRO A 29 5.64 19.16 -4.34
N LYS A 30 4.91 18.59 -3.42
CA LYS A 30 3.95 17.52 -3.79
C LYS A 30 3.05 18.00 -4.93
N LYS A 31 2.87 19.28 -5.05
CA LYS A 31 1.99 19.82 -6.15
C LYS A 31 2.81 20.04 -7.42
N PHE A 32 3.85 19.26 -7.61
CA PHE A 32 4.68 19.44 -8.84
C PHE A 32 5.04 18.07 -9.42
N GLY A 33 5.06 17.96 -10.73
CA GLY A 33 5.41 16.66 -11.36
C GLY A 33 5.68 16.88 -12.85
N GLY A 34 5.76 15.82 -13.61
CA GLY A 34 6.02 15.98 -15.08
C GLY A 34 7.53 16.06 -15.32
N GLN A 35 8.13 14.95 -15.69
CA GLN A 35 9.60 14.94 -15.98
C GLN A 35 10.36 15.89 -15.05
N HIS A 36 10.48 17.13 -15.43
CA HIS A 36 11.20 18.11 -14.59
C HIS A 36 10.20 18.86 -13.71
N CYS A 37 9.31 18.13 -13.08
CA CYS A 37 8.31 18.77 -12.20
C CYS A 37 7.77 20.03 -12.88
N GLU A 38 7.36 19.90 -14.12
CA GLU A 38 6.82 21.07 -14.85
C GLU A 38 5.29 21.01 -14.85
N ILE A 39 4.72 20.39 -13.86
CA ILE A 39 3.23 20.29 -13.80
C ILE A 39 2.76 20.65 -12.39
N ASP A 40 1.50 20.95 -12.23
CA ASP A 40 1.00 21.30 -10.87
C ASP A 40 0.15 20.15 -10.33
N LYS A 41 0.29 19.00 -10.92
CA LYS A 41 -0.49 17.80 -10.46
C LYS A 41 -1.91 18.22 -10.06
N SER A 42 -2.12 18.50 -8.80
CA SER A 42 -3.48 18.91 -8.35
C SER A 42 -3.47 19.09 -6.83
N LYS A 43 -3.97 20.20 -6.35
CA LYS A 43 -3.97 20.44 -4.88
C LYS A 43 -4.48 19.18 -4.16
N THR A 44 -3.59 18.33 -3.74
CA THR A 44 -4.02 17.09 -3.03
C THR A 44 -5.10 16.38 -3.85
N CYS A 45 -4.73 15.76 -4.93
CA CYS A 45 -5.74 15.05 -5.78
C CYS A 45 -5.03 14.08 -6.73
N TYR A 46 -5.76 13.22 -7.36
CA TYR A 46 -5.13 12.25 -8.30
C TYR A 46 -5.32 12.74 -9.73
N GLU A 47 -4.83 11.99 -10.70
CA GLU A 47 -4.98 12.42 -12.11
C GLU A 47 -5.55 11.26 -12.93
N GLY A 48 -5.00 10.09 -12.78
CA GLY A 48 -5.51 8.92 -13.55
C GLY A 48 -6.12 7.90 -12.58
N ASN A 49 -6.13 6.65 -12.95
CA ASN A 49 -6.71 5.61 -12.05
C ASN A 49 -6.04 5.69 -10.68
N GLY A 50 -4.73 5.78 -10.66
CA GLY A 50 -4.02 5.87 -9.34
C GLY A 50 -3.54 4.48 -8.94
N HIS A 51 -2.40 4.06 -9.44
CA HIS A 51 -1.88 2.71 -9.08
C HIS A 51 -0.72 2.86 -8.08
N PHE A 52 0.21 3.74 -8.36
CA PHE A 52 1.35 3.93 -7.43
C PHE A 52 1.41 5.38 -6.98
N TYR A 53 0.50 5.80 -6.15
CA TYR A 53 0.51 7.21 -5.69
C TYR A 53 1.09 7.29 -4.28
N ARG A 54 0.75 6.36 -3.44
CA ARG A 54 1.29 6.37 -2.04
C ARG A 54 0.63 7.51 -1.25
N GLY A 55 -0.32 8.18 -1.82
CA GLY A 55 -0.99 9.30 -1.10
C GLY A 55 -1.89 8.72 0.00
N LYS A 56 -2.83 9.49 0.48
CA LYS A 56 -3.73 8.98 1.55
C LYS A 56 -5.05 8.52 0.93
N ALA A 57 -6.15 9.21 1.19
CA ALA A 57 -7.45 8.81 0.60
C ALA A 57 -7.59 7.29 0.68
N SER A 58 -7.24 6.71 1.80
CA SER A 58 -7.36 5.23 1.94
C SER A 58 -8.79 4.85 2.31
N THR A 59 -9.61 5.81 2.66
CA THR A 59 -11.01 5.47 3.04
C THR A 59 -11.73 4.85 1.83
N ASP A 60 -12.98 4.51 1.99
CA ASP A 60 -13.73 3.89 0.85
C ASP A 60 -14.62 4.96 0.20
N THR A 61 -15.67 4.56 -0.47
CA THR A 61 -16.58 5.55 -1.11
C THR A 61 -17.61 6.02 -0.08
N MET A 62 -17.34 5.81 1.19
CA MET A 62 -18.29 6.26 2.23
C MET A 62 -17.53 7.14 3.22
N GLY A 63 -16.32 6.77 3.53
CA GLY A 63 -15.50 7.59 4.47
C GLY A 63 -14.70 6.67 5.38
N ARG A 64 -15.21 5.51 5.69
CA ARG A 64 -14.43 4.59 6.57
C ARG A 64 -13.01 4.51 6.03
N PRO A 65 -12.08 4.24 6.90
CA PRO A 65 -10.68 4.12 6.51
C PRO A 65 -10.46 2.80 5.76
N CYS A 66 -11.49 2.03 5.58
CA CYS A 66 -11.35 0.73 4.87
C CYS A 66 -10.53 -0.24 5.74
N LEU A 67 -10.79 -1.51 5.64
CA LEU A 67 -10.04 -2.49 6.47
C LEU A 67 -8.62 -2.64 5.94
N PRO A 68 -7.68 -2.81 6.83
CA PRO A 68 -6.28 -2.99 6.46
C PRO A 68 -6.09 -4.38 5.85
N TRP A 69 -5.35 -4.48 4.79
CA TRP A 69 -5.15 -5.82 4.15
C TRP A 69 -4.79 -6.85 5.23
N ASN A 70 -4.28 -6.43 6.35
CA ASN A 70 -3.91 -7.41 7.42
C ASN A 70 -5.18 -7.93 8.12
N SER A 71 -6.13 -7.06 8.37
CA SER A 71 -7.40 -7.47 9.05
C SER A 71 -7.78 -8.87 8.61
N ALA A 72 -7.54 -9.83 9.45
CA ALA A 72 -7.85 -11.26 9.12
C ALA A 72 -9.06 -11.37 8.19
N THR A 73 -10.02 -10.51 8.33
CA THR A 73 -11.21 -10.59 7.43
C THR A 73 -10.75 -10.46 5.98
N VAL A 74 -10.15 -9.36 5.63
CA VAL A 74 -9.67 -9.17 4.25
C VAL A 74 -8.58 -10.22 3.96
N LEU A 75 -7.71 -10.45 4.91
CA LEU A 75 -6.65 -11.48 4.70
C LEU A 75 -7.33 -12.75 4.20
N GLN A 76 -8.59 -12.89 4.51
CA GLN A 76 -9.36 -14.09 4.06
C GLN A 76 -9.83 -13.85 2.63
N GLN A 77 -10.28 -12.67 2.34
CA GLN A 77 -10.77 -12.35 0.96
C GLN A 77 -9.64 -12.55 -0.06
N THR A 78 -9.60 -11.75 -1.08
CA THR A 78 -8.53 -11.89 -2.11
C THR A 78 -7.42 -10.87 -1.83
N TYR A 79 -7.27 -9.86 -2.65
CA TYR A 79 -6.20 -8.84 -2.40
C TYR A 79 -6.25 -8.44 -0.93
N HIS A 80 -5.44 -9.06 -0.11
CA HIS A 80 -5.46 -8.75 1.34
C HIS A 80 -4.05 -8.83 1.93
N ALA A 81 -3.06 -9.04 1.10
CA ALA A 81 -1.65 -9.13 1.60
C ALA A 81 -1.29 -10.59 1.93
N HIS A 82 -1.79 -11.52 1.16
CA HIS A 82 -1.47 -12.96 1.41
C HIS A 82 -2.04 -13.82 0.27
N ARG A 83 -2.14 -13.28 -0.90
CA ARG A 83 -2.67 -14.07 -2.05
C ARG A 83 -1.55 -14.30 -3.06
N SER A 84 -1.89 -14.69 -4.26
CA SER A 84 -0.84 -14.95 -5.28
C SER A 84 -0.70 -13.74 -6.21
N ASP A 85 -1.30 -12.64 -5.86
CA ASP A 85 -1.20 -11.42 -6.73
C ASP A 85 -0.88 -10.20 -5.86
N ALA A 86 -0.72 -10.38 -4.58
CA ALA A 86 -0.40 -9.23 -3.70
C ALA A 86 1.08 -8.89 -3.83
N LEU A 87 1.83 -9.73 -4.47
CA LEU A 87 3.29 -9.44 -4.63
C LEU A 87 3.50 -8.53 -5.84
N GLN A 88 2.51 -8.39 -6.67
CA GLN A 88 2.64 -7.49 -7.85
C GLN A 88 2.28 -6.08 -7.41
N LEU A 89 1.45 -5.97 -6.41
CA LEU A 89 1.05 -4.63 -5.91
C LEU A 89 1.68 -4.40 -4.53
N GLY A 90 2.30 -5.41 -3.97
CA GLY A 90 2.94 -5.25 -2.64
C GLY A 90 2.00 -4.51 -1.69
N LEU A 91 1.26 -5.22 -0.89
CA LEU A 91 0.33 -4.55 0.07
C LEU A 91 1.04 -4.38 1.42
N GLY A 92 0.76 -5.24 2.37
CA GLY A 92 1.45 -5.12 3.70
C GLY A 92 0.41 -5.11 4.82
N LYS A 93 0.77 -4.59 5.96
CA LYS A 93 -0.18 -4.54 7.11
C LYS A 93 -0.71 -3.12 7.26
N HIS A 94 -1.35 -2.60 6.25
CA HIS A 94 -1.90 -1.22 6.34
C HIS A 94 -3.30 -1.21 5.74
N ASN A 95 -3.84 -0.04 5.48
CA ASN A 95 -5.21 0.03 4.89
C ASN A 95 -5.24 1.06 3.76
N TYR A 96 -4.19 1.13 2.99
CA TYR A 96 -4.16 2.11 1.86
C TYR A 96 -5.12 1.64 0.77
N CYS A 97 -5.60 2.54 -0.05
CA CYS A 97 -6.53 2.13 -1.13
C CYS A 97 -5.73 1.74 -2.37
N ARG A 98 -5.59 0.46 -2.61
CA ARG A 98 -4.82 0.00 -3.80
C ARG A 98 -5.78 -0.44 -4.90
N ASN A 99 -5.28 -0.67 -6.08
CA ASN A 99 -6.16 -1.11 -7.20
C ASN A 99 -5.54 -2.33 -7.89
N PRO A 100 -5.39 -3.39 -7.13
CA PRO A 100 -4.79 -4.62 -7.64
C PRO A 100 -5.77 -5.37 -8.57
N ASP A 101 -6.90 -4.79 -8.87
CA ASP A 101 -7.86 -5.48 -9.77
C ASP A 101 -8.13 -4.60 -10.99
N ASN A 102 -7.23 -3.68 -11.27
CA ASN A 102 -7.41 -2.78 -12.44
C ASN A 102 -8.55 -1.80 -12.16
N ARG A 103 -9.77 -2.23 -12.35
CA ARG A 103 -10.94 -1.33 -12.10
C ARG A 103 -10.63 0.07 -12.64
N ARG A 104 -11.39 1.05 -12.24
CA ARG A 104 -11.14 2.44 -12.73
C ARG A 104 -10.85 3.36 -11.54
N ARG A 105 -11.04 2.88 -10.34
CA ARG A 105 -10.78 3.72 -9.15
C ARG A 105 -10.27 2.84 -8.00
N PRO A 106 -9.31 3.36 -7.27
CA PRO A 106 -8.73 2.63 -6.15
C PRO A 106 -9.84 2.10 -5.23
N TRP A 107 -9.67 0.92 -4.70
CA TRP A 107 -10.71 0.34 -3.80
C TRP A 107 -10.04 -0.49 -2.71
N CYS A 108 -10.68 -0.63 -1.57
CA CYS A 108 -10.07 -1.44 -0.47
C CYS A 108 -11.16 -2.27 0.20
N TYR A 109 -10.80 -3.41 0.73
CA TYR A 109 -11.81 -4.27 1.42
C TYR A 109 -12.36 -3.56 2.65
N VAL A 110 -13.39 -2.77 2.50
CA VAL A 110 -13.96 -2.07 3.68
C VAL A 110 -15.17 -2.85 4.20
N GLN A 111 -15.21 -3.14 5.46
CA GLN A 111 -16.35 -3.91 6.02
C GLN A 111 -17.67 -3.34 5.53
N VAL A 112 -18.47 -4.14 4.87
CA VAL A 112 -19.77 -3.64 4.36
C VAL A 112 -20.87 -3.99 5.37
N GLY A 113 -20.50 -4.20 6.59
CA GLY A 113 -21.51 -4.55 7.63
C GLY A 113 -21.35 -6.01 8.03
N LEU A 114 -20.93 -6.84 7.11
CA LEU A 114 -20.76 -8.27 7.45
C LEU A 114 -19.55 -8.87 6.69
N LYS A 115 -19.14 -8.27 5.60
CA LYS A 115 -17.96 -8.83 4.87
C LYS A 115 -17.18 -7.68 4.21
N PRO A 116 -15.87 -7.72 4.34
CA PRO A 116 -15.02 -6.69 3.76
C PRO A 116 -15.29 -6.56 2.25
N LEU A 117 -16.14 -5.64 1.87
CA LEU A 117 -16.42 -5.46 0.42
C LEU A 117 -15.49 -4.39 -0.14
N VAL A 118 -14.85 -4.65 -1.25
CA VAL A 118 -13.93 -3.63 -1.83
C VAL A 118 -14.74 -2.43 -2.32
N GLN A 119 -14.48 -1.26 -1.82
CA GLN A 119 -15.23 -0.07 -2.26
C GLN A 119 -14.27 0.91 -2.95
N GLU A 120 -14.64 1.43 -4.08
CA GLU A 120 -13.76 2.38 -4.80
C GLU A 120 -13.56 3.62 -3.93
N CYS A 121 -12.54 3.64 -3.12
CA CYS A 121 -12.29 4.81 -2.24
C CYS A 121 -12.58 6.11 -3.01
N MET A 122 -13.39 6.97 -2.45
CA MET A 122 -13.70 8.26 -3.16
C MET A 122 -12.64 9.30 -2.81
N VAL A 123 -12.05 9.91 -3.80
CA VAL A 123 -11.01 10.95 -3.52
C VAL A 123 -11.13 12.08 -4.54
N HIS A 124 -12.32 12.47 -4.86
CA HIS A 124 -12.49 13.57 -5.85
C HIS A 124 -12.89 14.86 -5.13
N ASP A 125 -13.21 15.89 -5.85
CA ASP A 125 -13.60 17.17 -5.20
C ASP A 125 -12.65 17.46 -4.03
N CYS A 126 -11.39 17.66 -4.30
CA CYS A 126 -10.43 17.94 -3.20
C CYS A 126 -11.00 19.03 -2.29
N ALA A 127 -10.43 19.21 -1.13
CA ALA A 127 -10.95 20.25 -0.20
C ALA A 127 -9.80 20.76 0.67
N ASP A 128 -8.71 21.17 0.06
CA ASP A 128 -7.57 21.69 0.86
C ASP A 128 -7.14 20.63 1.89
N GLY A 129 -7.13 19.38 1.49
CA GLY A 129 -6.72 18.31 2.44
C GLY A 129 -7.97 17.71 3.10
N LYS A 130 -8.48 18.34 4.12
CA LYS A 130 -9.69 17.81 4.79
C LYS A 130 -10.88 18.73 4.52
C1 FUC B . 13.57 23.38 -2.18
C2 FUC B . 12.54 24.50 -2.40
C3 FUC B . 11.28 24.18 -1.61
C4 FUC B . 11.66 24.02 -0.14
C5 FUC B . 12.70 22.91 -0.02
C6 FUC B . 13.15 22.68 1.41
O2 FUC B . 12.24 24.61 -3.78
O3 FUC B . 10.35 25.24 -1.75
O4 FUC B . 12.19 25.23 0.35
O5 FUC B . 13.87 23.25 -0.79
#